data_9MXH
#
_entry.id   9MXH
#
loop_
_entity.id
_entity.type
_entity.pdbx_description
1 polymer 'Major vault protein'
2 non-polymer NICOTINAMIDE-ADENINE-DINUCLEOTIDE
#
_entity_poly.entity_id   1
_entity_poly.type   'polypeptide(L)'
_entity_poly.pdbx_seq_one_letter_code
;MATEEFIIRIPPYHYIHVLDQNSNVSRVEVGPKTYIRQDNERVLFAPMRMVTVPPRHYCTVANPVSRDAQGLVLFDVTGQ
VRLRHADLEIRLAQDPFPLYPGEVLEKDITPLQVVLPNTALHLKALLDFEDKDGDKVVAGDEWLFEGPGTYIPRKEVEVV
EIIQATIIRQNQALRLRARKECWDRDGKERVTGEEWLVTTVGAYLPAVFEEVLDLVDAVILTEKTALHLRARRNFRDFRG
VSRRTGEEWLVTVQDTEAHVPDVHEEVLGVVPITTLGPHNYCVILDPVGPDGKNQLGQKRVVKGEKSFFLQPGEQLEQGI
QDVYVLSEQQGLLLRALQPLEEGEDEEKVSHQAGDHWLIRGPLEYVPSAKVEVVEERQAIPLDENEGIYVQDVKTGKVRA
VIGSTYMLTQDEVLWEKELPPGVEELLNKGQDPLADRGEKDTAKSLQPLAPRNKTRVVSYRVPHNAAVQVYDYREKRARV
VFGPELVSLGPEEQFTVLSLSAGRPKRPHARRALCLLLGPDFFTDVITIETADHARLQLQLAYNWHFEVNDRKDPQETAK
LFSVPDFVGDACKAIASRVRGAVASVTFDDFHKNSARIIRTAVFGFETSEAKGPDGMALPRPRDQAVFPQNGLVVSSVDV
QSVEPVDQRTRDALQRSVQLAIEITTNSQEAAAKHEAQRLEQEARGRLERQKILDQSEAEKARKELLELEALSMAVESTG
TAKAEAESRAEAARIEGEGSVLQAKLKAQALAIETEAELQRVQKVRELELVYARAQLELEVSKAQQLAEVEVKKFKQMTE
AIGPSTIRDLAVAGPEMQVKLLQSLGLKSTLITDGSTPINLFNTAFGLLGMGPEGQPLGRRVASGPSPGEGISPQSAQAP
QAPGDNHVVPVLR
;
_entity_poly.pdbx_strand_id   A,B
#
loop_
_chem_comp.id
_chem_comp.type
_chem_comp.name
_chem_comp.formula
NAD non-polymer NICOTINAMIDE-ADENINE-DINUCLEOTIDE 'C21 H27 N7 O14 P2'
#
# COMPACT_ATOMS: atom_id res chain seq x y z
N GLU A 5 0.71 -1.19 -25.50
CA GLU A 5 0.86 0.11 -26.15
C GLU A 5 1.42 -0.03 -27.55
N PHE A 6 2.48 -0.85 -27.69
CA PHE A 6 3.11 -1.03 -28.98
C PHE A 6 2.17 -1.68 -29.99
N ILE A 7 1.40 -2.68 -29.54
CA ILE A 7 0.51 -3.41 -30.42
C ILE A 7 -0.85 -2.73 -30.45
N ILE A 8 -1.30 -2.35 -31.64
CA ILE A 8 -2.58 -1.68 -31.83
C ILE A 8 -3.27 -2.27 -33.04
N ARG A 9 -4.24 -3.16 -32.83
CA ARG A 9 -5.08 -3.69 -33.91
C ARG A 9 -6.39 -2.92 -33.94
N ILE A 10 -6.58 -2.14 -35.00
CA ILE A 10 -7.78 -1.32 -35.13
C ILE A 10 -8.92 -2.19 -35.65
N PRO A 11 -10.14 -2.01 -35.15
CA PRO A 11 -11.26 -2.83 -35.60
C PRO A 11 -11.59 -2.56 -37.06
N PRO A 12 -12.35 -3.43 -37.70
CA PRO A 12 -12.75 -3.18 -39.09
C PRO A 12 -13.53 -1.88 -39.22
N TYR A 13 -13.28 -1.17 -40.31
CA TYR A 13 -13.87 0.15 -40.58
C TYR A 13 -13.53 1.13 -39.46
N HIS A 14 -12.23 1.39 -39.31
CA HIS A 14 -11.67 2.31 -38.32
C HIS A 14 -10.35 2.84 -38.84
N TYR A 15 -9.72 3.71 -38.06
CA TYR A 15 -8.36 4.17 -38.37
C TYR A 15 -7.71 4.70 -37.10
N ILE A 16 -6.40 4.90 -37.20
CA ILE A 16 -5.62 5.60 -36.18
C ILE A 16 -4.57 6.46 -36.87
N HIS A 17 -4.06 7.44 -36.14
CA HIS A 17 -2.98 8.29 -36.60
C HIS A 17 -1.75 8.06 -35.74
N VAL A 18 -0.62 7.79 -36.39
CA VAL A 18 0.66 7.58 -35.72
C VAL A 18 1.66 8.58 -36.28
N LEU A 19 2.34 9.30 -35.39
CA LEU A 19 3.26 10.36 -35.76
C LEU A 19 4.67 9.81 -35.89
N ASP A 20 5.32 10.09 -37.02
CA ASP A 20 6.72 9.73 -37.24
C ASP A 20 7.59 10.80 -36.60
N GLN A 21 8.03 10.55 -35.38
CA GLN A 21 8.79 11.56 -34.64
C GLN A 21 10.13 11.87 -35.29
N ASN A 22 10.66 10.96 -36.09
CA ASN A 22 11.90 11.24 -36.81
C ASN A 22 11.67 12.14 -38.02
N SER A 23 10.42 12.38 -38.41
CA SER A 23 10.12 13.25 -39.53
C SER A 23 9.01 14.25 -39.25
N ASN A 24 8.40 14.20 -38.06
CA ASN A 24 7.28 15.08 -37.70
C ASN A 24 6.16 14.97 -38.73
N VAL A 25 5.86 13.75 -39.15
CA VAL A 25 4.86 13.48 -40.19
C VAL A 25 3.82 12.54 -39.61
N SER A 26 2.54 12.92 -39.74
CA SER A 26 1.43 12.10 -39.29
C SER A 26 0.76 11.43 -40.46
N ARG A 27 0.21 10.24 -40.22
CA ARG A 27 -0.40 9.44 -41.26
C ARG A 27 -1.58 8.68 -40.66
N VAL A 28 -2.46 8.20 -41.54
CA VAL A 28 -3.65 7.45 -41.13
C VAL A 28 -3.59 6.08 -41.78
N GLU A 29 -4.00 5.06 -41.04
CA GLU A 29 -4.00 3.69 -41.50
C GLU A 29 -5.41 3.11 -41.39
N VAL A 30 -5.87 2.49 -42.46
CA VAL A 30 -7.25 1.99 -42.51
C VAL A 30 -7.25 0.50 -42.84
N GLY A 31 -8.43 -0.12 -42.77
CA GLY A 31 -8.58 -1.51 -43.08
C GLY A 31 -8.50 -2.38 -41.83
N PRO A 32 -9.26 -3.48 -41.82
CA PRO A 32 -9.24 -4.37 -40.66
C PRO A 32 -7.93 -5.12 -40.52
N LYS A 33 -6.88 -4.42 -40.09
CA LYS A 33 -5.54 -4.97 -40.01
C LYS A 33 -4.96 -4.72 -38.62
N THR A 34 -4.06 -5.61 -38.22
CA THR A 34 -3.30 -5.43 -36.99
C THR A 34 -2.06 -4.60 -37.26
N TYR A 35 -1.80 -3.63 -36.40
CA TYR A 35 -0.73 -2.67 -36.60
C TYR A 35 0.18 -2.64 -35.38
N ILE A 36 1.49 -2.58 -35.63
CA ILE A 36 2.50 -2.48 -34.59
C ILE A 36 3.30 -1.20 -34.83
N ARG A 37 3.41 -0.37 -33.80
CA ARG A 37 4.14 0.88 -33.93
C ARG A 37 5.63 0.66 -33.66
N GLN A 38 6.43 1.63 -34.09
CA GLN A 38 7.85 1.62 -33.83
C GLN A 38 8.15 2.40 -32.55
N ASP A 39 9.42 2.37 -32.13
CA ASP A 39 9.82 3.07 -30.92
C ASP A 39 9.69 4.58 -31.10
N ASN A 40 10.17 5.11 -32.23
CA ASN A 40 10.05 6.55 -32.49
C ASN A 40 8.60 6.94 -32.76
N GLU A 41 7.90 6.15 -33.56
CA GLU A 41 6.52 6.47 -33.92
C GLU A 41 5.61 6.34 -32.70
N ARG A 42 4.68 7.30 -32.57
CA ARG A 42 3.73 7.34 -31.47
C ARG A 42 2.33 7.56 -32.01
N VAL A 43 1.38 6.72 -31.56
CA VAL A 43 -0.02 6.92 -31.93
C VAL A 43 -0.57 8.10 -31.14
N LEU A 44 -1.49 8.86 -31.75
CA LEU A 44 -2.04 10.03 -31.10
C LEU A 44 -3.27 9.73 -30.24
N PHE A 45 -4.18 8.87 -30.72
CA PHE A 45 -5.36 8.50 -29.95
C PHE A 45 -5.81 7.10 -30.36
N ALA A 46 -6.71 6.53 -29.57
CA ALA A 46 -7.26 5.20 -29.81
C ALA A 46 -8.21 5.20 -31.01
N PRO A 47 -8.47 4.02 -31.60
CA PRO A 47 -9.31 3.98 -32.80
C PRO A 47 -10.71 4.54 -32.58
N MET A 48 -11.20 5.29 -33.56
CA MET A 48 -12.59 5.71 -33.62
C MET A 48 -13.09 5.48 -35.04
N ARG A 49 -14.39 5.22 -35.16
CA ARG A 49 -14.94 4.72 -36.42
C ARG A 49 -14.75 5.74 -37.54
N MET A 50 -14.37 5.23 -38.71
CA MET A 50 -14.23 6.07 -39.89
C MET A 50 -15.62 6.36 -40.46
N VAL A 51 -15.88 7.63 -40.77
CA VAL A 51 -17.25 8.12 -40.89
C VAL A 51 -17.78 7.85 -42.29
N THR A 52 -19.05 7.44 -42.37
CA THR A 52 -19.78 7.32 -43.62
C THR A 52 -21.03 8.17 -43.55
N VAL A 53 -21.41 8.73 -44.70
CA VAL A 53 -22.62 9.53 -44.82
C VAL A 53 -23.66 8.72 -45.59
N PRO A 54 -24.89 8.59 -45.08
CA PRO A 54 -25.89 7.77 -45.77
C PRO A 54 -26.44 8.48 -46.99
N PRO A 55 -27.26 7.80 -47.80
CA PRO A 55 -27.93 8.49 -48.90
C PRO A 55 -28.88 9.58 -48.39
N ARG A 56 -28.98 10.62 -49.23
CA ARG A 56 -29.74 11.89 -49.04
C ARG A 56 -29.21 12.72 -47.91
N HIS A 57 -27.95 12.52 -47.65
CA HIS A 57 -27.24 13.21 -46.59
C HIS A 57 -25.95 13.80 -47.15
N TYR A 58 -25.30 14.63 -46.34
CA TYR A 58 -24.02 15.22 -46.73
C TYR A 58 -23.29 15.66 -45.47
N CYS A 59 -21.99 15.92 -45.62
CA CYS A 59 -21.17 16.40 -44.52
C CYS A 59 -20.06 17.28 -45.08
N THR A 60 -19.56 18.17 -44.24
CA THR A 60 -18.51 19.12 -44.62
C THR A 60 -17.30 18.92 -43.73
N VAL A 61 -16.13 18.78 -44.33
CA VAL A 61 -14.86 18.67 -43.62
C VAL A 61 -13.96 19.79 -44.09
N ALA A 62 -13.43 20.56 -43.13
CA ALA A 62 -12.52 21.64 -43.46
C ALA A 62 -11.20 21.09 -43.99
N ASN A 63 -10.53 21.90 -44.81
CA ASN A 63 -9.24 21.56 -45.41
C ASN A 63 -9.35 20.28 -46.23
N PRO A 64 -10.02 20.32 -47.38
CA PRO A 64 -10.26 19.09 -48.15
C PRO A 64 -8.97 18.51 -48.72
N VAL A 65 -9.06 17.24 -49.08
CA VAL A 65 -7.91 16.51 -49.64
C VAL A 65 -7.63 17.00 -51.05
N SER A 66 -6.38 17.34 -51.31
CA SER A 66 -5.96 17.65 -52.67
C SER A 66 -5.73 16.35 -53.43
N ARG A 67 -6.41 16.21 -54.57
CA ARG A 67 -6.38 14.96 -55.33
C ARG A 67 -5.98 15.23 -56.77
N ASP A 68 -5.57 14.18 -57.45
CA ASP A 68 -5.13 14.27 -58.84
C ASP A 68 -6.30 14.07 -59.78
N ALA A 69 -6.02 13.89 -61.07
CA ALA A 69 -7.08 13.72 -62.05
C ALA A 69 -7.87 12.43 -61.85
N GLN A 70 -7.31 11.44 -61.15
CA GLN A 70 -7.98 10.18 -60.89
C GLN A 70 -8.52 10.07 -59.48
N GLY A 71 -8.48 11.16 -58.70
CA GLY A 71 -8.93 11.13 -57.33
C GLY A 71 -7.97 10.46 -56.35
N LEU A 72 -6.77 10.12 -56.79
CA LEU A 72 -5.78 9.54 -55.88
C LEU A 72 -5.14 10.63 -55.03
N VAL A 73 -5.02 10.35 -53.74
CA VAL A 73 -4.53 11.34 -52.78
C VAL A 73 -3.07 11.65 -53.09
N LEU A 74 -2.77 12.92 -53.33
CA LEU A 74 -1.40 13.36 -53.55
C LEU A 74 -0.68 13.51 -52.22
N PHE A 75 0.58 13.10 -52.20
CA PHE A 75 1.38 13.10 -50.99
C PHE A 75 2.56 14.07 -51.14
N ASP A 76 2.91 14.73 -50.05
CA ASP A 76 4.02 15.67 -50.07
C ASP A 76 5.35 14.93 -50.18
N VAL A 77 6.40 15.70 -50.49
CA VAL A 77 7.74 15.11 -50.59
C VAL A 77 8.17 14.52 -49.26
N THR A 78 7.87 15.23 -48.16
CA THR A 78 8.21 14.77 -46.82
C THR A 78 7.25 13.71 -46.29
N GLY A 79 6.37 13.17 -47.13
CA GLY A 79 5.41 12.18 -46.70
C GLY A 79 4.12 12.72 -46.14
N GLN A 80 3.90 14.03 -46.20
CA GLN A 80 2.66 14.61 -45.72
C GLN A 80 1.57 14.51 -46.79
N VAL A 81 0.33 14.71 -46.36
CA VAL A 81 -0.82 14.67 -47.26
C VAL A 81 -1.09 16.06 -47.81
N ARG A 82 -1.31 16.14 -49.12
CA ARG A 82 -1.58 17.41 -49.78
C ARG A 82 -3.01 17.84 -49.46
N LEU A 83 -3.15 18.98 -48.80
CA LEU A 83 -4.45 19.51 -48.39
C LEU A 83 -4.74 20.81 -49.14
N ARG A 84 -5.93 21.34 -48.90
CA ARG A 84 -6.35 22.65 -49.43
C ARG A 84 -6.77 23.49 -48.24
N HIS A 85 -5.87 24.38 -47.81
CA HIS A 85 -6.07 25.12 -46.56
C HIS A 85 -7.24 26.08 -46.67
N ALA A 86 -7.98 26.22 -45.57
CA ALA A 86 -9.06 27.20 -45.42
C ALA A 86 -10.17 27.00 -46.45
N ASP A 87 -10.42 25.76 -46.84
CA ASP A 87 -11.49 25.44 -47.78
C ASP A 87 -12.43 24.41 -47.17
N LEU A 88 -13.66 24.41 -47.69
CA LEU A 88 -14.69 23.45 -47.27
C LEU A 88 -15.16 22.66 -48.48
N GLU A 89 -15.47 21.38 -48.26
CA GLU A 89 -15.92 20.49 -49.31
C GLU A 89 -17.22 19.80 -48.90
N ILE A 90 -18.08 19.57 -49.88
CA ILE A 90 -19.35 18.88 -49.66
C ILE A 90 -19.20 17.44 -50.13
N ARG A 91 -19.42 16.50 -49.22
CA ARG A 91 -19.30 15.07 -49.51
C ARG A 91 -20.69 14.44 -49.46
N LEU A 92 -21.07 13.80 -50.57
CA LEU A 92 -22.36 13.12 -50.66
C LEU A 92 -22.18 11.63 -50.35
N ALA A 93 -23.24 10.86 -50.56
CA ALA A 93 -23.22 9.45 -50.16
C ALA A 93 -22.18 8.67 -50.94
N GLN A 94 -21.34 7.93 -50.22
CA GLN A 94 -20.31 7.09 -50.80
C GLN A 94 -19.78 6.17 -49.70
N ASP A 95 -18.66 5.50 -49.99
CA ASP A 95 -18.07 4.57 -49.04
C ASP A 95 -17.52 5.33 -47.83
N PRO A 96 -17.28 4.61 -46.72
CA PRO A 96 -16.82 5.30 -45.49
C PRO A 96 -15.39 5.79 -45.61
N PHE A 97 -15.20 6.99 -46.14
CA PHE A 97 -13.87 7.56 -46.26
C PHE A 97 -13.26 7.81 -44.88
N PRO A 98 -11.94 7.79 -44.76
CA PRO A 98 -11.29 8.15 -43.50
C PRO A 98 -10.96 9.64 -43.44
N LEU A 99 -10.77 10.12 -42.20
CA LEU A 99 -10.42 11.51 -41.95
C LEU A 99 -8.90 11.63 -41.88
N TYR A 100 -8.32 12.38 -42.80
CA TYR A 100 -6.88 12.50 -42.87
C TYR A 100 -6.38 13.48 -41.80
N PRO A 101 -5.10 13.39 -41.43
CA PRO A 101 -4.55 14.34 -40.45
C PRO A 101 -4.63 15.78 -40.97
N GLY A 102 -4.84 16.70 -40.04
CA GLY A 102 -4.98 18.10 -40.41
C GLY A 102 -6.35 18.49 -40.93
N GLU A 103 -7.37 17.68 -40.67
CA GLU A 103 -8.72 17.94 -41.12
C GLU A 103 -9.67 17.94 -39.94
N VAL A 104 -10.65 18.85 -39.99
CA VAL A 104 -11.61 19.04 -38.91
C VAL A 104 -13.00 18.78 -39.44
N LEU A 105 -13.76 17.93 -38.74
CA LEU A 105 -15.16 17.66 -39.09
C LEU A 105 -15.99 18.81 -38.52
N GLU A 106 -16.14 19.86 -39.33
CA GLU A 106 -16.85 21.05 -38.87
C GLU A 106 -18.34 20.80 -38.69
N LYS A 107 -18.98 20.16 -39.66
CA LYS A 107 -20.41 19.88 -39.61
C LYS A 107 -20.64 18.38 -39.67
N ASP A 108 -21.58 17.90 -38.86
CA ASP A 108 -21.84 16.47 -38.73
C ASP A 108 -22.66 15.98 -39.93
N ILE A 109 -23.18 14.76 -39.82
CA ILE A 109 -23.97 14.17 -40.90
C ILE A 109 -25.30 14.89 -40.96
N THR A 110 -25.56 15.59 -42.06
CA THR A 110 -26.77 16.39 -42.17
C THR A 110 -27.61 15.95 -43.37
N PRO A 111 -28.93 15.93 -43.24
CA PRO A 111 -29.77 15.48 -44.36
C PRO A 111 -29.87 16.53 -45.45
N LEU A 112 -30.15 16.06 -46.67
CA LEU A 112 -30.42 16.96 -47.77
C LEU A 112 -31.76 17.65 -47.56
N GLN A 113 -31.78 18.97 -47.73
CA GLN A 113 -33.02 19.72 -47.52
C GLN A 113 -33.97 19.50 -48.70
N VAL A 114 -35.23 19.22 -48.38
CA VAL A 114 -36.25 18.98 -49.39
C VAL A 114 -37.14 20.22 -49.46
N VAL A 115 -37.35 20.72 -50.68
CA VAL A 115 -38.15 21.92 -50.91
C VAL A 115 -39.59 21.51 -51.20
N LEU A 116 -40.52 22.03 -50.42
CA LEU A 116 -41.93 21.76 -50.63
C LEU A 116 -42.38 22.41 -51.94
N PRO A 117 -43.48 21.95 -52.54
CA PRO A 117 -43.97 22.62 -53.75
C PRO A 117 -44.55 23.99 -53.41
N ASN A 118 -44.56 24.87 -54.41
CA ASN A 118 -44.90 26.27 -54.22
C ASN A 118 -44.01 26.93 -53.18
N THR A 119 -42.72 26.59 -53.23
CA THR A 119 -41.73 27.12 -52.30
C THR A 119 -40.42 27.34 -53.06
N ALA A 120 -39.61 28.27 -52.58
CA ALA A 120 -38.35 28.62 -53.23
C ALA A 120 -37.28 28.88 -52.18
N LEU A 121 -36.03 28.68 -52.59
CA LEU A 121 -34.87 28.93 -51.75
C LEU A 121 -34.13 30.17 -52.22
N HIS A 122 -33.82 31.07 -51.28
CA HIS A 122 -33.06 32.27 -51.58
C HIS A 122 -31.59 32.00 -51.29
N LEU A 123 -30.74 32.09 -52.32
CA LEU A 123 -29.33 31.78 -52.19
C LEU A 123 -28.50 32.96 -52.67
N LYS A 124 -27.40 33.23 -51.96
CA LYS A 124 -26.47 34.28 -52.32
C LYS A 124 -25.11 33.67 -52.64
N ALA A 125 -24.52 34.10 -53.76
CA ALA A 125 -23.21 33.61 -54.17
C ALA A 125 -22.14 34.26 -53.31
N LEU A 126 -21.57 33.49 -52.37
CA LEU A 126 -20.56 34.03 -51.48
C LEU A 126 -19.30 34.45 -52.24
N LEU A 127 -18.78 33.56 -53.07
CA LEU A 127 -17.57 33.82 -53.84
C LEU A 127 -17.84 33.62 -55.31
N ASP A 128 -17.07 34.33 -56.13
CA ASP A 128 -17.21 34.20 -57.58
C ASP A 128 -16.87 32.79 -58.02
N PHE A 129 -17.72 32.21 -58.87
CA PHE A 129 -17.51 30.87 -59.37
C PHE A 129 -18.23 30.74 -60.71
N GLU A 130 -18.34 29.51 -61.20
CA GLU A 130 -19.00 29.22 -62.47
C GLU A 130 -19.97 28.06 -62.25
N ASP A 131 -21.26 28.34 -62.35
CA ASP A 131 -22.27 27.30 -62.17
C ASP A 131 -22.26 26.33 -63.36
N LYS A 132 -22.84 25.16 -63.13
CA LYS A 132 -22.87 24.13 -64.17
C LYS A 132 -23.67 24.57 -65.39
N ASP A 133 -24.55 25.56 -65.25
CA ASP A 133 -25.33 26.02 -66.40
C ASP A 133 -24.43 26.64 -67.47
N GLY A 134 -23.43 27.42 -67.07
CA GLY A 134 -22.54 28.05 -68.01
C GLY A 134 -22.45 29.55 -67.85
N ASP A 135 -22.83 30.06 -66.68
CA ASP A 135 -22.84 31.48 -66.40
C ASP A 135 -21.81 31.82 -65.34
N LYS A 136 -21.17 32.98 -65.51
CA LYS A 136 -20.20 33.48 -64.53
C LYS A 136 -20.95 34.08 -63.36
N VAL A 137 -21.10 33.30 -62.29
CA VAL A 137 -21.85 33.73 -61.12
C VAL A 137 -20.91 34.59 -60.27
N VAL A 138 -20.99 35.90 -60.44
CA VAL A 138 -20.16 36.82 -59.65
C VAL A 138 -20.63 36.81 -58.21
N ALA A 139 -19.69 37.07 -57.29
CA ALA A 139 -20.02 37.09 -55.88
C ALA A 139 -21.03 38.18 -55.57
N GLY A 140 -21.94 37.90 -54.64
CA GLY A 140 -23.01 38.80 -54.29
C GLY A 140 -24.29 38.62 -55.07
N ASP A 141 -24.29 37.77 -56.09
CA ASP A 141 -25.50 37.52 -56.86
C ASP A 141 -26.54 36.78 -56.02
N GLU A 142 -27.80 37.03 -56.35
CA GLU A 142 -28.93 36.42 -55.64
C GLU A 142 -29.54 35.31 -56.48
N TRP A 143 -29.90 34.22 -55.84
CA TRP A 143 -30.43 33.04 -56.51
C TRP A 143 -31.84 32.73 -56.04
N LEU A 144 -32.71 32.41 -56.98
CA LEU A 144 -34.07 31.94 -56.70
C LEU A 144 -34.20 30.52 -57.22
N PHE A 145 -34.04 29.54 -56.34
CA PHE A 145 -34.18 28.13 -56.68
C PHE A 145 -35.51 27.66 -56.10
N GLU A 146 -36.40 27.19 -56.98
CA GLU A 146 -37.74 26.76 -56.59
C GLU A 146 -38.01 25.36 -57.13
N GLY A 147 -39.13 24.79 -56.68
CA GLY A 147 -39.54 23.49 -57.12
C GLY A 147 -39.77 22.53 -55.97
N PRO A 148 -40.45 21.42 -56.24
CA PRO A 148 -40.67 20.39 -55.23
C PRO A 148 -39.49 19.45 -55.01
N GLY A 149 -38.34 19.72 -55.64
CA GLY A 149 -37.19 18.86 -55.53
C GLY A 149 -36.34 19.19 -54.32
N THR A 150 -35.14 18.59 -54.29
CA THR A 150 -34.19 18.78 -53.22
C THR A 150 -32.95 19.50 -53.75
N TYR A 151 -32.35 20.32 -52.89
CA TYR A 151 -31.19 21.14 -53.25
C TYR A 151 -29.93 20.53 -52.68
N ILE A 152 -28.95 20.27 -53.54
CA ILE A 152 -27.63 19.85 -53.11
C ILE A 152 -26.82 21.08 -52.70
N PRO A 153 -26.13 21.06 -51.57
CA PRO A 153 -25.46 22.25 -51.07
C PRO A 153 -24.20 22.57 -51.89
N ARG A 154 -23.54 23.66 -51.50
CA ARG A 154 -22.30 24.08 -52.13
C ARG A 154 -21.54 24.96 -51.16
N LYS A 155 -20.21 24.98 -51.32
CA LYS A 155 -19.36 25.74 -50.40
C LYS A 155 -19.49 27.24 -50.63
N GLU A 156 -19.46 27.66 -51.89
CA GLU A 156 -19.45 29.08 -52.24
C GLU A 156 -20.85 29.65 -52.47
N VAL A 157 -21.90 28.86 -52.24
CA VAL A 157 -23.28 29.34 -52.33
C VAL A 157 -23.91 29.19 -50.96
N GLU A 158 -24.44 30.29 -50.43
CA GLU A 158 -25.03 30.33 -49.10
C GLU A 158 -26.53 30.51 -49.21
N VAL A 159 -27.29 29.67 -48.50
CA VAL A 159 -28.73 29.84 -48.45
C VAL A 159 -29.07 31.02 -47.55
N VAL A 160 -29.91 31.92 -48.04
CA VAL A 160 -30.27 33.12 -47.31
C VAL A 160 -31.49 32.83 -46.44
N GLU A 161 -32.60 32.46 -47.08
CA GLU A 161 -33.83 32.15 -46.36
C GLU A 161 -34.71 31.29 -47.26
N ILE A 162 -35.71 30.67 -46.64
CA ILE A 162 -36.71 29.89 -47.35
C ILE A 162 -37.95 30.77 -47.53
N ILE A 163 -38.38 30.92 -48.78
CA ILE A 163 -39.49 31.81 -49.11
C ILE A 163 -40.63 31.00 -49.68
N GLN A 164 -41.85 31.47 -49.43
CA GLN A 164 -43.07 30.78 -49.81
C GLN A 164 -43.87 31.64 -50.77
N ALA A 165 -44.41 31.01 -51.81
CA ALA A 165 -45.22 31.73 -52.80
C ALA A 165 -46.54 32.18 -52.19
N THR A 166 -47.17 33.15 -52.85
CA THR A 166 -48.43 33.71 -52.41
C THR A 166 -49.54 33.33 -53.38
N ILE A 167 -50.67 32.90 -52.83
CA ILE A 167 -51.82 32.46 -53.63
C ILE A 167 -52.63 33.69 -54.01
N ILE A 168 -52.89 33.85 -55.30
CA ILE A 168 -53.71 34.94 -55.83
C ILE A 168 -55.00 34.29 -56.33
N ARG A 169 -56.13 34.64 -55.72
CA ARG A 169 -57.41 34.07 -56.10
C ARG A 169 -58.11 34.93 -57.15
N GLN A 170 -59.38 34.61 -57.41
CA GLN A 170 -60.15 35.35 -58.41
C GLN A 170 -60.41 36.78 -57.93
N ASN A 171 -60.39 37.71 -58.89
CA ASN A 171 -60.66 39.12 -58.62
C ASN A 171 -59.72 39.67 -57.54
N GLN A 172 -58.43 39.41 -57.70
CA GLN A 172 -57.43 39.86 -56.75
C GLN A 172 -56.15 40.24 -57.49
N ALA A 173 -55.31 41.01 -56.81
CA ALA A 173 -54.01 41.40 -57.34
C ALA A 173 -53.04 41.54 -56.18
N LEU A 174 -51.75 41.48 -56.48
CA LEU A 174 -50.69 41.54 -55.49
C LEU A 174 -49.81 42.75 -55.76
N ARG A 175 -49.48 43.48 -54.69
CA ARG A 175 -48.62 44.65 -54.78
C ARG A 175 -47.21 44.26 -54.36
N LEU A 176 -46.24 44.50 -55.23
CA LEU A 176 -44.85 44.16 -54.95
C LEU A 176 -43.96 45.26 -55.51
N ARG A 177 -43.08 45.80 -54.66
CA ARG A 177 -42.16 46.85 -55.07
C ARG A 177 -40.79 46.27 -55.40
N ALA A 178 -40.04 47.00 -56.22
CA ALA A 178 -38.72 46.60 -56.62
C ALA A 178 -37.69 47.05 -55.60
N ARG A 179 -36.88 46.11 -55.10
CA ARG A 179 -35.79 46.43 -54.19
C ARG A 179 -34.58 47.00 -54.90
N LYS A 180 -34.54 46.94 -56.23
CA LYS A 180 -33.39 47.34 -57.02
C LYS A 180 -33.83 47.41 -58.47
N GLU A 181 -33.12 48.22 -59.25
CA GLU A 181 -33.34 48.29 -60.70
C GLU A 181 -33.34 46.89 -61.29
N CYS A 182 -34.46 46.49 -61.87
CA CYS A 182 -34.67 45.11 -62.28
C CYS A 182 -35.71 45.07 -63.39
N TRP A 183 -36.16 43.87 -63.72
CA TRP A 183 -37.21 43.63 -64.71
C TRP A 183 -38.25 42.71 -64.09
N ASP A 184 -39.52 42.95 -64.42
CA ASP A 184 -40.60 42.11 -63.92
C ASP A 184 -40.77 40.90 -64.83
N ARG A 185 -41.71 40.02 -64.45
CA ARG A 185 -41.97 38.83 -65.26
C ARG A 185 -42.64 39.15 -66.58
N ASP A 186 -43.23 40.34 -66.71
CA ASP A 186 -43.83 40.76 -67.97
C ASP A 186 -42.83 41.39 -68.93
N GLY A 187 -41.62 41.69 -68.45
CA GLY A 187 -40.60 42.29 -69.31
C GLY A 187 -40.64 43.79 -69.33
N LYS A 188 -40.76 44.41 -68.15
CA LYS A 188 -40.80 45.87 -68.03
C LYS A 188 -39.82 46.31 -66.96
N GLU A 189 -39.06 47.36 -67.26
CA GLU A 189 -38.07 47.86 -66.33
C GLU A 189 -38.73 48.52 -65.14
N ARG A 190 -38.16 48.31 -63.95
CA ARG A 190 -38.68 48.87 -62.70
C ARG A 190 -37.54 49.50 -61.92
N VAL A 191 -37.71 50.78 -61.56
CA VAL A 191 -36.71 51.50 -60.78
C VAL A 191 -36.80 51.07 -59.32
N THR A 192 -35.80 51.44 -58.53
CA THR A 192 -35.82 51.14 -57.11
C THR A 192 -37.01 51.83 -56.44
N GLY A 193 -37.75 51.08 -55.63
CA GLY A 193 -38.91 51.60 -54.94
C GLY A 193 -40.17 51.69 -55.75
N GLU A 194 -40.12 51.43 -57.06
CA GLU A 194 -41.31 51.47 -57.89
C GLU A 194 -42.22 50.29 -57.55
N GLU A 195 -43.52 50.56 -57.53
CA GLU A 195 -44.52 49.54 -57.21
C GLU A 195 -45.43 49.31 -58.41
N TRP A 196 -45.95 48.09 -58.50
CA TRP A 196 -46.85 47.72 -59.59
C TRP A 196 -47.73 46.57 -59.10
N LEU A 197 -48.55 46.03 -59.99
CA LEU A 197 -49.51 45.00 -59.64
C LEU A 197 -49.38 43.82 -60.59
N VAL A 198 -49.70 42.63 -60.08
CA VAL A 198 -49.73 41.40 -60.86
C VAL A 198 -51.11 40.79 -60.73
N THR A 199 -51.70 40.41 -61.86
CA THR A 199 -53.08 39.91 -61.90
C THR A 199 -53.14 38.51 -62.48
N THR A 200 -52.24 37.63 -62.04
CA THR A 200 -52.25 36.24 -62.46
C THR A 200 -52.80 35.38 -61.33
N VAL A 201 -53.85 34.62 -61.63
CA VAL A 201 -54.54 33.83 -60.63
C VAL A 201 -53.72 32.61 -60.28
N GLY A 202 -53.71 32.23 -59.00
CA GLY A 202 -52.98 31.06 -58.55
C GLY A 202 -51.85 31.39 -57.61
N ALA A 203 -50.91 30.47 -57.46
CA ALA A 203 -49.74 30.69 -56.60
C ALA A 203 -48.71 31.52 -57.35
N TYR A 204 -48.35 32.66 -56.78
CA TYR A 204 -47.36 33.56 -57.37
C TYR A 204 -46.12 33.59 -56.50
N LEU A 205 -44.97 33.28 -57.10
CA LEU A 205 -43.71 33.23 -56.37
C LEU A 205 -43.02 34.58 -56.44
N PRO A 206 -42.77 35.24 -55.30
CA PRO A 206 -42.02 36.50 -55.34
C PRO A 206 -40.59 36.28 -55.79
N ALA A 207 -40.04 37.30 -56.46
CA ALA A 207 -38.65 37.24 -56.89
C ALA A 207 -37.73 37.68 -55.74
N VAL A 208 -36.43 37.68 -56.02
CA VAL A 208 -35.45 38.05 -55.00
C VAL A 208 -35.52 39.53 -54.68
N PHE A 209 -35.69 40.37 -55.71
CA PHE A 209 -35.67 41.81 -55.56
C PHE A 209 -37.06 42.44 -55.54
N GLU A 210 -38.11 41.64 -55.40
CA GLU A 210 -39.48 42.14 -55.42
C GLU A 210 -40.12 41.89 -54.05
N GLU A 211 -40.12 42.92 -53.20
CA GLU A 211 -40.73 42.83 -51.88
C GLU A 211 -42.25 42.80 -52.02
N VAL A 212 -42.86 41.71 -51.56
CA VAL A 212 -44.31 41.58 -51.61
C VAL A 212 -44.91 42.24 -50.37
N LEU A 213 -45.83 43.17 -50.58
CA LEU A 213 -46.40 43.96 -49.50
C LEU A 213 -47.77 43.43 -49.05
N ASP A 214 -48.74 43.39 -49.96
CA ASP A 214 -50.09 42.99 -49.58
C ASP A 214 -50.87 42.61 -50.83
N LEU A 215 -51.99 41.93 -50.59
CA LEU A 215 -52.90 41.55 -51.67
C LEU A 215 -53.94 42.65 -51.87
N VAL A 216 -54.29 42.88 -53.13
CA VAL A 216 -55.27 43.89 -53.50
C VAL A 216 -56.45 43.19 -54.16
N ASP A 217 -57.65 43.48 -53.68
CA ASP A 217 -58.87 42.87 -54.19
C ASP A 217 -59.70 43.89 -54.94
N ALA A 218 -60.33 43.44 -56.02
CA ALA A 218 -61.14 44.32 -56.85
C ALA A 218 -62.39 44.77 -56.12
N VAL A 219 -63.03 45.80 -56.66
CA VAL A 219 -64.24 46.38 -56.10
C VAL A 219 -65.40 46.07 -57.05
N ILE A 220 -66.45 45.46 -56.52
CA ILE A 220 -67.61 45.08 -57.33
C ILE A 220 -68.49 46.31 -57.52
N LEU A 221 -68.82 46.62 -58.77
CA LEU A 221 -69.59 47.82 -59.12
C LEU A 221 -71.00 47.39 -59.49
N THR A 222 -71.94 47.57 -58.56
CA THR A 222 -73.34 47.37 -58.86
C THR A 222 -73.92 48.59 -59.53
N GLU A 223 -75.12 48.44 -60.12
CA GLU A 223 -75.73 49.53 -60.86
C GLU A 223 -76.11 50.70 -59.97
N LYS A 224 -76.13 50.51 -58.66
CA LYS A 224 -76.43 51.57 -57.70
C LYS A 224 -75.19 52.18 -57.08
N THR A 225 -74.01 51.82 -57.58
CA THR A 225 -72.75 52.27 -56.99
C THR A 225 -71.75 52.60 -58.09
N ALA A 226 -70.80 53.46 -57.75
CA ALA A 226 -69.71 53.84 -58.65
C ALA A 226 -68.46 54.09 -57.82
N LEU A 227 -67.32 54.05 -58.48
CA LEU A 227 -66.02 54.18 -57.84
C LEU A 227 -65.43 55.55 -58.13
N HIS A 228 -64.99 56.24 -57.08
CA HIS A 228 -64.40 57.57 -57.18
C HIS A 228 -62.89 57.44 -57.07
N LEU A 229 -62.17 57.84 -58.13
CA LEU A 229 -60.72 57.65 -58.22
C LEU A 229 -60.03 58.96 -58.53
N ARG A 230 -58.98 59.26 -57.79
CA ARG A 230 -58.09 60.39 -58.07
C ARG A 230 -56.74 59.87 -58.50
N ALA A 231 -56.25 60.35 -59.64
CA ALA A 231 -54.96 59.90 -60.15
C ALA A 231 -53.83 60.36 -59.23
N ARG A 232 -52.84 59.48 -59.06
CA ARG A 232 -51.66 59.81 -58.27
C ARG A 232 -50.53 60.36 -59.12
N ARG A 233 -50.52 60.06 -60.42
CA ARG A 233 -49.54 60.58 -61.35
C ARG A 233 -50.09 60.38 -62.76
N ASN A 234 -49.35 60.87 -63.75
CA ASN A 234 -49.76 60.71 -65.13
C ASN A 234 -49.64 59.24 -65.53
N PHE A 235 -50.70 58.69 -66.10
CA PHE A 235 -50.72 57.29 -66.51
C PHE A 235 -51.86 57.07 -67.50
N ARG A 236 -52.10 55.81 -67.85
CA ARG A 236 -53.23 55.42 -68.68
C ARG A 236 -53.97 54.28 -68.00
N ASP A 237 -55.27 54.43 -67.84
CA ASP A 237 -56.08 53.45 -67.12
C ASP A 237 -56.45 52.29 -68.05
N PHE A 238 -57.36 51.42 -67.58
CA PHE A 238 -57.72 50.23 -68.35
C PHE A 238 -58.47 50.60 -69.62
N ARG A 239 -59.35 51.60 -69.57
CA ARG A 239 -60.07 52.00 -70.77
C ARG A 239 -59.16 52.58 -71.83
N GLY A 240 -58.01 53.11 -71.44
CA GLY A 240 -57.06 53.64 -72.40
C GLY A 240 -57.15 55.14 -72.61
N VAL A 241 -57.34 55.89 -71.53
CA VAL A 241 -57.37 57.35 -71.57
C VAL A 241 -56.34 57.88 -70.60
N SER A 242 -55.59 58.89 -71.03
CA SER A 242 -54.52 59.44 -70.20
C SER A 242 -55.09 60.26 -69.06
N ARG A 243 -54.33 60.35 -67.97
CA ARG A 243 -54.71 61.10 -66.78
C ARG A 243 -53.60 62.05 -66.38
N ARG A 244 -53.97 62.92 -65.45
CA ARG A 244 -53.09 63.91 -64.92
C ARG A 244 -53.11 63.79 -63.42
N THR A 245 -52.08 64.30 -62.78
CA THR A 245 -52.02 64.20 -61.32
C THR A 245 -53.14 65.02 -60.70
N GLY A 246 -53.78 64.47 -59.68
CA GLY A 246 -54.87 65.12 -58.98
C GLY A 246 -56.21 65.04 -59.67
N GLU A 247 -56.26 64.71 -60.96
CA GLU A 247 -57.52 64.60 -61.67
C GLU A 247 -58.36 63.46 -61.12
N GLU A 248 -59.66 63.69 -61.00
CA GLU A 248 -60.59 62.70 -60.47
C GLU A 248 -61.63 62.35 -61.52
N TRP A 249 -62.14 61.13 -61.44
CA TRP A 249 -63.16 60.65 -62.37
C TRP A 249 -63.94 59.53 -61.69
N LEU A 250 -64.92 58.99 -62.41
CA LEU A 250 -65.80 57.95 -61.90
C LEU A 250 -65.72 56.71 -62.79
N VAL A 251 -65.83 55.55 -62.17
CA VAL A 251 -65.89 54.27 -62.87
C VAL A 251 -67.21 53.61 -62.54
N THR A 252 -67.94 53.22 -63.58
CA THR A 252 -69.29 52.69 -63.45
C THR A 252 -69.36 51.27 -64.01
N VAL A 253 -70.55 50.66 -63.90
CA VAL A 253 -70.74 49.30 -64.38
C VAL A 253 -70.55 49.21 -65.88
N GLN A 254 -70.80 50.30 -66.61
CA GLN A 254 -70.62 50.30 -68.06
C GLN A 254 -69.16 50.14 -68.45
N ASP A 255 -68.22 50.31 -67.53
CA ASP A 255 -66.81 50.09 -67.80
C ASP A 255 -66.39 48.66 -67.44
N THR A 256 -66.54 48.30 -66.16
CA THR A 256 -66.18 46.98 -65.67
C THR A 256 -67.14 46.58 -64.57
N GLU A 257 -67.48 45.28 -64.53
CA GLU A 257 -68.25 44.76 -63.41
C GLU A 257 -67.46 44.86 -62.10
N ALA A 258 -66.16 44.57 -62.16
CA ALA A 258 -65.28 44.69 -61.01
C ALA A 258 -64.01 45.40 -61.45
N HIS A 259 -63.57 46.37 -60.66
CA HIS A 259 -62.38 47.16 -60.95
C HIS A 259 -61.41 47.04 -59.78
N VAL A 260 -60.15 46.76 -60.09
CA VAL A 260 -59.11 46.64 -59.08
C VAL A 260 -58.42 47.99 -58.92
N PRO A 261 -58.31 48.52 -57.69
CA PRO A 261 -57.66 49.82 -57.50
C PRO A 261 -56.19 49.81 -57.91
N ASP A 262 -55.88 50.54 -58.97
CA ASP A 262 -54.52 50.62 -59.47
C ASP A 262 -53.64 51.41 -58.50
N VAL A 263 -52.33 51.15 -58.56
CA VAL A 263 -51.39 51.90 -57.74
C VAL A 263 -51.34 53.37 -58.15
N HIS A 264 -51.53 53.66 -59.43
CA HIS A 264 -51.57 55.03 -59.93
C HIS A 264 -52.91 55.72 -59.66
N GLU A 265 -53.80 55.07 -58.91
CA GLU A 265 -55.11 55.61 -58.59
C GLU A 265 -55.31 55.59 -57.07
N GLU A 266 -56.21 56.45 -56.60
CA GLU A 266 -56.52 56.55 -55.18
C GLU A 266 -58.03 56.37 -54.99
N VAL A 267 -58.40 55.50 -54.05
CA VAL A 267 -59.80 55.24 -53.77
C VAL A 267 -60.30 56.31 -52.81
N LEU A 268 -61.18 57.18 -53.31
CA LEU A 268 -61.75 58.24 -52.49
C LEU A 268 -63.05 57.83 -51.81
N GLY A 269 -63.78 56.90 -52.39
CA GLY A 269 -65.01 56.41 -51.80
C GLY A 269 -65.94 55.88 -52.86
N VAL A 270 -66.95 55.15 -52.41
CA VAL A 270 -67.99 54.61 -53.29
C VAL A 270 -69.11 55.63 -53.39
N VAL A 271 -69.52 55.95 -54.60
CA VAL A 271 -70.51 56.99 -54.85
C VAL A 271 -71.86 56.29 -55.09
N PRO A 272 -72.81 56.39 -54.17
CA PRO A 272 -74.13 55.81 -54.43
C PRO A 272 -74.88 56.60 -55.49
N ILE A 273 -75.78 55.91 -56.19
CA ILE A 273 -76.56 56.55 -57.24
C ILE A 273 -77.58 57.49 -56.63
N THR A 274 -77.91 58.54 -57.37
CA THR A 274 -78.98 59.46 -57.01
C THR A 274 -80.13 59.23 -57.97
N THR A 275 -81.25 58.74 -57.45
CA THR A 275 -82.42 58.41 -58.26
C THR A 275 -83.58 59.33 -57.91
N LEU A 276 -84.22 59.87 -58.94
CA LEU A 276 -85.34 60.79 -58.80
C LEU A 276 -86.58 60.16 -59.37
N GLY A 277 -87.67 60.18 -58.60
CA GLY A 277 -88.95 59.74 -59.10
C GLY A 277 -89.56 60.77 -60.03
N PRO A 278 -90.68 60.39 -60.64
CA PRO A 278 -91.39 61.33 -61.53
C PRO A 278 -91.90 62.57 -60.80
N HIS A 279 -91.99 62.52 -59.47
CA HIS A 279 -92.47 63.64 -58.67
C HIS A 279 -91.33 64.33 -57.91
N ASN A 280 -90.12 64.26 -58.44
CA ASN A 280 -88.96 64.78 -57.73
C ASN A 280 -88.09 65.61 -58.67
N TYR A 281 -87.35 66.54 -58.09
CA TYR A 281 -86.38 67.34 -58.81
C TYR A 281 -85.24 67.70 -57.87
N CYS A 282 -84.13 68.14 -58.44
CA CYS A 282 -82.96 68.50 -57.65
C CYS A 282 -82.14 69.54 -58.41
N VAL A 283 -81.27 70.23 -57.66
CA VAL A 283 -80.38 71.24 -58.20
C VAL A 283 -78.95 70.80 -57.96
N ILE A 284 -78.15 70.78 -59.03
CA ILE A 284 -76.77 70.30 -58.96
C ILE A 284 -75.85 71.51 -58.89
N LEU A 285 -75.16 71.66 -57.76
CA LEU A 285 -74.18 72.72 -57.60
C LEU A 285 -72.92 72.38 -58.41
N ASP A 286 -72.44 73.36 -59.18
CA ASP A 286 -71.23 73.22 -59.99
C ASP A 286 -71.36 72.04 -60.96
N PRO A 287 -72.26 72.10 -61.93
CA PRO A 287 -72.41 70.97 -62.86
C PRO A 287 -71.20 70.86 -63.79
N VAL A 288 -70.98 69.65 -64.27
CA VAL A 288 -69.89 69.37 -65.21
C VAL A 288 -70.36 69.75 -66.61
N GLY A 289 -69.60 70.62 -67.27
CA GLY A 289 -69.95 71.10 -68.57
C GLY A 289 -69.47 70.19 -69.69
N PRO A 290 -69.61 70.64 -70.93
CA PRO A 290 -69.14 69.84 -72.07
C PRO A 290 -67.64 69.55 -72.04
N ASP A 291 -66.85 70.44 -71.43
CA ASP A 291 -65.41 70.27 -71.39
C ASP A 291 -64.94 69.35 -70.27
N GLY A 292 -65.85 68.85 -69.45
CA GLY A 292 -65.49 67.98 -68.35
C GLY A 292 -65.02 68.69 -67.10
N LYS A 293 -65.06 70.01 -67.09
CA LYS A 293 -64.67 70.77 -65.93
C LYS A 293 -65.91 71.31 -65.27
N ASN A 294 -65.88 71.45 -63.96
CA ASN A 294 -67.02 71.97 -63.22
C ASN A 294 -67.25 73.43 -63.55
N GLN A 295 -68.51 73.78 -63.79
CA GLN A 295 -68.92 75.17 -63.98
C GLN A 295 -69.19 75.75 -62.59
N LEU A 296 -68.13 76.27 -61.96
CA LEU A 296 -68.23 76.76 -60.60
C LEU A 296 -69.16 77.98 -60.53
N GLY A 297 -70.00 78.01 -59.50
CA GLY A 297 -70.94 79.09 -59.30
C GLY A 297 -72.32 78.84 -59.89
N GLN A 298 -72.39 78.25 -61.07
CA GLN A 298 -73.67 78.00 -61.73
C GLN A 298 -74.39 76.83 -61.07
N LYS A 299 -75.61 76.56 -61.56
CA LYS A 299 -76.43 75.47 -61.06
C LYS A 299 -77.20 74.85 -62.21
N ARG A 300 -77.58 73.59 -62.04
CA ARG A 300 -78.37 72.88 -63.02
C ARG A 300 -79.55 72.23 -62.33
N VAL A 301 -80.73 72.32 -62.95
CA VAL A 301 -81.96 71.76 -62.39
C VAL A 301 -82.29 70.48 -63.16
N VAL A 302 -82.43 69.39 -62.41
CA VAL A 302 -82.75 68.08 -62.98
C VAL A 302 -84.13 67.66 -62.48
N LYS A 303 -85.00 67.28 -63.41
CA LYS A 303 -86.38 66.94 -63.10
C LYS A 303 -86.77 65.64 -63.79
N GLY A 304 -87.74 64.96 -63.20
CA GLY A 304 -88.30 63.76 -63.80
C GLY A 304 -87.70 62.48 -63.25
N GLU A 305 -88.05 61.39 -63.90
CA GLU A 305 -87.53 60.07 -63.55
C GLU A 305 -86.13 59.95 -64.15
N LYS A 306 -85.10 60.15 -63.33
CA LYS A 306 -83.73 60.10 -63.80
C LYS A 306 -82.85 59.54 -62.70
N SER A 307 -81.85 58.77 -63.11
CA SER A 307 -80.85 58.21 -62.20
C SER A 307 -79.47 58.59 -62.70
N PHE A 308 -78.63 59.09 -61.78
CA PHE A 308 -77.32 59.59 -62.17
C PHE A 308 -76.41 59.57 -60.94
N PHE A 309 -75.12 59.71 -61.20
CA PHE A 309 -74.11 59.78 -60.15
C PHE A 309 -73.59 61.21 -60.03
N LEU A 310 -73.40 61.66 -58.80
CA LEU A 310 -72.84 62.98 -58.54
C LEU A 310 -71.36 62.94 -58.90
N GLN A 311 -71.02 63.49 -60.06
CA GLN A 311 -69.64 63.51 -60.51
C GLN A 311 -68.78 64.34 -59.57
N PRO A 312 -67.47 64.08 -59.53
CA PRO A 312 -66.60 64.80 -58.58
C PRO A 312 -66.69 66.30 -58.77
N GLY A 313 -66.99 67.00 -57.68
CA GLY A 313 -67.21 68.42 -57.73
C GLY A 313 -68.67 68.80 -57.61
N GLU A 314 -69.54 68.01 -58.25
CA GLU A 314 -70.97 68.28 -58.22
C GLU A 314 -71.54 67.99 -56.83
N GLN A 315 -72.64 68.67 -56.51
CA GLN A 315 -73.26 68.58 -55.20
C GLN A 315 -74.71 69.05 -55.30
N LEU A 316 -75.58 68.43 -54.53
CA LEU A 316 -76.97 68.82 -54.49
C LEU A 316 -77.15 70.05 -53.60
N GLU A 317 -77.96 71.01 -54.07
CA GLU A 317 -78.16 72.24 -53.34
C GLU A 317 -78.83 71.98 -51.99
N GLN A 318 -79.88 71.16 -51.98
CA GLN A 318 -80.59 70.83 -50.76
C GLN A 318 -80.98 69.37 -50.66
N GLY A 319 -80.72 68.57 -51.69
CA GLY A 319 -81.09 67.17 -51.70
C GLY A 319 -82.14 66.88 -52.76
N ILE A 320 -82.90 65.82 -52.50
CA ILE A 320 -83.99 65.44 -53.38
C ILE A 320 -85.24 66.20 -52.97
N GLN A 321 -85.81 66.96 -53.90
CA GLN A 321 -86.95 67.81 -53.64
C GLN A 321 -88.12 67.38 -54.52
N ASP A 322 -89.33 67.63 -54.03
CA ASP A 322 -90.55 67.28 -54.74
C ASP A 322 -91.10 68.49 -55.48
N VAL A 323 -91.58 68.26 -56.70
CA VAL A 323 -92.09 69.36 -57.52
C VAL A 323 -93.38 69.91 -56.92
N TYR A 324 -93.72 71.13 -57.33
CA TYR A 324 -94.95 71.79 -56.91
C TYR A 324 -96.09 71.37 -57.83
N VAL A 325 -97.00 70.56 -57.31
CA VAL A 325 -98.23 70.20 -58.01
C VAL A 325 -99.36 71.00 -57.38
N LEU A 326 -100.07 71.77 -58.21
CA LEU A 326 -101.06 72.71 -57.74
C LEU A 326 -102.41 72.42 -58.38
N SER A 327 -103.47 72.63 -57.61
CA SER A 327 -104.83 72.58 -58.11
C SER A 327 -105.25 73.96 -58.58
N GLU A 328 -106.51 74.10 -58.99
CA GLU A 328 -107.01 75.41 -59.39
C GLU A 328 -107.36 76.29 -58.20
N GLN A 329 -107.41 75.73 -56.99
CA GLN A 329 -107.58 76.50 -55.77
C GLN A 329 -106.26 76.88 -55.13
N GLN A 330 -105.14 76.58 -55.79
CA GLN A 330 -103.82 76.86 -55.26
C GLN A 330 -103.04 77.70 -56.26
N GLY A 331 -102.05 78.43 -55.76
CA GLY A 331 -101.24 79.29 -56.60
C GLY A 331 -99.91 79.57 -55.97
N LEU A 332 -98.97 80.02 -56.82
CA LEU A 332 -97.60 80.31 -56.41
C LEU A 332 -97.24 81.72 -56.81
N LEU A 333 -96.86 82.53 -55.84
CA LEU A 333 -96.26 83.84 -56.10
C LEU A 333 -94.74 83.68 -56.10
N LEU A 334 -94.10 84.11 -57.18
CA LEU A 334 -92.68 83.87 -57.36
C LEU A 334 -92.09 84.97 -58.21
N ARG A 335 -90.88 85.39 -57.85
CA ARG A 335 -90.21 86.51 -58.49
C ARG A 335 -89.01 86.02 -59.29
N ALA A 336 -88.73 86.72 -60.38
CA ALA A 336 -87.56 86.44 -61.19
C ALA A 336 -86.31 87.01 -60.52
N LEU A 337 -85.16 86.46 -60.92
CA LEU A 337 -83.87 86.97 -60.48
C LEU A 337 -82.96 87.37 -61.63
N GLN A 338 -83.29 86.99 -62.85
CA GLN A 338 -82.59 87.39 -64.06
C GLN A 338 -83.61 87.48 -65.17
N PRO A 339 -83.32 88.27 -66.22
CA PRO A 339 -84.21 88.29 -67.39
C PRO A 339 -84.29 86.90 -68.02
N LEU A 340 -85.50 86.34 -68.04
CA LEU A 340 -85.70 84.96 -68.45
C LEU A 340 -86.81 84.86 -69.49
N GLU A 341 -86.70 83.85 -70.34
CA GLU A 341 -87.71 83.52 -71.32
C GLU A 341 -88.16 82.08 -71.12
N GLU A 342 -89.47 81.85 -71.17
CA GLU A 342 -90.02 80.53 -70.96
C GLU A 342 -91.22 80.35 -71.88
N GLY A 343 -91.06 79.53 -72.91
CA GLY A 343 -92.14 79.26 -73.84
C GLY A 343 -92.95 78.03 -73.49
N GLU A 344 -93.63 78.06 -72.35
CA GLU A 344 -94.48 76.93 -71.97
C GLU A 344 -95.60 76.73 -72.98
N ASP A 345 -96.25 77.81 -73.39
CA ASP A 345 -97.25 77.77 -74.43
C ASP A 345 -96.62 78.18 -75.76
N GLU A 346 -97.45 78.38 -76.79
CA GLU A 346 -96.93 78.79 -78.09
C GLU A 346 -96.26 80.15 -78.01
N GLU A 347 -96.86 81.08 -77.28
CA GLU A 347 -96.27 82.41 -77.12
C GLU A 347 -95.14 82.37 -76.10
N LYS A 348 -94.35 83.44 -76.08
CA LYS A 348 -93.22 83.59 -75.17
C LYS A 348 -93.50 84.71 -74.19
N VAL A 349 -93.32 84.44 -72.90
CA VAL A 349 -93.53 85.42 -71.84
C VAL A 349 -92.16 85.81 -71.30
N SER A 350 -91.92 87.12 -71.21
CA SER A 350 -90.65 87.65 -70.76
C SER A 350 -90.83 88.36 -69.42
N HIS A 351 -89.85 88.21 -68.54
CA HIS A 351 -89.89 88.82 -67.22
C HIS A 351 -88.58 89.53 -66.95
N GLN A 352 -88.66 90.66 -66.25
CA GLN A 352 -87.47 91.40 -65.88
C GLN A 352 -86.92 90.86 -64.56
N ALA A 353 -85.79 91.43 -64.12
CA ALA A 353 -85.06 90.89 -62.98
C ALA A 353 -85.79 91.03 -61.65
N GLY A 354 -86.87 91.81 -61.59
CA GLY A 354 -87.60 91.97 -60.36
C GLY A 354 -89.08 91.69 -60.47
N ASP A 355 -89.50 91.24 -61.65
CA ASP A 355 -90.92 91.05 -61.92
C ASP A 355 -91.49 89.90 -61.10
N HIS A 356 -92.54 90.18 -60.34
CA HIS A 356 -93.34 89.15 -59.70
C HIS A 356 -94.47 88.72 -60.63
N TRP A 357 -94.84 87.45 -60.54
CA TRP A 357 -96.03 86.98 -61.22
C TRP A 357 -96.53 85.72 -60.52
N LEU A 358 -97.79 85.39 -60.80
CA LEU A 358 -98.50 84.32 -60.10
C LEU A 358 -98.66 83.12 -61.01
N ILE A 359 -98.31 81.94 -60.50
CA ILE A 359 -98.53 80.67 -61.19
C ILE A 359 -99.74 80.02 -60.54
N ARG A 360 -100.73 79.66 -61.37
CA ARG A 360 -101.99 79.10 -60.87
C ARG A 360 -102.49 78.04 -61.84
N GLY A 361 -103.37 77.19 -61.33
CA GLY A 361 -104.07 76.23 -62.16
C GLY A 361 -103.64 74.80 -61.87
N PRO A 362 -104.36 73.85 -62.45
CA PRO A 362 -103.94 72.44 -62.32
C PRO A 362 -102.71 72.17 -63.18
N LEU A 363 -101.56 72.06 -62.53
CA LEU A 363 -100.29 71.88 -63.23
C LEU A 363 -99.21 71.54 -62.22
N GLU A 364 -98.15 70.91 -62.71
CA GLU A 364 -96.97 70.60 -61.93
C GLU A 364 -95.88 71.60 -62.27
N TYR A 365 -95.34 72.27 -61.26
CA TYR A 365 -94.35 73.31 -61.45
C TYR A 365 -93.05 72.91 -60.76
N VAL A 366 -91.94 73.08 -61.46
CA VAL A 366 -90.60 72.88 -60.92
C VAL A 366 -89.88 74.23 -60.97
N PRO A 367 -89.38 74.74 -59.85
CA PRO A 367 -88.72 76.05 -59.87
C PRO A 367 -87.50 76.06 -60.77
N SER A 368 -87.35 77.15 -61.52
CA SER A 368 -86.19 77.32 -62.39
C SER A 368 -85.00 77.85 -61.58
N ALA A 369 -83.84 77.87 -62.24
CA ALA A 369 -82.64 78.39 -61.58
C ALA A 369 -82.74 79.89 -61.34
N LYS A 370 -83.38 80.62 -62.24
CA LYS A 370 -83.50 82.07 -62.14
C LYS A 370 -84.78 82.53 -61.46
N VAL A 371 -85.60 81.61 -60.96
CA VAL A 371 -86.89 81.93 -60.37
C VAL A 371 -86.87 81.53 -58.91
N GLU A 372 -87.29 82.44 -58.04
CA GLU A 372 -87.40 82.20 -56.61
C GLU A 372 -88.86 82.22 -56.20
N VAL A 373 -89.28 81.22 -55.43
CA VAL A 373 -90.66 81.14 -54.98
C VAL A 373 -90.84 82.00 -53.75
N VAL A 374 -91.81 82.90 -53.80
CA VAL A 374 -92.05 83.86 -52.71
C VAL A 374 -93.13 83.36 -51.76
N GLU A 375 -94.27 82.93 -52.29
CA GLU A 375 -95.41 82.62 -51.43
C GLU A 375 -96.37 81.69 -52.18
N GLU A 376 -96.99 80.80 -51.42
CA GLU A 376 -98.07 79.95 -51.93
C GLU A 376 -99.40 80.61 -51.62
N ARG A 377 -100.30 80.63 -52.61
CA ARG A 377 -101.59 81.28 -52.47
C ARG A 377 -102.71 80.26 -52.56
N GLN A 378 -103.78 80.53 -51.80
CA GLN A 378 -105.00 79.74 -51.85
C GLN A 378 -106.17 80.66 -52.16
N ALA A 379 -107.06 80.20 -53.06
CA ALA A 379 -108.22 80.99 -53.42
C ALA A 379 -109.15 81.14 -52.21
N ILE A 380 -109.85 82.27 -52.15
CA ILE A 380 -110.76 82.56 -51.05
C ILE A 380 -112.18 82.24 -51.51
N PRO A 381 -112.84 81.23 -50.94
CA PRO A 381 -114.20 80.90 -51.37
C PRO A 381 -115.22 81.92 -50.89
N LEU A 382 -115.85 82.62 -51.84
CA LEU A 382 -116.80 83.67 -51.53
C LEU A 382 -118.16 83.32 -52.14
N ASP A 383 -119.19 83.33 -51.31
CA ASP A 383 -120.55 83.21 -51.80
C ASP A 383 -120.98 84.52 -52.47
N GLU A 384 -122.06 84.45 -53.25
CA GLU A 384 -122.62 85.67 -53.82
C GLU A 384 -123.07 86.61 -52.70
N ASN A 385 -122.91 87.92 -52.94
CA ASN A 385 -123.18 88.96 -51.94
C ASN A 385 -122.18 88.89 -50.78
N GLU A 386 -121.02 88.30 -51.02
CA GLU A 386 -119.89 88.33 -50.10
C GLU A 386 -118.65 88.78 -50.85
N GLY A 387 -117.70 89.34 -50.12
CA GLY A 387 -116.52 89.86 -50.79
C GLY A 387 -115.42 90.25 -49.82
N ILE A 388 -114.31 90.71 -50.39
CA ILE A 388 -113.14 91.14 -49.66
C ILE A 388 -112.66 92.48 -50.22
N TYR A 389 -111.82 93.16 -49.45
CA TYR A 389 -111.22 94.42 -49.84
C TYR A 389 -109.77 94.15 -50.24
N VAL A 390 -109.48 94.28 -51.52
CA VAL A 390 -108.14 94.04 -52.05
C VAL A 390 -107.54 95.36 -52.51
N GLN A 391 -106.29 95.60 -52.13
CA GLN A 391 -105.58 96.83 -52.45
C GLN A 391 -104.50 96.51 -53.47
N ASP A 392 -104.62 97.10 -54.66
CA ASP A 392 -103.61 96.94 -55.69
C ASP A 392 -102.40 97.80 -55.35
N VAL A 393 -101.44 97.23 -54.62
CA VAL A 393 -100.33 98.01 -54.06
C VAL A 393 -99.50 98.69 -55.13
N LYS A 394 -99.54 98.21 -56.38
CA LYS A 394 -98.81 98.88 -57.44
C LYS A 394 -99.35 100.28 -57.68
N THR A 395 -100.67 100.45 -57.65
CA THR A 395 -101.30 101.75 -57.81
C THR A 395 -102.01 102.25 -56.56
N GLY A 396 -102.31 101.36 -55.60
CA GLY A 396 -102.94 101.75 -54.36
C GLY A 396 -104.45 101.72 -54.37
N LYS A 397 -105.08 101.49 -55.52
CA LYS A 397 -106.53 101.55 -55.64
C LYS A 397 -107.14 100.36 -54.91
N VAL A 398 -107.65 100.60 -53.71
CA VAL A 398 -108.33 99.56 -52.95
C VAL A 398 -109.78 99.48 -53.41
N ARG A 399 -110.25 98.26 -53.68
CA ARG A 399 -111.61 98.04 -54.16
C ARG A 399 -112.17 96.80 -53.47
N ALA A 400 -113.44 96.51 -53.76
CA ALA A 400 -114.12 95.34 -53.21
C ALA A 400 -114.50 94.41 -54.36
N VAL A 401 -114.07 93.16 -54.28
CA VAL A 401 -114.45 92.13 -55.22
C VAL A 401 -115.50 91.25 -54.57
N ILE A 402 -116.66 91.13 -55.22
CA ILE A 402 -117.82 90.47 -54.64
C ILE A 402 -118.37 89.49 -55.69
N GLY A 403 -118.67 88.27 -55.24
CA GLY A 403 -119.24 87.27 -56.13
C GLY A 403 -118.49 85.95 -56.11
N SER A 404 -117.90 85.60 -57.26
CA SER A 404 -117.21 84.32 -57.38
C SER A 404 -115.99 84.26 -56.47
N THR A 405 -115.40 83.07 -56.38
CA THR A 405 -114.18 82.90 -55.62
C THR A 405 -113.05 83.68 -56.27
N TYR A 406 -112.11 84.14 -55.46
CA TYR A 406 -111.08 85.07 -55.93
C TYR A 406 -109.72 84.61 -55.46
N MET A 407 -108.73 84.73 -56.35
CA MET A 407 -107.32 84.56 -56.02
C MET A 407 -106.63 85.91 -56.15
N LEU A 408 -106.08 86.41 -55.05
CA LEU A 408 -105.33 87.66 -55.06
C LEU A 408 -104.16 87.56 -56.04
N THR A 409 -104.19 88.36 -57.10
CA THR A 409 -103.15 88.31 -58.10
C THR A 409 -101.87 88.97 -57.59
N GLN A 410 -100.90 89.12 -58.49
CA GLN A 410 -99.68 89.81 -58.14
C GLN A 410 -99.95 91.28 -57.85
N ASP A 411 -99.15 91.86 -56.97
CA ASP A 411 -99.28 93.25 -56.55
C ASP A 411 -100.66 93.53 -55.95
N GLU A 412 -101.18 92.60 -55.16
CA GLU A 412 -102.44 92.78 -54.46
C GLU A 412 -102.32 92.23 -53.05
N VAL A 413 -103.08 92.83 -52.12
CA VAL A 413 -103.07 92.43 -50.73
C VAL A 413 -104.43 92.76 -50.12
N LEU A 414 -104.78 92.02 -49.08
CA LEU A 414 -106.05 92.25 -48.40
C LEU A 414 -105.99 93.56 -47.63
N TRP A 415 -107.03 94.38 -47.78
CA TRP A 415 -107.10 95.69 -47.15
C TRP A 415 -108.14 95.67 -46.04
N GLU A 416 -107.79 96.27 -44.91
CA GLU A 416 -108.66 96.31 -43.74
C GLU A 416 -109.51 97.58 -43.77
N LYS A 417 -110.81 97.41 -43.53
CA LYS A 417 -111.73 98.53 -43.42
C LYS A 417 -112.11 98.72 -41.96
N GLU A 418 -111.55 99.75 -41.33
CA GLU A 418 -111.88 100.07 -39.95
C GLU A 418 -113.19 100.84 -39.89
N LEU A 419 -113.96 100.60 -38.84
CA LEU A 419 -115.28 101.20 -38.70
C LEU A 419 -115.29 102.22 -37.57
N PRO A 420 -116.17 103.22 -37.64
CA PRO A 420 -116.26 104.18 -36.57
C PRO A 420 -116.67 103.50 -35.28
N PRO A 421 -116.23 104.04 -34.13
CA PRO A 421 -116.58 103.41 -32.85
C PRO A 421 -118.09 103.36 -32.66
N GLY A 422 -118.58 102.21 -32.20
CA GLY A 422 -119.99 101.97 -32.00
C GLY A 422 -120.72 101.39 -33.21
N VAL A 423 -120.16 101.53 -34.40
CA VAL A 423 -120.78 100.92 -35.59
C VAL A 423 -120.66 99.40 -35.54
N GLU A 424 -119.49 98.91 -35.10
CA GLU A 424 -119.31 97.47 -34.96
C GLU A 424 -120.29 96.88 -33.95
N GLU A 425 -120.54 97.61 -32.85
CA GLU A 425 -121.51 97.17 -31.86
C GLU A 425 -122.91 97.07 -32.45
N LEU A 426 -123.31 98.06 -33.24
CA LEU A 426 -124.62 98.00 -33.88
C LEU A 426 -124.70 96.88 -34.90
N LEU A 427 -123.58 96.59 -35.57
CA LEU A 427 -123.59 95.54 -36.58
C LEU A 427 -123.68 94.15 -35.97
N ASN A 428 -122.89 93.89 -34.92
CA ASN A 428 -122.86 92.55 -34.36
C ASN A 428 -123.95 92.33 -33.32
N LYS A 429 -124.10 93.24 -32.37
CA LYS A 429 -125.15 93.11 -31.36
C LYS A 429 -126.53 93.18 -32.00
N GLY A 430 -126.75 94.13 -32.89
CA GLY A 430 -128.04 94.30 -33.52
C GLY A 430 -128.17 93.58 -34.85
N GLN A 431 -128.77 92.38 -34.83
CA GLN A 431 -129.10 91.66 -36.05
C GLN A 431 -130.50 91.95 -36.55
N ASP A 432 -131.43 92.25 -35.65
CA ASP A 432 -132.80 92.60 -36.02
C ASP A 432 -133.26 93.79 -35.19
N PRO A 433 -133.32 94.99 -35.77
CA PRO A 433 -133.81 96.15 -35.02
C PRO A 433 -135.19 95.97 -34.44
N LEU A 434 -136.08 95.24 -35.12
CA LEU A 434 -137.40 94.96 -34.56
C LEU A 434 -137.30 94.15 -33.28
N ALA A 435 -136.19 93.42 -33.11
CA ALA A 435 -135.92 92.72 -31.87
C ALA A 435 -134.84 93.41 -31.02
N ASP A 436 -134.11 94.36 -31.61
CA ASP A 436 -133.03 95.01 -30.87
C ASP A 436 -133.58 96.05 -29.89
N ARG A 437 -134.66 96.74 -30.26
CA ARG A 437 -135.16 97.84 -29.44
C ARG A 437 -135.69 97.33 -28.10
N GLY A 438 -136.54 96.31 -28.13
CA GLY A 438 -137.13 95.79 -26.92
C GLY A 438 -136.53 94.48 -26.47
N GLU A 439 -136.03 94.44 -25.24
CA GLU A 439 -135.42 93.24 -24.68
C GLU A 439 -135.42 93.31 -23.16
N LEU A 449 -117.66 89.97 -28.67
CA LEU A 449 -117.80 88.64 -29.25
C LEU A 449 -116.61 88.30 -30.13
N ALA A 450 -116.82 87.45 -31.12
CA ALA A 450 -115.75 87.10 -32.05
C ALA A 450 -115.39 88.31 -32.90
N PRO A 451 -114.11 88.69 -32.96
CA PRO A 451 -113.74 89.86 -33.77
C PRO A 451 -114.05 89.64 -35.25
N ARG A 452 -114.49 90.71 -35.90
CA ARG A 452 -114.83 90.63 -37.32
C ARG A 452 -113.57 90.61 -38.18
N ASN A 453 -113.71 90.09 -39.39
CA ASN A 453 -112.63 90.11 -40.36
C ASN A 453 -112.64 91.49 -41.04
N LYS A 454 -111.63 92.31 -40.74
CA LYS A 454 -111.58 93.65 -41.29
C LYS A 454 -111.48 93.64 -42.81
N THR A 455 -110.91 92.58 -43.38
CA THR A 455 -110.75 92.49 -44.83
C THR A 455 -112.01 92.05 -45.55
N ARG A 456 -113.06 91.66 -44.83
CA ARG A 456 -114.29 91.23 -45.45
C ARG A 456 -115.21 92.43 -45.71
N VAL A 457 -115.97 92.35 -46.81
CA VAL A 457 -116.90 93.42 -47.13
C VAL A 457 -117.95 93.53 -46.03
N VAL A 458 -118.10 94.73 -45.47
CA VAL A 458 -119.04 94.96 -44.40
C VAL A 458 -120.45 95.02 -44.99
N SER A 459 -121.37 94.24 -44.42
CA SER A 459 -122.71 94.11 -44.95
C SER A 459 -123.73 94.23 -43.82
N TYR A 460 -124.94 94.64 -44.18
CA TYR A 460 -126.03 94.80 -43.24
C TYR A 460 -127.33 94.46 -43.93
N ARG A 461 -128.24 93.83 -43.18
CA ARG A 461 -129.54 93.42 -43.70
C ARG A 461 -130.61 94.35 -43.16
N VAL A 462 -131.06 95.28 -43.98
CA VAL A 462 -132.13 96.21 -43.58
C VAL A 462 -133.42 95.43 -43.37
N PRO A 463 -134.13 95.62 -42.26
CA PRO A 463 -135.38 94.89 -42.06
C PRO A 463 -136.48 95.38 -42.98
N HIS A 464 -137.65 94.76 -42.84
CA HIS A 464 -138.84 95.23 -43.53
C HIS A 464 -139.35 96.52 -42.89
N ASN A 465 -139.83 97.43 -43.75
CA ASN A 465 -140.24 98.77 -43.33
C ASN A 465 -139.10 99.48 -42.59
N ALA A 466 -137.97 99.63 -43.30
CA ALA A 466 -136.80 100.28 -42.72
C ALA A 466 -135.94 100.80 -43.87
N ALA A 467 -135.04 101.73 -43.51
CA ALA A 467 -134.15 102.32 -44.50
C ALA A 467 -132.84 102.71 -43.84
N VAL A 468 -131.80 102.82 -44.67
CA VAL A 468 -130.47 103.23 -44.21
C VAL A 468 -129.95 104.31 -45.15
N GLN A 469 -129.05 105.13 -44.64
CA GLN A 469 -128.37 106.15 -45.43
C GLN A 469 -126.88 105.89 -45.42
N VAL A 470 -126.29 105.80 -46.59
CA VAL A 470 -124.85 105.60 -46.75
C VAL A 470 -124.34 106.59 -47.78
N TYR A 471 -123.17 107.16 -47.54
CA TYR A 471 -122.53 108.10 -48.46
C TYR A 471 -121.18 107.54 -48.88
N ASP A 472 -120.96 107.48 -50.19
CA ASP A 472 -119.68 107.02 -50.74
C ASP A 472 -118.75 108.23 -50.76
N TYR A 473 -117.91 108.34 -49.72
CA TYR A 473 -117.05 109.51 -49.59
C TYR A 473 -116.03 109.62 -50.71
N ARG A 474 -115.71 108.52 -51.39
CA ARG A 474 -114.76 108.57 -52.50
C ARG A 474 -115.43 109.01 -53.80
N GLU A 475 -116.48 108.30 -54.21
CA GLU A 475 -117.16 108.63 -55.45
C GLU A 475 -118.14 109.79 -55.30
N LYS A 476 -118.34 110.29 -54.08
CA LYS A 476 -119.19 111.45 -53.81
C LYS A 476 -120.62 111.20 -54.30
N ARG A 477 -121.26 110.20 -53.71
CA ARG A 477 -122.63 109.83 -54.07
C ARG A 477 -123.33 109.21 -52.87
N ALA A 478 -124.47 109.78 -52.49
CA ALA A 478 -125.28 109.27 -51.41
C ALA A 478 -126.43 108.43 -51.97
N ARG A 479 -126.98 107.57 -51.11
CA ARG A 479 -128.11 106.74 -51.48
C ARG A 479 -128.85 106.30 -50.23
N VAL A 480 -130.16 106.13 -50.36
CA VAL A 480 -131.00 105.59 -49.30
C VAL A 480 -131.57 104.27 -49.79
N VAL A 481 -131.30 103.20 -49.05
CA VAL A 481 -131.73 101.85 -49.43
C VAL A 481 -132.95 101.48 -48.60
N PHE A 482 -134.00 101.05 -49.28
CA PHE A 482 -135.29 100.76 -48.64
C PHE A 482 -135.52 99.27 -48.53
N GLY A 483 -136.57 98.91 -47.79
CA GLY A 483 -137.08 97.56 -47.76
C GLY A 483 -136.17 96.56 -47.09
N PRO A 484 -136.40 95.28 -47.37
CA PRO A 484 -135.64 94.22 -46.71
C PRO A 484 -134.28 93.95 -47.36
N GLU A 485 -133.83 94.88 -48.21
CA GLU A 485 -132.61 94.67 -48.96
C GLU A 485 -131.40 94.55 -48.05
N LEU A 486 -130.32 94.00 -48.62
CA LEU A 486 -129.05 93.83 -47.92
C LEU A 486 -128.07 94.87 -48.43
N VAL A 487 -127.48 95.62 -47.51
CA VAL A 487 -126.61 96.75 -47.83
C VAL A 487 -125.17 96.36 -47.54
N SER A 488 -124.30 96.50 -48.52
CA SER A 488 -122.88 96.21 -48.38
C SER A 488 -122.09 97.50 -48.59
N LEU A 489 -121.28 97.85 -47.60
CA LEU A 489 -120.46 99.05 -47.68
C LEU A 489 -119.36 98.90 -48.73
N GLY A 490 -119.08 99.98 -49.44
CA GLY A 490 -117.93 100.04 -50.30
C GLY A 490 -116.67 100.27 -49.48
N PRO A 491 -115.53 100.39 -50.16
CA PRO A 491 -114.28 100.62 -49.43
C PRO A 491 -114.25 101.93 -48.65
N GLU A 492 -115.06 102.92 -49.03
CA GLU A 492 -115.05 104.21 -48.38
C GLU A 492 -116.41 104.65 -47.82
N GLU A 493 -117.47 103.87 -48.03
CA GLU A 493 -118.78 104.28 -47.56
C GLU A 493 -118.87 104.15 -46.04
N GLN A 494 -119.93 104.74 -45.48
CA GLN A 494 -120.17 104.74 -44.05
C GLN A 494 -121.66 104.64 -43.77
N PHE A 495 -122.00 104.24 -42.55
CA PHE A 495 -123.39 104.17 -42.14
C PHE A 495 -123.78 105.42 -41.36
N THR A 496 -124.95 105.96 -41.69
CA THR A 496 -125.50 107.12 -40.98
C THR A 496 -126.11 106.63 -39.68
N VAL A 497 -125.37 106.76 -38.59
CA VAL A 497 -125.83 106.31 -37.28
C VAL A 497 -126.82 107.32 -36.73
N LEU A 498 -127.96 106.84 -36.25
CA LEU A 498 -129.02 107.68 -35.70
C LEU A 498 -129.06 107.52 -34.18
N SER A 499 -128.99 108.65 -33.48
CA SER A 499 -129.17 108.69 -32.04
C SER A 499 -130.57 109.23 -31.75
N LEU A 500 -131.43 108.38 -31.20
CA LEU A 500 -132.84 108.69 -31.01
C LEU A 500 -133.15 108.83 -29.52
N SER A 501 -134.43 109.05 -29.23
CA SER A 501 -134.93 109.20 -27.87
C SER A 501 -135.69 107.95 -27.46
N ALA A 502 -135.63 107.64 -26.17
CA ALA A 502 -136.31 106.48 -25.62
C ALA A 502 -136.45 106.67 -24.11
N GLY A 503 -137.16 105.75 -23.48
CA GLY A 503 -137.38 105.80 -22.05
C GLY A 503 -138.80 106.23 -21.69
N ARG A 504 -139.15 106.02 -20.42
CA ARG A 504 -140.48 106.39 -19.96
C ARG A 504 -140.73 107.89 -20.05
N PRO A 505 -139.84 108.78 -19.61
CA PRO A 505 -140.02 110.21 -19.87
C PRO A 505 -139.43 110.70 -21.18
N LYS A 506 -138.98 109.79 -22.05
CA LYS A 506 -138.39 110.13 -23.34
C LYS A 506 -137.16 111.03 -23.18
N ARG A 507 -136.15 110.48 -22.51
CA ARG A 507 -134.87 111.16 -22.42
C ARG A 507 -134.16 111.10 -23.78
N PRO A 508 -133.33 112.09 -24.08
CA PRO A 508 -132.62 112.09 -25.36
C PRO A 508 -131.34 111.27 -25.30
N HIS A 509 -130.90 110.84 -26.49
CA HIS A 509 -129.68 110.07 -26.66
C HIS A 509 -129.69 108.81 -25.77
N ALA A 510 -130.73 108.00 -25.92
CA ALA A 510 -130.88 106.77 -25.17
C ALA A 510 -130.96 105.53 -26.05
N ARG A 511 -130.91 105.68 -27.39
CA ARG A 511 -131.01 104.54 -28.29
C ARG A 511 -130.31 104.91 -29.59
N ARG A 512 -129.08 104.41 -29.76
CA ARG A 512 -128.38 104.55 -31.03
C ARG A 512 -128.87 103.49 -32.01
N ALA A 513 -129.11 103.90 -33.25
CA ALA A 513 -129.65 103.01 -34.26
C ALA A 513 -128.88 103.19 -35.57
N LEU A 514 -128.87 102.12 -36.37
CA LEU A 514 -128.24 102.14 -37.68
C LEU A 514 -129.23 102.26 -38.82
N CYS A 515 -130.40 101.65 -38.72
CA CYS A 515 -131.45 101.75 -39.72
C CYS A 515 -132.64 102.49 -39.13
N LEU A 516 -133.32 103.25 -39.98
CA LEU A 516 -134.50 104.01 -39.58
C LEU A 516 -135.75 103.23 -39.93
N LEU A 517 -136.57 102.95 -38.93
CA LEU A 517 -137.83 102.23 -39.12
C LEU A 517 -138.90 103.24 -39.49
N LEU A 518 -139.55 103.02 -40.65
CA LEU A 518 -140.54 103.94 -41.18
C LEU A 518 -141.90 103.28 -41.35
N GLY A 519 -142.19 102.27 -40.52
CA GLY A 519 -143.45 101.59 -40.58
C GLY A 519 -144.39 102.05 -39.49
N PRO A 520 -145.67 101.70 -39.61
CA PRO A 520 -146.64 102.08 -38.57
C PRO A 520 -146.24 101.59 -37.19
N ASP A 521 -145.91 102.52 -36.30
CA ASP A 521 -145.48 102.22 -34.95
C ASP A 521 -146.19 103.16 -33.98
N PHE A 522 -145.74 103.15 -32.73
CA PHE A 522 -146.20 104.13 -31.75
C PHE A 522 -145.18 104.22 -30.63
N PHE A 523 -145.00 105.43 -30.10
CA PHE A 523 -144.19 105.64 -28.91
C PHE A 523 -145.04 106.33 -27.85
N THR A 524 -144.71 106.06 -26.59
CA THR A 524 -145.48 106.54 -25.45
C THR A 524 -144.62 107.46 -24.59
N ASP A 525 -145.22 108.55 -24.13
CA ASP A 525 -144.55 109.52 -23.29
C ASP A 525 -145.43 109.86 -22.09
N VAL A 526 -144.80 110.31 -21.02
CA VAL A 526 -145.50 110.73 -19.80
C VAL A 526 -145.42 112.24 -19.73
N ILE A 527 -146.57 112.90 -19.86
CA ILE A 527 -146.66 114.35 -19.94
C ILE A 527 -147.28 114.87 -18.65
N THR A 528 -146.61 115.80 -18.00
CA THR A 528 -147.12 116.46 -16.81
C THR A 528 -147.61 117.86 -17.19
N ILE A 529 -148.89 118.12 -16.93
CA ILE A 529 -149.53 119.37 -17.31
C ILE A 529 -150.28 119.94 -16.11
N GLU A 530 -150.76 121.16 -16.28
CA GLU A 530 -151.51 121.86 -15.24
C GLU A 530 -152.76 122.47 -15.84
N THR A 531 -153.83 122.49 -15.06
CA THR A 531 -155.12 122.99 -15.51
C THR A 531 -155.30 124.45 -15.11
N ALA A 532 -156.38 125.06 -15.61
CA ALA A 532 -156.68 126.44 -15.26
C ALA A 532 -156.98 126.61 -13.77
N ASP A 533 -157.29 125.53 -13.06
CA ASP A 533 -157.48 125.56 -11.62
C ASP A 533 -156.20 125.25 -10.87
N HIS A 534 -155.07 125.14 -11.58
CA HIS A 534 -153.76 124.86 -10.98
C HIS A 534 -153.74 123.51 -10.28
N ALA A 535 -154.32 122.50 -10.91
CA ALA A 535 -154.27 121.13 -10.45
C ALA A 535 -153.24 120.38 -11.29
N ARG A 536 -152.19 119.88 -10.64
CA ARG A 536 -151.12 119.19 -11.33
C ARG A 536 -151.50 117.74 -11.56
N LEU A 537 -151.46 117.31 -12.82
CA LEU A 537 -151.84 115.95 -13.19
C LEU A 537 -151.00 115.51 -14.39
N GLN A 538 -150.49 114.29 -14.32
CA GLN A 538 -149.62 113.73 -15.36
C GLN A 538 -150.41 112.80 -16.27
N LEU A 539 -149.97 112.71 -17.51
CA LEU A 539 -150.65 111.94 -18.55
C LEU A 539 -149.77 110.80 -19.04
N GLN A 540 -150.39 109.90 -19.79
CA GLN A 540 -149.69 108.82 -20.48
C GLN A 540 -150.34 108.67 -21.85
N LEU A 541 -149.65 109.10 -22.89
CA LEU A 541 -150.18 109.13 -24.24
C LEU A 541 -149.46 108.13 -25.13
N ALA A 542 -150.06 107.84 -26.27
CA ALA A 542 -149.49 106.95 -27.27
C ALA A 542 -149.74 107.55 -28.64
N TYR A 543 -148.67 107.71 -29.41
CA TYR A 543 -148.71 108.44 -30.68
C TYR A 543 -148.50 107.45 -31.82
N ASN A 544 -149.57 107.13 -32.54
CA ASN A 544 -149.45 106.27 -33.72
C ASN A 544 -148.82 107.08 -34.86
N TRP A 545 -147.72 106.59 -35.41
CA TRP A 545 -146.95 107.35 -36.38
C TRP A 545 -146.47 106.45 -37.51
N HIS A 546 -146.20 107.07 -38.65
CA HIS A 546 -145.59 106.40 -39.78
C HIS A 546 -145.03 107.44 -40.73
N PHE A 547 -144.05 107.04 -41.53
CA PHE A 547 -143.39 107.91 -42.48
C PHE A 547 -144.07 107.79 -43.84
N GLU A 548 -144.38 108.93 -44.44
CA GLU A 548 -145.02 108.98 -45.76
C GLU A 548 -143.94 109.28 -46.79
N VAL A 549 -143.49 108.25 -47.50
CA VAL A 549 -142.51 108.39 -48.57
C VAL A 549 -143.27 108.27 -49.88
N ASN A 550 -143.54 109.41 -50.52
CA ASN A 550 -144.33 109.40 -51.75
C ASN A 550 -143.58 108.67 -52.87
N ASP A 551 -142.29 108.93 -53.00
CA ASP A 551 -141.47 108.31 -54.04
C ASP A 551 -140.19 107.78 -53.41
N ARG A 552 -140.00 106.46 -53.46
CA ARG A 552 -138.80 105.86 -52.91
C ARG A 552 -137.59 105.97 -53.84
N LYS A 553 -137.79 106.43 -55.07
CA LYS A 553 -136.71 106.63 -56.02
C LYS A 553 -136.25 108.08 -56.11
N ASP A 554 -136.77 108.95 -55.25
CA ASP A 554 -136.43 110.36 -55.30
C ASP A 554 -135.25 110.66 -54.40
N PRO A 555 -134.10 111.08 -54.93
CA PRO A 555 -132.95 111.36 -54.06
C PRO A 555 -133.19 112.50 -53.08
N GLN A 556 -134.14 113.40 -53.35
CA GLN A 556 -134.39 114.53 -52.48
C GLN A 556 -135.37 114.17 -51.36
N GLU A 557 -136.53 113.61 -51.72
CA GLU A 557 -137.53 113.28 -50.70
C GLU A 557 -137.03 112.20 -49.76
N THR A 558 -136.35 111.19 -50.30
CA THR A 558 -135.85 110.11 -49.45
C THR A 558 -134.77 110.59 -48.49
N ALA A 559 -133.98 111.58 -48.91
CA ALA A 559 -132.99 112.17 -48.01
C ALA A 559 -133.63 112.93 -46.86
N LYS A 560 -134.88 113.36 -47.02
CA LYS A 560 -135.57 114.12 -45.98
C LYS A 560 -135.92 113.27 -44.77
N LEU A 561 -135.96 111.94 -44.90
CA LEU A 561 -136.28 111.09 -43.77
C LEU A 561 -135.24 111.21 -42.66
N PHE A 562 -133.97 111.30 -43.04
CA PHE A 562 -132.87 111.45 -42.09
C PHE A 562 -132.54 112.92 -41.79
N SER A 563 -133.33 113.85 -42.32
CA SER A 563 -133.04 115.27 -42.10
C SER A 563 -133.11 115.64 -40.62
N VAL A 564 -134.12 115.14 -39.92
CA VAL A 564 -134.29 115.41 -38.49
C VAL A 564 -133.42 114.43 -37.72
N PRO A 565 -132.44 114.90 -36.95
CA PRO A 565 -131.56 113.99 -36.21
C PRO A 565 -132.30 113.08 -35.24
N ASP A 566 -133.41 113.56 -34.69
CA ASP A 566 -134.16 112.79 -33.71
C ASP A 566 -135.65 113.08 -33.86
N PHE A 567 -136.36 112.23 -34.61
CA PHE A 567 -137.79 112.46 -34.83
C PHE A 567 -138.62 112.10 -33.60
N VAL A 568 -138.18 111.10 -32.83
CA VAL A 568 -138.96 110.65 -31.68
C VAL A 568 -139.07 111.77 -30.65
N GLY A 569 -137.93 112.27 -30.18
CA GLY A 569 -137.96 113.32 -29.17
C GLY A 569 -138.60 114.60 -29.67
N ASP A 570 -138.34 114.94 -30.94
CA ASP A 570 -138.93 116.15 -31.51
C ASP A 570 -140.45 116.06 -31.52
N ALA A 571 -140.99 114.95 -32.04
CA ALA A 571 -142.44 114.80 -32.07
C ALA A 571 -143.03 114.76 -30.67
N CYS A 572 -142.38 114.04 -29.75
CA CYS A 572 -142.88 113.96 -28.39
C CYS A 572 -142.94 115.33 -27.73
N LYS A 573 -141.86 116.11 -27.85
CA LYS A 573 -141.84 117.42 -27.21
C LYS A 573 -142.83 118.39 -27.87
N ALA A 574 -142.97 118.32 -29.20
CA ALA A 574 -143.93 119.19 -29.87
C ALA A 574 -145.36 118.88 -29.43
N ILE A 575 -145.72 117.60 -29.41
CA ILE A 575 -147.08 117.24 -29.02
C ILE A 575 -147.32 117.53 -27.54
N ALA A 576 -146.30 117.32 -26.70
CA ALA A 576 -146.42 117.67 -25.29
C ALA A 576 -146.62 119.16 -25.10
N SER A 577 -145.91 119.98 -25.86
CA SER A 577 -146.10 121.42 -25.77
C SER A 577 -147.50 121.82 -26.21
N ARG A 578 -148.01 121.21 -27.29
CA ARG A 578 -149.37 121.51 -27.73
C ARG A 578 -150.38 121.16 -26.65
N VAL A 579 -150.24 119.96 -26.06
CA VAL A 579 -151.19 119.50 -25.05
C VAL A 579 -151.13 120.38 -23.81
N ARG A 580 -149.92 120.74 -23.37
CA ARG A 580 -149.77 121.59 -22.20
C ARG A 580 -150.37 122.97 -22.46
N GLY A 581 -150.17 123.51 -23.66
CA GLY A 581 -150.72 124.81 -23.97
C GLY A 581 -152.24 124.82 -24.00
N ALA A 582 -152.84 123.80 -24.62
CA ALA A 582 -154.30 123.77 -24.73
C ALA A 582 -154.96 123.55 -23.37
N VAL A 583 -154.41 122.66 -22.55
CA VAL A 583 -155.06 122.31 -21.29
C VAL A 583 -155.04 123.46 -20.29
N ALA A 584 -153.97 124.25 -20.26
CA ALA A 584 -153.80 125.26 -19.21
C ALA A 584 -154.94 126.29 -19.20
N SER A 585 -155.66 126.45 -20.30
CA SER A 585 -156.80 127.36 -20.36
C SER A 585 -158.12 126.65 -20.12
N VAL A 586 -158.09 125.45 -19.54
CA VAL A 586 -159.28 124.65 -19.30
C VAL A 586 -159.30 124.25 -17.83
N THR A 587 -160.48 124.37 -17.21
CA THR A 587 -160.63 124.00 -15.81
C THR A 587 -160.50 122.48 -15.64
N PHE A 588 -160.30 122.07 -14.39
CA PHE A 588 -160.05 120.66 -14.10
C PHE A 588 -161.26 119.78 -14.43
N ASP A 589 -162.47 120.25 -14.12
CA ASP A 589 -163.65 119.44 -14.32
C ASP A 589 -163.92 119.19 -15.80
N ASP A 590 -163.84 120.25 -16.61
CA ASP A 590 -164.10 120.11 -18.04
C ASP A 590 -163.06 119.20 -18.69
N PHE A 591 -161.80 119.32 -18.28
CA PHE A 591 -160.77 118.42 -18.78
C PHE A 591 -161.04 116.98 -18.35
N HIS A 592 -161.44 116.78 -17.10
CA HIS A 592 -161.69 115.43 -16.60
C HIS A 592 -162.82 114.76 -17.37
N LYS A 593 -163.89 115.50 -17.65
CA LYS A 593 -165.02 114.90 -18.37
C LYS A 593 -164.82 114.88 -19.89
N ASN A 594 -163.82 115.59 -20.41
CA ASN A 594 -163.67 115.69 -21.86
C ASN A 594 -162.21 115.62 -22.30
N SER A 595 -161.37 114.90 -21.55
CA SER A 595 -159.95 114.87 -21.86
C SER A 595 -159.67 114.33 -23.26
N ALA A 596 -160.46 113.35 -23.72
CA ALA A 596 -160.22 112.77 -25.04
C ALA A 596 -160.38 113.82 -26.13
N ARG A 597 -161.51 114.54 -26.12
CA ARG A 597 -161.75 115.54 -27.15
C ARG A 597 -160.75 116.69 -27.06
N ILE A 598 -160.42 117.13 -25.84
CA ILE A 598 -159.47 118.22 -25.67
C ILE A 598 -158.11 117.82 -26.24
N ILE A 599 -157.64 116.61 -25.93
CA ILE A 599 -156.33 116.17 -26.40
C ILE A 599 -156.35 115.98 -27.92
N ARG A 600 -157.43 115.40 -28.45
CA ARG A 600 -157.50 115.19 -29.89
C ARG A 600 -157.51 116.51 -30.64
N THR A 601 -158.23 117.51 -30.12
CA THR A 601 -158.24 118.82 -30.74
C THR A 601 -156.91 119.54 -30.58
N ALA A 602 -156.22 119.34 -29.46
CA ALA A 602 -154.94 119.99 -29.23
C ALA A 602 -153.86 119.45 -30.16
N VAL A 603 -153.73 118.13 -30.24
CA VAL A 603 -152.66 117.53 -31.04
C VAL A 603 -152.84 117.85 -32.51
N PHE A 604 -154.06 117.69 -33.02
CA PHE A 604 -154.37 117.99 -34.40
C PHE A 604 -154.89 119.43 -34.50
N GLY A 605 -155.46 119.78 -35.65
CA GLY A 605 -156.00 121.11 -35.82
C GLY A 605 -157.37 121.14 -36.47
N PHE A 606 -157.53 121.98 -37.48
CA PHE A 606 -158.80 122.09 -38.20
C PHE A 606 -158.56 122.22 -39.70
N ARG A 623 -158.53 118.32 -38.61
CA ARG A 623 -157.48 117.53 -39.22
C ARG A 623 -157.33 116.18 -38.53
N ASP A 624 -157.20 115.13 -39.33
CA ASP A 624 -157.08 113.78 -38.80
C ASP A 624 -155.65 113.38 -38.45
N GLN A 625 -154.66 114.02 -39.06
CA GLN A 625 -153.26 113.65 -38.86
C GLN A 625 -152.42 114.90 -38.59
N ALA A 626 -151.41 114.74 -37.76
CA ALA A 626 -150.47 115.80 -37.41
C ALA A 626 -149.20 115.57 -38.22
N VAL A 627 -149.21 116.03 -39.46
CA VAL A 627 -148.09 115.82 -40.37
C VAL A 627 -146.95 116.75 -40.01
N PHE A 628 -145.73 116.22 -40.02
CA PHE A 628 -144.53 117.02 -39.81
C PHE A 628 -143.76 117.10 -41.12
N PRO A 629 -143.77 118.25 -41.81
CA PRO A 629 -143.16 118.30 -43.16
C PRO A 629 -141.65 118.36 -43.16
N GLN A 630 -140.99 118.44 -41.99
CA GLN A 630 -139.54 118.47 -41.96
C GLN A 630 -138.96 117.17 -42.50
N ASN A 631 -139.56 116.03 -42.14
CA ASN A 631 -139.07 114.73 -42.58
C ASN A 631 -140.13 113.84 -43.22
N GLY A 632 -141.41 114.21 -43.13
CA GLY A 632 -142.47 113.36 -43.61
C GLY A 632 -143.19 112.57 -42.54
N LEU A 633 -142.67 112.57 -41.31
CA LEU A 633 -143.31 111.86 -40.21
C LEU A 633 -144.70 112.43 -39.95
N VAL A 634 -145.69 111.56 -39.83
CA VAL A 634 -147.06 111.96 -39.52
C VAL A 634 -147.53 111.20 -38.30
N VAL A 635 -148.30 111.87 -37.45
CA VAL A 635 -148.93 111.26 -36.30
C VAL A 635 -150.41 111.12 -36.62
N SER A 636 -150.84 109.90 -36.90
CA SER A 636 -152.20 109.66 -37.37
C SER A 636 -153.22 109.54 -36.24
N SER A 637 -152.78 109.38 -35.00
CA SER A 637 -153.71 109.25 -33.88
C SER A 637 -152.96 109.46 -32.58
N VAL A 638 -153.73 109.76 -31.54
CA VAL A 638 -153.21 109.85 -30.18
C VAL A 638 -154.15 109.08 -29.26
N ASP A 639 -153.58 108.33 -28.33
CA ASP A 639 -154.35 107.45 -27.45
C ASP A 639 -153.97 107.76 -26.00
N VAL A 640 -154.82 108.49 -25.30
CA VAL A 640 -154.60 108.79 -23.89
C VAL A 640 -154.91 107.55 -23.06
N GLN A 641 -154.02 107.21 -22.15
CA GLN A 641 -154.15 106.00 -21.36
C GLN A 641 -154.49 106.29 -19.90
N SER A 642 -153.71 107.11 -19.22
CA SER A 642 -153.91 107.39 -17.81
C SER A 642 -153.82 108.89 -17.57
N VAL A 643 -154.75 109.42 -16.79
CA VAL A 643 -154.75 110.82 -16.36
C VAL A 643 -154.92 110.80 -14.85
N GLU A 644 -153.83 111.01 -14.12
CA GLU A 644 -153.83 110.90 -12.66
C GLU A 644 -153.29 112.18 -12.05
N PRO A 645 -154.00 112.77 -11.09
CA PRO A 645 -153.45 113.94 -10.39
C PRO A 645 -152.15 113.60 -9.68
N VAL A 646 -151.22 114.56 -9.70
CA VAL A 646 -149.92 114.33 -9.08
C VAL A 646 -150.03 114.30 -7.56
N ASP A 647 -150.83 115.20 -6.99
CA ASP A 647 -150.91 115.32 -5.54
C ASP A 647 -151.92 114.33 -4.97
N GLN A 648 -151.63 113.87 -3.74
CA GLN A 648 -152.51 112.90 -3.09
C GLN A 648 -153.78 113.56 -2.55
N ARG A 649 -153.69 114.84 -2.18
CA ARG A 649 -154.84 115.53 -1.60
C ARG A 649 -155.99 115.67 -2.60
N THR A 650 -155.66 115.89 -3.88
CA THR A 650 -156.69 115.91 -4.90
C THR A 650 -157.37 114.55 -5.02
N ARG A 651 -156.59 113.47 -4.92
CA ARG A 651 -157.17 112.14 -4.95
C ARG A 651 -158.10 111.92 -3.76
N ASP A 652 -157.70 112.41 -2.59
CA ASP A 652 -158.56 112.28 -1.41
C ASP A 652 -159.87 113.04 -1.60
N ALA A 653 -159.79 114.25 -2.15
CA ALA A 653 -161.00 115.03 -2.41
C ALA A 653 -161.92 114.32 -3.39
N LEU A 654 -161.35 113.74 -4.45
CA LEU A 654 -162.17 113.02 -5.41
C LEU A 654 -162.78 111.77 -4.81
N GLN A 655 -162.05 111.09 -3.91
CA GLN A 655 -162.62 109.95 -3.20
C GLN A 655 -163.82 110.37 -2.35
N ARG A 656 -163.68 111.50 -1.64
CA ARG A 656 -164.82 112.00 -0.87
C ARG A 656 -165.99 112.34 -1.78
N SER A 657 -165.72 112.90 -2.96
CA SER A 657 -166.78 113.21 -3.90
C SER A 657 -167.51 111.94 -4.35
N VAL A 658 -166.76 110.89 -4.68
CA VAL A 658 -167.41 109.67 -5.14
C VAL A 658 -168.20 109.00 -4.02
N GLN A 659 -167.71 109.09 -2.78
CA GLN A 659 -168.48 108.56 -1.66
C GLN A 659 -169.77 109.35 -1.46
N LEU A 660 -169.73 110.67 -1.65
CA LEU A 660 -170.95 111.46 -1.55
C LEU A 660 -171.93 111.09 -2.66
N ALA A 661 -171.42 110.81 -3.87
CA ALA A 661 -172.29 110.37 -4.95
C ALA A 661 -172.97 109.04 -4.61
N ILE A 662 -172.21 108.10 -4.03
CA ILE A 662 -172.80 106.84 -3.60
C ILE A 662 -173.89 107.07 -2.58
N GLU A 663 -173.62 107.93 -1.59
CA GLU A 663 -174.64 108.25 -0.59
C GLU A 663 -175.88 108.86 -1.23
N ILE A 664 -175.69 109.71 -2.24
CA ILE A 664 -176.82 110.32 -2.94
C ILE A 664 -177.68 109.24 -3.60
N THR A 665 -177.04 108.26 -4.25
CA THR A 665 -177.79 107.20 -4.91
C THR A 665 -178.58 106.38 -3.90
N THR A 666 -177.95 106.02 -2.77
CA THR A 666 -178.66 105.25 -1.76
C THR A 666 -179.84 106.02 -1.18
N ASN A 667 -179.65 107.32 -0.92
CA ASN A 667 -180.74 108.14 -0.38
C ASN A 667 -181.89 108.23 -1.38
N SER A 668 -181.56 108.34 -2.68
CA SER A 668 -182.62 108.39 -3.69
C SER A 668 -183.44 107.10 -3.70
N GLN A 669 -182.76 105.95 -3.63
CA GLN A 669 -183.49 104.69 -3.63
C GLN A 669 -184.36 104.57 -2.38
N GLU A 670 -183.84 105.00 -1.22
CA GLU A 670 -184.63 104.95 0.00
C GLU A 670 -185.87 105.84 -0.09
N ALA A 671 -185.72 107.03 -0.65
CA ALA A 671 -186.85 107.93 -0.80
C ALA A 671 -187.90 107.34 -1.73
N ALA A 672 -187.47 106.71 -2.83
CA ALA A 672 -188.43 106.09 -3.73
C ALA A 672 -189.20 104.97 -3.04
N ALA A 673 -188.49 104.13 -2.28
CA ALA A 673 -189.17 103.06 -1.55
C ALA A 673 -190.18 103.62 -0.55
N LYS A 674 -189.81 104.68 0.17
CA LYS A 674 -190.72 105.29 1.14
C LYS A 674 -191.96 105.84 0.46
N HIS A 675 -191.79 106.49 -0.69
CA HIS A 675 -192.94 107.04 -1.40
C HIS A 675 -193.88 105.95 -1.88
N GLU A 676 -193.32 104.85 -2.41
CA GLU A 676 -194.18 103.75 -2.85
C GLU A 676 -194.94 103.13 -1.67
N ALA A 677 -194.26 102.97 -0.54
CA ALA A 677 -194.92 102.42 0.65
C ALA A 677 -196.05 103.32 1.10
N GLN A 678 -195.83 104.64 1.10
CA GLN A 678 -196.89 105.57 1.50
C GLN A 678 -198.09 105.48 0.56
N ARG A 679 -197.83 105.39 -0.74
CA ARG A 679 -198.93 105.28 -1.71
C ARG A 679 -199.76 104.03 -1.45
N LEU A 680 -199.09 102.89 -1.26
CA LEU A 680 -199.81 101.65 -1.04
C LEU A 680 -200.60 101.71 0.26
N GLU A 681 -200.01 102.29 1.31
CA GLU A 681 -200.72 102.42 2.58
C GLU A 681 -201.98 103.27 2.43
N GLN A 682 -201.88 104.38 1.69
CA GLN A 682 -203.05 105.23 1.48
C GLN A 682 -204.15 104.49 0.72
N GLU A 683 -203.76 103.73 -0.31
CA GLU A 683 -204.76 102.97 -1.08
C GLU A 683 -205.47 101.94 -0.18
N ALA A 684 -204.69 101.22 0.63
CA ALA A 684 -205.28 100.23 1.53
C ALA A 684 -206.22 100.89 2.53
N ARG A 685 -205.82 102.05 3.08
CA ARG A 685 -206.67 102.74 4.03
C ARG A 685 -207.99 103.16 3.39
N GLY A 686 -207.93 103.69 2.17
CA GLY A 686 -209.17 104.08 1.49
C GLY A 686 -210.10 102.91 1.25
N ARG A 687 -209.54 101.79 0.78
CA ARG A 687 -210.38 100.61 0.57
C ARG A 687 -211.00 100.13 1.88
N LEU A 688 -210.22 100.15 2.97
CA LEU A 688 -210.73 99.71 4.26
C LEU A 688 -211.88 100.60 4.73
N GLU A 689 -211.73 101.92 4.57
CA GLU A 689 -212.80 102.82 4.98
C GLU A 689 -214.07 102.59 4.17
N ARG A 690 -213.93 102.39 2.86
CA ARG A 690 -215.13 102.12 2.06
C ARG A 690 -215.81 100.82 2.48
N GLN A 691 -215.00 99.78 2.76
CA GLN A 691 -215.59 98.52 3.20
C GLN A 691 -216.29 98.67 4.53
N LYS A 692 -215.71 99.45 5.45
CA LYS A 692 -216.37 99.72 6.72
C LYS A 692 -217.71 100.41 6.51
N ILE A 693 -217.77 101.37 5.58
CA ILE A 693 -219.03 102.05 5.30
C ILE A 693 -220.06 101.07 4.78
N LEU A 694 -219.66 100.16 3.88
CA LEU A 694 -220.61 99.18 3.34
C LEU A 694 -221.10 98.24 4.44
N ASP A 695 -220.20 97.80 5.33
CA ASP A 695 -220.60 96.93 6.43
C ASP A 695 -221.59 97.64 7.35
N GLN A 696 -221.36 98.92 7.64
CA GLN A 696 -222.32 99.67 8.45
C GLN A 696 -223.66 99.79 7.74
N SER A 697 -223.63 99.91 6.40
CA SER A 697 -224.89 99.94 5.65
C SER A 697 -225.67 98.64 5.82
N GLU A 698 -224.99 97.50 5.73
CA GLU A 698 -225.66 96.22 5.95
C GLU A 698 -226.20 96.12 7.38
N ALA A 699 -225.42 96.58 8.35
CA ALA A 699 -225.87 96.55 9.73
C ALA A 699 -227.13 97.39 9.92
N GLU A 700 -227.19 98.55 9.28
CA GLU A 700 -228.40 99.37 9.35
C GLU A 700 -229.58 98.69 8.66
N LYS A 701 -229.30 97.98 7.56
CA LYS A 701 -230.35 97.22 6.89
C LYS A 701 -230.99 96.23 7.85
N ALA A 702 -230.18 95.51 8.62
CA ALA A 702 -230.75 94.59 9.62
C ALA A 702 -231.43 95.35 10.76
N ARG A 703 -230.83 96.47 11.17
CA ARG A 703 -231.34 97.23 12.30
C ARG A 703 -232.73 97.79 12.03
N LYS A 704 -233.06 98.03 10.75
CA LYS A 704 -234.40 98.50 10.43
C LYS A 704 -235.46 97.48 10.84
N GLU A 705 -235.27 96.21 10.45
CA GLU A 705 -236.20 95.16 10.84
C GLU A 705 -236.20 94.97 12.36
N LEU A 706 -235.02 95.05 12.97
CA LEU A 706 -234.96 94.92 14.43
C LEU A 706 -235.79 96.01 15.10
N LEU A 707 -235.71 97.25 14.61
CA LEU A 707 -236.46 98.34 15.20
C LEU A 707 -237.96 98.19 14.96
N GLU A 708 -238.35 97.65 13.80
CA GLU A 708 -239.76 97.37 13.56
C GLU A 708 -240.30 96.37 14.60
N LEU A 709 -239.54 95.30 14.84
CA LEU A 709 -239.97 94.33 15.84
C LEU A 709 -240.04 94.95 17.23
N GLU A 710 -239.05 95.79 17.57
CA GLU A 710 -239.07 96.45 18.87
C GLU A 710 -240.27 97.37 19.02
N ALA A 711 -240.64 98.07 17.94
CA ALA A 711 -241.82 98.93 17.98
C ALA A 711 -243.08 98.11 18.22
N LEU A 712 -243.21 96.97 17.53
CA LEU A 712 -244.37 96.12 17.77
C LEU A 712 -244.43 95.65 19.22
N SER A 713 -243.29 95.22 19.77
CA SER A 713 -243.27 94.76 21.17
C SER A 713 -243.64 95.89 22.13
N MET A 714 -243.11 97.09 21.89
CA MET A 714 -243.42 98.22 22.76
C MET A 714 -244.90 98.57 22.72
N ALA A 715 -245.49 98.57 21.52
CA ALA A 715 -246.91 98.84 21.41
C ALA A 715 -247.72 97.80 22.17
N VAL A 716 -247.37 96.52 22.03
CA VAL A 716 -248.09 95.46 22.73
C VAL A 716 -248.01 95.67 24.23
N GLU A 717 -246.82 95.93 24.75
CA GLU A 717 -246.65 96.11 26.19
C GLU A 717 -247.47 97.30 26.70
N SER A 718 -247.38 98.44 26.01
CA SER A 718 -248.07 99.64 26.47
C SER A 718 -249.58 99.45 26.46
N THR A 719 -250.11 98.90 25.36
CA THR A 719 -251.56 98.73 25.28
C THR A 719 -252.04 97.71 26.30
N GLY A 720 -251.24 96.66 26.56
CA GLY A 720 -251.64 95.69 27.56
C GLY A 720 -251.73 96.30 28.95
N THR A 721 -250.71 97.06 29.33
CA THR A 721 -250.73 97.70 30.66
C THR A 721 -251.90 98.66 30.79
N ALA A 722 -252.11 99.51 29.76
CA ALA A 722 -253.18 100.50 29.82
C ALA A 722 -254.54 99.83 29.92
N LYS A 723 -254.79 98.81 29.08
CA LYS A 723 -256.08 98.16 29.08
C LYS A 723 -256.32 97.39 30.37
N ALA A 724 -255.26 96.80 30.95
CA ALA A 724 -255.43 96.09 32.22
C ALA A 724 -255.86 97.05 33.31
N GLU A 725 -255.14 98.17 33.46
CA GLU A 725 -255.50 99.13 34.51
C GLU A 725 -256.90 99.69 34.28
N ALA A 726 -257.23 100.04 33.03
CA ALA A 726 -258.53 100.62 32.75
C ALA A 726 -259.66 99.63 33.04
N GLU A 727 -259.48 98.37 32.67
CA GLU A 727 -260.53 97.38 32.90
C GLU A 727 -260.69 97.09 34.39
N SER A 728 -259.59 97.05 35.14
CA SER A 728 -259.71 96.86 36.58
C SER A 728 -260.50 98.00 37.21
N ARG A 729 -260.17 99.24 36.85
CA ARG A 729 -260.89 100.37 37.43
C ARG A 729 -262.36 100.36 37.01
N ALA A 730 -262.65 99.99 35.76
CA ALA A 730 -264.04 99.94 35.31
C ALA A 730 -264.84 98.89 36.06
N GLU A 731 -264.25 97.70 36.27
CA GLU A 731 -264.95 96.66 37.02
C GLU A 731 -265.21 97.10 38.45
N ALA A 732 -264.21 97.72 39.09
CA ALA A 732 -264.42 98.23 40.44
C ALA A 732 -265.55 99.25 40.48
N ALA A 733 -265.59 100.16 39.50
CA ALA A 733 -266.64 101.16 39.45
C ALA A 733 -268.02 100.53 39.26
N ARG A 734 -268.11 99.51 38.40
CA ARG A 734 -269.40 98.85 38.19
C ARG A 734 -269.89 98.17 39.46
N ILE A 735 -268.99 97.47 40.17
CA ILE A 735 -269.38 96.81 41.41
C ILE A 735 -269.83 97.85 42.43
N GLU A 736 -269.08 98.96 42.55
CA GLU A 736 -269.47 100.02 43.47
C GLU A 736 -270.83 100.60 43.12
N GLY A 737 -271.12 100.76 41.83
CA GLY A 737 -272.42 101.30 41.43
C GLY A 737 -273.57 100.37 41.78
N GLU A 738 -273.40 99.07 41.53
CA GLU A 738 -274.45 98.12 41.92
C GLU A 738 -274.67 98.12 43.43
N GLY A 739 -273.58 98.13 44.19
CA GLY A 739 -273.69 98.23 45.63
C GLY A 739 -274.40 99.50 46.07
N SER A 740 -274.11 100.62 45.39
CA SER A 740 -274.77 101.88 45.71
C SER A 740 -276.27 101.80 45.45
N VAL A 741 -276.67 101.14 44.36
CA VAL A 741 -278.09 100.99 44.07
C VAL A 741 -278.77 100.19 45.17
N LEU A 742 -278.16 99.08 45.58
CA LEU A 742 -278.75 98.27 46.65
C LEU A 742 -278.84 99.04 47.96
N GLN A 743 -277.78 99.78 48.29
CA GLN A 743 -277.77 100.58 49.51
C GLN A 743 -278.86 101.66 49.46
N ALA A 744 -279.06 102.27 48.30
CA ALA A 744 -280.13 103.25 48.16
C ALA A 744 -281.50 102.62 48.40
N LYS A 745 -281.71 101.42 47.86
CA LYS A 745 -282.97 100.73 48.11
C LYS A 745 -283.21 100.48 49.60
N LEU A 746 -282.20 99.93 50.28
CA LEU A 746 -282.35 99.64 51.69
C LEU A 746 -282.54 100.91 52.52
N LYS A 747 -281.80 101.97 52.17
CA LYS A 747 -281.95 103.25 52.86
C LYS A 747 -283.36 103.82 52.66
N ALA A 748 -283.91 103.66 51.46
CA ALA A 748 -285.28 104.11 51.23
C ALA A 748 -286.26 103.34 52.10
N GLN A 749 -286.07 102.02 52.24
CA GLN A 749 -286.95 101.24 53.10
C GLN A 749 -286.89 101.73 54.54
N ALA A 750 -285.67 101.90 55.07
CA ALA A 750 -285.52 102.35 56.45
C ALA A 750 -286.10 103.75 56.65
N LEU A 751 -285.88 104.63 55.67
CA LEU A 751 -286.43 105.98 55.75
C LEU A 751 -287.95 105.95 55.77
N ALA A 752 -288.56 105.10 54.96
CA ALA A 752 -290.02 104.99 54.96
C ALA A 752 -290.53 104.53 56.32
N ILE A 753 -289.89 103.52 56.90
CA ILE A 753 -290.34 103.01 58.20
C ILE A 753 -290.25 104.10 59.26
N GLU A 754 -289.09 104.74 59.37
CA GLU A 754 -288.90 105.74 60.41
C GLU A 754 -289.79 106.96 60.17
N THR A 755 -290.01 107.34 58.90
CA THR A 755 -290.88 108.46 58.60
C THR A 755 -292.31 108.17 59.02
N GLU A 756 -292.81 106.96 58.74
CA GLU A 756 -294.17 106.64 59.15
C GLU A 756 -294.31 106.64 60.66
N ALA A 757 -293.31 106.12 61.37
CA ALA A 757 -293.37 106.13 62.85
C ALA A 757 -293.39 107.57 63.38
N GLU A 758 -292.49 108.40 62.86
CA GLU A 758 -292.42 109.78 63.34
C GLU A 758 -293.70 110.54 63.00
N LEU A 759 -294.28 110.29 61.82
CA LEU A 759 -295.52 110.96 61.46
C LEU A 759 -296.66 110.56 62.38
N GLN A 760 -296.75 109.27 62.73
CA GLN A 760 -297.78 108.84 63.67
C GLN A 760 -297.62 109.55 65.01
N ARG A 761 -296.40 109.57 65.55
CA ARG A 761 -296.17 110.20 66.85
C ARG A 761 -296.51 111.70 66.79
N VAL A 762 -296.08 112.37 65.74
CA VAL A 762 -296.33 113.81 65.60
C VAL A 762 -297.82 114.08 65.50
N GLN A 763 -298.55 113.24 64.75
CA GLN A 763 -299.99 113.45 64.60
C GLN A 763 -300.69 113.33 65.94
N LYS A 764 -300.35 112.30 66.73
CA LYS A 764 -300.98 112.14 68.04
C LYS A 764 -300.66 113.33 68.95
N VAL A 765 -299.38 113.72 68.99
CA VAL A 765 -298.98 114.82 69.87
C VAL A 765 -299.69 116.10 69.48
N ARG A 766 -299.78 116.38 68.17
CA ARG A 766 -300.36 117.63 67.73
C ARG A 766 -301.88 117.65 67.94
N GLU A 767 -302.55 116.51 67.78
CA GLU A 767 -303.99 116.51 68.07
C GLU A 767 -304.25 116.73 69.56
N LEU A 768 -303.44 116.11 70.43
CA LEU A 768 -303.60 116.38 71.86
C LEU A 768 -303.34 117.84 72.19
N GLU A 769 -302.30 118.42 71.58
CA GLU A 769 -301.99 119.83 71.81
C GLU A 769 -303.11 120.73 71.33
N LEU A 770 -303.72 120.39 70.19
CA LEU A 770 -304.84 121.19 69.69
C LEU A 770 -306.02 121.14 70.64
N VAL A 771 -306.33 119.96 71.18
CA VAL A 771 -307.43 119.86 72.14
C VAL A 771 -307.14 120.71 73.38
N TYR A 772 -305.92 120.61 73.89
CA TYR A 772 -305.55 121.40 75.08
C TYR A 772 -305.62 122.89 74.80
N ALA A 773 -305.17 123.32 73.62
CA ALA A 773 -305.23 124.73 73.27
C ALA A 773 -306.65 125.22 73.15
N ARG A 774 -307.55 124.40 72.60
CA ARG A 774 -308.96 124.77 72.54
C ARG A 774 -309.54 124.95 73.93
N ALA A 775 -309.23 124.03 74.85
CA ALA A 775 -309.72 124.17 76.22
C ALA A 775 -309.18 125.44 76.88
N GLN A 776 -307.89 125.72 76.68
CA GLN A 776 -307.30 126.92 77.26
C GLN A 776 -307.94 128.18 76.70
N LEU A 777 -308.22 128.19 75.39
CA LEU A 777 -308.89 129.34 74.78
C LEU A 777 -310.28 129.54 75.37
N GLU A 778 -311.02 128.45 75.57
CA GLU A 778 -312.34 128.56 76.18
C GLU A 778 -312.24 129.16 77.57
N LEU A 779 -311.29 128.67 78.39
CA LEU A 779 -311.13 129.21 79.72
C LEU A 779 -310.76 130.70 79.68
N GLU A 780 -309.85 131.07 78.77
CA GLU A 780 -309.41 132.46 78.68
C GLU A 780 -310.56 133.38 78.31
N VAL A 781 -311.36 132.99 77.31
CA VAL A 781 -312.46 133.86 76.89
C VAL A 781 -313.52 133.93 77.98
N SER A 782 -313.75 132.84 78.71
CA SER A 782 -314.69 132.87 79.82
C SER A 782 -314.25 133.88 80.89
N LYS A 783 -312.97 133.80 81.28
CA LYS A 783 -312.46 134.73 82.29
C LYS A 783 -312.55 136.17 81.79
N ALA A 784 -312.19 136.41 80.52
CA ALA A 784 -312.20 137.76 79.97
C ALA A 784 -313.61 138.32 79.97
N GLN A 785 -314.60 137.54 79.54
CA GLN A 785 -315.96 138.05 79.47
C GLN A 785 -316.53 138.28 80.87
N GLN A 786 -316.20 137.41 81.83
CA GLN A 786 -316.69 137.63 83.19
C GLN A 786 -316.11 138.91 83.79
N LEU A 787 -314.81 139.12 83.62
CA LEU A 787 -314.20 140.35 84.14
C LEU A 787 -314.75 141.58 83.44
N ALA A 788 -314.97 141.49 82.13
CA ALA A 788 -315.58 142.62 81.41
C ALA A 788 -316.96 142.92 81.95
N GLU A 789 -317.77 141.88 82.21
CA GLU A 789 -319.10 142.10 82.75
C GLU A 789 -319.04 142.77 84.11
N VAL A 790 -318.14 142.33 84.98
CA VAL A 790 -318.12 142.91 86.33
C VAL A 790 -317.63 144.36 86.28
N GLU A 791 -316.63 144.66 85.43
CA GLU A 791 -316.16 146.04 85.37
C GLU A 791 -317.21 146.95 84.73
N VAL A 792 -317.93 146.45 83.73
CA VAL A 792 -318.99 147.25 83.11
C VAL A 792 -320.10 147.53 84.13
N LYS A 793 -320.47 146.52 84.91
CA LYS A 793 -321.50 146.72 85.92
C LYS A 793 -321.06 147.74 86.96
N LYS A 794 -319.81 147.65 87.41
CA LYS A 794 -319.30 148.62 88.38
C LYS A 794 -319.31 150.03 87.80
N PHE A 795 -318.87 150.18 86.55
CA PHE A 795 -318.84 151.49 85.92
C PHE A 795 -320.24 152.07 85.79
N LYS A 796 -321.20 151.25 85.40
CA LYS A 796 -322.55 151.76 85.26
C LYS A 796 -323.08 152.19 86.61
N GLN A 797 -322.91 151.33 87.62
CA GLN A 797 -323.41 151.67 88.95
C GLN A 797 -322.80 152.98 89.44
N MET A 798 -321.51 153.16 89.25
CA MET A 798 -320.91 154.39 89.73
C MET A 798 -321.39 155.60 88.95
N THR A 799 -321.48 155.48 87.63
CA THR A 799 -321.94 156.62 86.86
C THR A 799 -323.42 156.93 87.09
N GLU A 800 -324.21 155.94 87.51
CA GLU A 800 -325.58 156.23 87.92
C GLU A 800 -325.61 156.91 89.29
N ALA A 801 -324.76 156.47 90.21
CA ALA A 801 -324.72 157.08 91.54
C ALA A 801 -324.25 158.52 91.46
N ILE A 802 -323.23 158.80 90.65
CA ILE A 802 -322.69 160.15 90.58
C ILE A 802 -323.54 161.06 89.69
N GLY A 803 -324.28 160.51 88.74
CA GLY A 803 -325.12 161.30 87.86
C GLY A 803 -324.37 161.84 86.66
N PRO A 804 -324.91 161.63 85.46
CA PRO A 804 -324.25 162.16 84.25
C PRO A 804 -324.14 163.67 84.24
N SER A 805 -325.12 164.38 84.81
CA SER A 805 -325.05 165.84 84.83
C SER A 805 -323.85 166.34 85.61
N THR A 806 -323.58 165.71 86.77
CA THR A 806 -322.41 166.10 87.55
C THR A 806 -321.11 165.77 86.82
N ILE A 807 -321.04 164.60 86.20
CA ILE A 807 -319.82 164.20 85.49
C ILE A 807 -319.63 165.00 84.21
N ARG A 808 -320.68 165.69 83.75
CA ARG A 808 -320.54 166.52 82.55
C ARG A 808 -319.54 167.64 82.76
N ASP A 809 -319.55 168.27 83.94
CA ASP A 809 -318.67 169.39 84.23
C ASP A 809 -317.69 169.11 85.36
N LEU A 810 -317.74 167.94 85.98
CA LEU A 810 -316.79 167.63 87.05
C LEU A 810 -315.38 167.50 86.50
N ALA A 811 -315.22 166.89 85.33
CA ALA A 811 -313.90 166.74 84.74
C ALA A 811 -313.28 168.05 84.31
N VAL A 812 -314.09 169.10 84.14
CA VAL A 812 -313.59 170.40 83.74
C VAL A 812 -313.82 171.42 84.86
N GLU B 5 5.39 -8.15 -23.53
CA GLU B 5 5.34 -9.60 -23.68
C GLU B 5 5.14 -10.00 -25.14
N PHE B 6 4.17 -9.34 -25.80
CA PHE B 6 3.88 -9.67 -27.19
C PHE B 6 5.07 -9.37 -28.10
N ILE B 7 5.74 -8.25 -27.87
CA ILE B 7 6.86 -7.84 -28.72
C ILE B 7 8.14 -8.43 -28.17
N ILE B 8 8.85 -9.19 -29.01
CA ILE B 8 10.11 -9.82 -28.63
C ILE B 8 11.10 -9.69 -29.78
N ARG B 9 12.03 -8.74 -29.66
CA ARG B 9 13.10 -8.59 -30.63
C ARG B 9 14.36 -9.26 -30.08
N ILE B 10 14.77 -10.36 -30.71
CA ILE B 10 15.93 -11.12 -30.25
C ILE B 10 17.19 -10.44 -30.75
N PRO B 11 18.25 -10.38 -29.95
CA PRO B 11 19.49 -9.72 -30.38
C PRO B 11 20.13 -10.48 -31.52
N PRO B 12 21.06 -9.87 -32.24
CA PRO B 12 21.77 -10.59 -33.31
C PRO B 12 22.49 -11.81 -32.77
N TYR B 13 22.49 -12.88 -33.56
CA TYR B 13 23.06 -14.18 -33.18
C TYR B 13 22.42 -14.71 -31.90
N HIS B 14 21.11 -14.96 -31.98
CA HIS B 14 20.30 -15.47 -30.88
C HIS B 14 19.12 -16.22 -31.48
N TYR B 15 18.28 -16.78 -30.60
CA TYR B 15 17.02 -17.38 -31.05
C TYR B 15 16.06 -17.44 -29.87
N ILE B 16 14.79 -17.73 -30.19
CA ILE B 16 13.77 -18.05 -29.20
C ILE B 16 12.87 -19.13 -29.77
N HIS B 17 12.16 -19.81 -28.88
CA HIS B 17 11.18 -20.82 -29.24
C HIS B 17 9.79 -20.35 -28.84
N VAL B 18 8.86 -20.39 -29.79
CA VAL B 18 7.48 -20.00 -29.56
C VAL B 18 6.59 -21.19 -29.94
N LEU B 19 5.69 -21.56 -29.04
CA LEU B 19 4.83 -22.72 -29.22
C LEU B 19 3.52 -22.32 -29.86
N ASP B 20 3.15 -23.02 -30.93
CA ASP B 20 1.86 -22.82 -31.60
C ASP B 20 0.82 -23.64 -30.85
N GLN B 21 0.11 -22.98 -29.93
CA GLN B 21 -0.85 -23.69 -29.08
C GLN B 21 -2.00 -24.28 -29.87
N ASN B 22 -2.29 -23.74 -31.06
CA ASN B 22 -3.33 -24.33 -31.89
C ASN B 22 -2.87 -25.57 -32.62
N SER B 23 -1.58 -25.89 -32.57
CA SER B 23 -1.06 -27.09 -33.20
C SER B 23 -0.09 -27.86 -32.32
N ASN B 24 0.22 -27.36 -31.12
CA ASN B 24 1.19 -28.00 -30.22
C ASN B 24 2.53 -28.23 -30.92
N VAL B 25 2.97 -27.22 -31.68
CA VAL B 25 4.19 -27.31 -32.46
C VAL B 25 5.11 -26.16 -32.02
N SER B 26 6.36 -26.51 -31.71
CA SER B 26 7.37 -25.53 -31.33
C SER B 26 8.33 -25.30 -32.48
N ARG B 27 8.85 -24.09 -32.56
CA ARG B 27 9.74 -23.68 -33.64
C ARG B 27 10.77 -22.71 -33.09
N VAL B 28 11.85 -22.54 -33.85
CA VAL B 28 12.93 -21.64 -33.48
C VAL B 28 13.10 -20.61 -34.56
N GLU B 29 13.37 -19.36 -34.16
CA GLU B 29 13.54 -18.25 -35.08
C GLU B 29 14.90 -17.62 -34.85
N VAL B 30 15.64 -17.40 -35.93
CA VAL B 30 17.01 -16.89 -35.84
C VAL B 30 17.16 -15.62 -36.67
N GLY B 31 18.31 -14.97 -36.55
CA GLY B 31 18.59 -13.77 -37.29
C GLY B 31 18.27 -12.52 -36.50
N PRO B 32 19.04 -11.45 -36.71
CA PRO B 32 18.79 -10.20 -35.98
C PRO B 32 17.51 -9.52 -36.44
N LYS B 33 16.36 -10.06 -36.05
CA LYS B 33 15.07 -9.58 -36.49
C LYS B 33 14.17 -9.34 -35.29
N THR B 34 13.23 -8.40 -35.47
CA THR B 34 12.20 -8.16 -34.47
C THR B 34 11.03 -9.09 -34.71
N TYR B 35 10.53 -9.70 -33.64
CA TYR B 35 9.49 -10.71 -33.73
C TYR B 35 8.32 -10.34 -32.84
N ILE B 36 7.10 -10.55 -33.35
CA ILE B 36 5.86 -10.31 -32.61
C ILE B 36 5.09 -11.61 -32.57
N ARG B 37 4.71 -12.02 -31.36
CA ARG B 37 3.97 -13.26 -31.19
C ARG B 37 2.48 -13.04 -31.39
N GLN B 38 1.75 -14.14 -31.61
CA GLN B 38 0.31 -14.10 -31.72
C GLN B 38 -0.32 -14.37 -30.35
N ASP B 39 -1.65 -14.26 -30.29
CA ASP B 39 -2.36 -14.49 -29.04
C ASP B 39 -2.26 -15.96 -28.62
N ASN B 40 -2.47 -16.87 -29.57
CA ASN B 40 -2.35 -18.30 -29.25
C ASN B 40 -0.91 -18.69 -29.01
N GLU B 41 0.00 -18.22 -29.86
CA GLU B 41 1.41 -18.58 -29.72
C GLU B 41 2.01 -17.99 -28.46
N ARG B 42 2.83 -18.79 -27.78
CA ARG B 42 3.50 -18.38 -26.55
C ARG B 42 4.98 -18.72 -26.63
N VAL B 43 5.83 -17.73 -26.30
CA VAL B 43 7.26 -17.99 -26.23
C VAL B 43 7.56 -18.78 -24.96
N LEU B 44 8.56 -19.66 -25.02
CA LEU B 44 8.89 -20.51 -23.87
C LEU B 44 9.89 -19.85 -22.92
N PHE B 45 10.92 -19.18 -23.44
CA PHE B 45 11.90 -18.50 -22.60
C PHE B 45 12.50 -17.32 -23.37
N ALA B 46 13.22 -16.47 -22.64
CA ALA B 46 13.86 -15.29 -23.21
C ALA B 46 15.07 -15.69 -24.08
N PRO B 47 15.52 -14.79 -24.96
CA PRO B 47 16.61 -15.15 -25.87
C PRO B 47 17.89 -15.52 -25.12
N MET B 48 18.57 -16.56 -25.63
CA MET B 48 19.91 -16.91 -25.20
C MET B 48 20.75 -17.19 -26.45
N ARG B 49 22.05 -16.92 -26.34
CA ARG B 49 22.90 -16.89 -27.52
C ARG B 49 22.94 -18.24 -28.21
N MET B 50 22.87 -18.22 -29.54
CA MET B 50 22.99 -19.43 -30.33
C MET B 50 24.45 -19.84 -30.42
N VAL B 51 24.72 -21.12 -30.18
CA VAL B 51 26.06 -21.56 -29.78
C VAL B 51 26.92 -21.80 -31.01
N THR B 52 28.18 -21.38 -30.94
CA THR B 52 29.19 -21.69 -31.93
C THR B 52 30.36 -22.41 -31.26
N VAL B 53 30.97 -23.32 -32.01
CA VAL B 53 32.13 -24.06 -31.54
C VAL B 53 33.37 -23.53 -32.28
N PRO B 54 34.43 -23.17 -31.59
CA PRO B 54 35.61 -22.60 -32.26
C PRO B 54 36.40 -23.68 -32.97
N PRO B 55 37.42 -23.31 -33.74
CA PRO B 55 38.32 -24.32 -34.34
C PRO B 55 39.05 -25.11 -33.27
N ARG B 56 39.30 -26.37 -33.62
CA ARG B 56 39.94 -27.44 -32.81
C ARG B 56 39.12 -27.84 -31.62
N HIS B 57 37.85 -27.62 -31.75
CA HIS B 57 36.88 -27.92 -30.71
C HIS B 57 35.73 -28.71 -31.32
N TYR B 58 34.87 -29.23 -30.44
CA TYR B 58 33.69 -29.97 -30.88
C TYR B 58 32.67 -29.96 -29.76
N CYS B 59 31.43 -30.32 -30.11
CA CYS B 59 30.34 -30.40 -29.14
C CYS B 59 29.37 -31.48 -29.60
N THR B 60 28.63 -32.03 -28.63
CA THR B 60 27.67 -33.09 -28.88
C THR B 60 26.29 -32.64 -28.43
N VAL B 61 25.30 -32.79 -29.31
CA VAL B 61 23.92 -32.48 -29.00
C VAL B 61 23.09 -33.73 -29.23
N ALA B 62 22.32 -34.14 -28.22
CA ALA B 62 21.47 -35.30 -28.35
C ALA B 62 20.34 -35.04 -29.34
N ASN B 63 19.85 -36.12 -29.94
CA ASN B 63 18.76 -36.08 -30.91
C ASN B 63 19.12 -35.17 -32.09
N PRO B 64 20.04 -35.59 -32.95
CA PRO B 64 20.51 -34.72 -34.03
C PRO B 64 19.41 -34.44 -35.05
N VAL B 65 19.64 -33.39 -35.83
CA VAL B 65 18.70 -32.96 -36.85
C VAL B 65 18.74 -33.93 -38.02
N SER B 66 17.56 -34.41 -38.44
CA SER B 66 17.47 -35.21 -39.65
C SER B 66 17.49 -34.28 -40.86
N ARG B 67 18.42 -34.52 -41.78
CA ARG B 67 18.64 -33.64 -42.91
C ARG B 67 18.57 -34.44 -44.20
N ASP B 68 18.38 -33.71 -45.31
CA ASP B 68 18.28 -34.32 -46.62
C ASP B 68 19.66 -34.43 -47.27
N ALA B 69 19.70 -34.73 -48.56
CA ALA B 69 20.96 -34.87 -49.26
C ALA B 69 21.74 -33.57 -49.36
N GLN B 70 21.07 -32.43 -49.21
CA GLN B 70 21.72 -31.13 -49.28
C GLN B 70 21.90 -30.48 -47.90
N GLY B 71 21.63 -31.22 -46.83
CA GLY B 71 21.74 -30.67 -45.50
C GLY B 71 20.62 -29.75 -45.09
N LEU B 72 19.57 -29.63 -45.89
CA LEU B 72 18.42 -28.81 -45.52
C LEU B 72 17.56 -29.55 -44.51
N VAL B 73 17.14 -28.83 -43.47
CA VAL B 73 16.40 -29.43 -42.37
C VAL B 73 15.04 -29.90 -42.88
N LEU B 74 14.75 -31.19 -42.70
CA LEU B 74 13.46 -31.73 -43.07
C LEU B 74 12.42 -31.42 -41.98
N PHE B 75 11.21 -31.08 -42.41
CA PHE B 75 10.15 -30.69 -41.51
C PHE B 75 9.00 -31.69 -41.58
N ASP B 76 8.37 -31.93 -40.45
CA ASP B 76 7.26 -32.87 -40.38
C ASP B 76 6.03 -32.28 -41.06
N VAL B 77 5.04 -33.15 -41.32
CA VAL B 77 3.80 -32.71 -41.94
C VAL B 77 3.09 -31.70 -41.04
N THR B 78 3.09 -31.94 -39.74
CA THR B 78 2.47 -31.04 -38.78
C THR B 78 3.32 -29.82 -38.45
N GLY B 79 4.39 -29.59 -39.19
CA GLY B 79 5.27 -28.46 -38.94
C GLY B 79 6.37 -28.71 -37.92
N GLN B 80 6.53 -29.94 -37.46
CA GLN B 80 7.60 -30.25 -36.51
C GLN B 80 8.91 -30.50 -37.26
N VAL B 81 10.00 -30.47 -36.50
CA VAL B 81 11.32 -30.70 -37.07
C VAL B 81 11.65 -32.18 -36.99
N ARG B 82 12.18 -32.73 -38.09
CA ARG B 82 12.55 -34.14 -38.16
C ARG B 82 13.84 -34.35 -37.38
N LEU B 83 13.77 -35.17 -36.34
CA LEU B 83 14.90 -35.47 -35.48
C LEU B 83 15.30 -36.93 -35.61
N ARG B 84 16.38 -37.29 -34.92
CA ARG B 84 16.86 -38.67 -34.83
C ARG B 84 16.94 -39.01 -33.34
N HIS B 85 15.93 -39.73 -32.86
CA HIS B 85 15.79 -39.95 -31.42
C HIS B 85 16.91 -40.83 -30.88
N ALA B 86 17.36 -40.52 -29.66
CA ALA B 86 18.32 -41.34 -28.92
C ALA B 86 19.66 -41.48 -29.66
N ASP B 87 20.05 -40.45 -30.40
CA ASP B 87 21.33 -40.44 -31.11
C ASP B 87 22.15 -39.22 -30.71
N LEU B 88 23.46 -39.35 -30.89
CA LEU B 88 24.40 -38.26 -30.61
C LEU B 88 25.17 -37.94 -31.87
N GLU B 89 25.49 -36.66 -32.06
CA GLU B 89 26.21 -36.19 -33.22
C GLU B 89 27.40 -35.34 -32.80
N ILE B 90 28.48 -35.42 -33.56
CA ILE B 90 29.70 -34.66 -33.31
C ILE B 90 29.73 -33.49 -34.29
N ARG B 91 29.76 -32.27 -33.76
CA ARG B 91 29.78 -31.06 -34.56
C ARG B 91 31.14 -30.39 -34.43
N LEU B 92 31.81 -30.17 -35.55
CA LEU B 92 33.11 -29.52 -35.57
C LEU B 92 32.93 -28.03 -35.86
N ALA B 93 34.04 -27.33 -36.09
CA ALA B 93 33.99 -25.88 -36.24
C ALA B 93 33.21 -25.48 -37.48
N GLN B 94 32.25 -24.57 -37.29
CA GLN B 94 31.42 -24.04 -38.36
C GLN B 94 30.68 -22.81 -37.83
N ASP B 95 29.70 -22.34 -38.60
CA ASP B 95 28.94 -21.17 -38.22
C ASP B 95 28.09 -21.45 -36.99
N PRO B 96 27.63 -20.40 -36.30
CA PRO B 96 26.86 -20.61 -35.06
C PRO B 96 25.47 -21.17 -35.31
N PHE B 97 25.37 -22.50 -35.41
CA PHE B 97 24.08 -23.13 -35.63
C PHE B 97 23.15 -22.89 -34.44
N PRO B 98 21.84 -22.89 -34.65
CA PRO B 98 20.90 -22.80 -33.53
C PRO B 98 20.50 -24.18 -33.02
N LEU B 99 19.98 -24.19 -31.79
CA LEU B 99 19.53 -25.41 -31.14
C LEU B 99 18.03 -25.56 -31.39
N TYR B 100 17.66 -26.62 -32.09
CA TYR B 100 16.26 -26.83 -32.45
C TYR B 100 15.48 -27.36 -31.25
N PRO B 101 14.15 -27.21 -31.24
CA PRO B 101 13.35 -27.77 -30.16
C PRO B 101 13.48 -29.29 -30.09
N GLY B 102 13.43 -29.82 -28.87
CA GLY B 102 13.59 -31.24 -28.66
C GLY B 102 15.01 -31.72 -28.67
N GLU B 103 15.99 -30.83 -28.48
CA GLU B 103 17.39 -31.18 -28.47
C GLU B 103 18.04 -30.71 -27.19
N VAL B 104 18.95 -31.53 -26.65
CA VAL B 104 19.62 -31.27 -25.38
C VAL B 104 21.12 -31.16 -25.64
N LEU B 105 21.72 -30.09 -25.13
CA LEU B 105 23.17 -29.90 -25.20
C LEU B 105 23.79 -30.72 -24.09
N GLU B 106 24.10 -31.98 -24.39
CA GLU B 106 24.61 -32.90 -23.38
C GLU B 106 26.03 -32.52 -22.96
N LYS B 107 26.90 -32.25 -23.92
CA LYS B 107 28.29 -31.90 -23.63
C LYS B 107 28.59 -30.52 -24.17
N ASP B 108 29.34 -29.74 -23.40
CA ASP B 108 29.62 -28.35 -23.73
C ASP B 108 30.72 -28.29 -24.79
N ILE B 109 31.26 -27.09 -25.00
CA ILE B 109 32.31 -26.89 -26.01
C ILE B 109 33.59 -27.52 -25.49
N THR B 110 34.07 -28.57 -26.16
CA THR B 110 35.24 -29.29 -25.68
C THR B 110 36.34 -29.29 -26.73
N PRO B 111 37.60 -29.16 -26.31
CA PRO B 111 38.70 -29.11 -27.27
C PRO B 111 39.00 -30.47 -27.87
N LEU B 112 39.58 -30.45 -29.07
CA LEU B 112 40.07 -31.68 -29.67
C LEU B 112 41.29 -32.18 -28.90
N GLN B 113 41.30 -33.48 -28.58
CA GLN B 113 42.41 -34.04 -27.83
C GLN B 113 43.62 -34.21 -28.74
N VAL B 114 44.78 -33.79 -28.27
CA VAL B 114 46.03 -33.89 -29.01
C VAL B 114 46.85 -35.03 -28.42
N VAL B 115 47.33 -35.91 -29.28
CA VAL B 115 48.09 -37.08 -28.87
C VAL B 115 49.58 -36.73 -28.94
N LEU B 116 50.27 -36.89 -27.82
CA LEU B 116 51.71 -36.66 -27.78
C LEU B 116 52.41 -37.73 -28.62
N PRO B 117 53.65 -37.46 -29.07
CA PRO B 117 54.39 -38.50 -29.80
C PRO B 117 54.80 -39.63 -28.87
N ASN B 118 55.02 -40.80 -29.44
CA ASN B 118 55.24 -42.04 -28.69
C ASN B 118 54.09 -42.30 -27.72
N THR B 119 52.86 -42.07 -28.19
CA THR B 119 51.66 -42.28 -27.40
C THR B 119 50.56 -42.81 -28.32
N ALA B 120 49.62 -43.55 -27.74
CA ALA B 120 48.54 -44.15 -28.51
C ALA B 120 47.24 -44.06 -27.72
N LEU B 121 46.14 -44.10 -28.45
CA LEU B 121 44.80 -44.06 -27.87
C LEU B 121 44.14 -45.43 -28.04
N HIS B 122 43.57 -45.93 -26.95
CA HIS B 122 42.84 -47.19 -26.95
C HIS B 122 41.36 -46.90 -27.13
N LEU B 123 40.79 -47.40 -28.23
CA LEU B 123 39.39 -47.13 -28.57
C LEU B 123 38.65 -48.43 -28.77
N LYS B 124 37.41 -48.48 -28.29
CA LYS B 124 36.54 -49.64 -28.46
C LYS B 124 35.33 -49.24 -29.29
N ALA B 125 35.00 -50.08 -30.28
CA ALA B 125 33.85 -49.83 -31.14
C ALA B 125 32.58 -50.17 -30.38
N LEU B 126 31.84 -49.14 -29.95
CA LEU B 126 30.62 -49.37 -29.19
C LEU B 126 29.57 -50.09 -30.03
N LEU B 127 29.29 -49.59 -31.22
CA LEU B 127 28.28 -50.15 -32.10
C LEU B 127 28.91 -50.50 -33.44
N ASP B 128 28.33 -51.48 -34.11
CA ASP B 128 28.81 -51.89 -35.43
C ASP B 128 28.65 -50.73 -36.41
N PHE B 129 29.70 -50.48 -37.18
CA PHE B 129 29.68 -49.40 -38.17
C PHE B 129 30.71 -49.74 -39.25
N GLU B 130 30.98 -48.76 -40.13
CA GLU B 130 31.94 -48.92 -41.21
C GLU B 130 32.86 -47.72 -41.20
N ASP B 131 34.14 -47.96 -40.89
CA ASP B 131 35.12 -46.88 -40.86
C ASP B 131 35.44 -46.41 -42.27
N LYS B 132 36.00 -45.20 -42.36
CA LYS B 132 36.32 -44.62 -43.67
C LYS B 132 37.37 -45.44 -44.42
N ASP B 133 38.14 -46.27 -43.72
CA ASP B 133 39.15 -47.08 -44.41
C ASP B 133 38.51 -48.08 -45.36
N GLY B 134 37.41 -48.70 -44.95
CA GLY B 134 36.73 -49.67 -45.78
C GLY B 134 36.54 -51.01 -45.12
N ASP B 135 36.61 -51.05 -43.80
CA ASP B 135 36.49 -52.28 -43.03
C ASP B 135 35.22 -52.26 -42.19
N LYS B 136 34.58 -53.43 -42.07
CA LYS B 136 33.39 -53.58 -41.25
C LYS B 136 33.82 -53.68 -39.80
N VAL B 137 33.75 -52.57 -39.07
CA VAL B 137 34.17 -52.51 -37.68
C VAL B 137 33.02 -53.05 -36.83
N VAL B 138 33.08 -54.34 -36.49
CA VAL B 138 32.05 -54.93 -35.66
C VAL B 138 32.16 -54.38 -34.24
N ALA B 139 31.03 -54.33 -33.54
CA ALA B 139 31.01 -53.83 -32.17
C ALA B 139 31.86 -54.70 -31.27
N GLY B 140 32.54 -54.05 -30.32
CA GLY B 140 33.45 -54.72 -29.42
C GLY B 140 34.89 -54.77 -29.89
N ASP B 141 35.17 -54.35 -31.12
CA ASP B 141 36.53 -54.33 -31.62
C ASP B 141 37.38 -53.30 -30.88
N GLU B 142 38.67 -53.58 -30.78
CA GLU B 142 39.61 -52.72 -30.09
C GLU B 142 40.47 -51.96 -31.11
N TRP B 143 40.72 -50.70 -30.83
CA TRP B 143 41.44 -49.82 -31.74
C TRP B 143 42.71 -49.29 -31.09
N LEU B 144 43.80 -49.29 -31.86
CA LEU B 144 45.07 -48.71 -31.45
C LEU B 144 45.38 -47.56 -32.41
N PHE B 145 45.06 -46.33 -31.99
CA PHE B 145 45.34 -45.13 -32.77
C PHE B 145 46.51 -44.43 -32.11
N GLU B 146 47.61 -44.28 -32.86
CA GLU B 146 48.82 -43.67 -32.36
C GLU B 146 49.28 -42.55 -33.27
N GLY B 147 50.28 -41.80 -32.80
CA GLY B 147 50.85 -40.72 -33.58
C GLY B 147 50.84 -39.41 -32.83
N PRO B 148 51.62 -38.44 -33.32
CA PRO B 148 51.63 -37.11 -32.72
C PRO B 148 50.48 -36.21 -33.15
N GLY B 149 49.51 -36.73 -33.89
CA GLY B 149 48.39 -35.95 -34.37
C GLY B 149 47.27 -35.84 -33.36
N THR B 150 46.13 -35.35 -33.84
CA THR B 150 44.93 -35.18 -33.04
C THR B 150 43.83 -36.10 -33.55
N TYR B 151 43.01 -36.57 -32.61
CA TYR B 151 41.94 -37.52 -32.92
C TYR B 151 40.60 -36.80 -32.92
N ILE B 152 39.87 -36.92 -34.03
CA ILE B 152 38.50 -36.42 -34.10
C ILE B 152 37.58 -37.47 -33.48
N PRO B 153 36.63 -37.07 -32.64
CA PRO B 153 35.81 -38.03 -31.91
C PRO B 153 34.77 -38.68 -32.83
N ARG B 154 33.98 -39.58 -32.25
CA ARG B 154 32.92 -40.26 -32.96
C ARG B 154 31.89 -40.76 -31.94
N LYS B 155 30.65 -40.89 -32.39
CA LYS B 155 29.58 -41.31 -31.50
C LYS B 155 29.69 -42.78 -31.13
N GLU B 156 29.94 -43.64 -32.12
CA GLU B 156 29.95 -45.08 -31.93
C GLU B 156 31.33 -45.63 -31.60
N VAL B 157 32.33 -44.77 -31.42
CA VAL B 157 33.67 -45.18 -31.02
C VAL B 157 33.97 -44.52 -29.67
N GLU B 158 34.30 -45.34 -28.67
CA GLU B 158 34.55 -44.86 -27.32
C GLU B 158 36.04 -45.00 -27.00
N VAL B 159 36.64 -43.93 -26.48
CA VAL B 159 38.01 -44.00 -26.03
C VAL B 159 38.07 -44.76 -24.71
N VAL B 160 38.98 -45.74 -24.63
CA VAL B 160 39.10 -46.57 -23.44
C VAL B 160 40.08 -45.93 -22.48
N GLU B 161 41.33 -45.77 -22.93
CA GLU B 161 42.37 -45.17 -22.10
C GLU B 161 43.46 -44.65 -23.01
N ILE B 162 44.32 -43.81 -22.45
CA ILE B 162 45.49 -43.29 -23.13
C ILE B 162 46.70 -44.11 -22.69
N ILE B 163 47.41 -44.69 -23.65
CA ILE B 163 48.52 -45.59 -23.37
C ILE B 163 49.81 -44.99 -23.90
N GLN B 164 50.91 -45.28 -23.21
CA GLN B 164 52.22 -44.72 -23.52
C GLN B 164 53.18 -45.84 -23.89
N ALA B 165 53.99 -45.60 -24.92
CA ALA B 165 54.96 -46.58 -25.36
C ALA B 165 56.08 -46.72 -24.32
N THR B 166 56.80 -47.83 -24.43
CA THR B 166 57.91 -48.15 -23.53
C THR B 166 59.23 -48.08 -24.28
N ILE B 167 60.21 -47.44 -23.66
CA ILE B 167 61.52 -47.27 -24.27
C ILE B 167 62.36 -48.52 -23.97
N ILE B 168 62.91 -49.12 -25.03
CA ILE B 168 63.79 -50.28 -24.91
C ILE B 168 65.19 -49.81 -25.29
N ARG B 169 66.12 -49.86 -24.35
CA ARG B 169 67.47 -49.41 -24.60
C ARG B 169 68.37 -50.55 -25.07
N GLN B 170 69.67 -50.30 -25.12
CA GLN B 170 70.62 -51.30 -25.57
C GLN B 170 70.70 -52.45 -24.57
N ASN B 171 70.87 -53.67 -25.09
CA ASN B 171 71.00 -54.87 -24.27
C ASN B 171 69.81 -55.04 -23.33
N GLN B 172 68.60 -54.91 -23.88
CA GLN B 172 67.39 -55.03 -23.09
C GLN B 172 66.30 -55.71 -23.93
N ALA B 173 65.29 -56.21 -23.23
CA ALA B 173 64.14 -56.83 -23.87
C ALA B 173 62.91 -56.58 -23.00
N LEU B 174 61.74 -56.70 -23.61
CA LEU B 174 60.48 -56.45 -22.94
C LEU B 174 59.63 -57.71 -22.96
N ARG B 175 59.03 -58.02 -21.81
CA ARG B 175 58.15 -59.17 -21.67
C ARG B 175 56.70 -58.73 -21.77
N LEU B 176 55.96 -59.32 -22.70
CA LEU B 176 54.56 -58.96 -22.90
C LEU B 176 53.78 -60.22 -23.22
N ARG B 177 52.70 -60.46 -22.47
CA ARG B 177 51.87 -61.63 -22.68
C ARG B 177 50.63 -61.27 -23.49
N ALA B 178 50.07 -62.28 -24.15
CA ALA B 178 48.90 -62.11 -24.99
C ALA B 178 47.63 -62.21 -24.13
N ARG B 179 46.77 -61.19 -24.22
CA ARG B 179 45.49 -61.20 -23.54
C ARG B 179 44.46 -62.05 -24.26
N LYS B 180 44.74 -62.47 -25.49
CA LYS B 180 43.79 -63.18 -26.34
C LYS B 180 44.55 -63.74 -27.52
N GLU B 181 44.01 -64.82 -28.11
CA GLU B 181 44.56 -65.39 -29.33
C GLU B 181 44.76 -64.31 -30.37
N CYS B 182 46.02 -64.10 -30.77
CA CYS B 182 46.37 -62.95 -31.59
C CYS B 182 47.66 -63.27 -32.35
N TRP B 183 48.23 -62.24 -32.98
CA TRP B 183 49.48 -62.33 -33.70
C TRP B 183 50.40 -61.21 -33.23
N ASP B 184 51.69 -61.49 -33.14
CA ASP B 184 52.65 -60.48 -32.73
C ASP B 184 53.09 -59.67 -33.95
N ARG B 185 53.95 -58.67 -33.71
CA ARG B 185 54.45 -57.84 -34.80
C ARG B 185 55.40 -58.59 -35.72
N ASP B 186 55.95 -59.72 -35.27
CA ASP B 186 56.82 -60.53 -36.11
C ASP B 186 56.04 -61.51 -36.98
N GLY B 187 54.74 -61.68 -36.74
CA GLY B 187 53.93 -62.58 -37.52
C GLY B 187 53.91 -64.00 -36.99
N LYS B 188 53.71 -64.14 -35.68
CA LYS B 188 53.66 -65.45 -35.04
C LYS B 188 52.43 -65.51 -34.14
N GLU B 189 51.72 -66.64 -34.22
CA GLU B 189 50.51 -66.82 -33.44
C GLU B 189 50.84 -66.98 -31.95
N ARG B 190 50.03 -66.38 -31.10
CA ARG B 190 50.21 -66.42 -29.65
C ARG B 190 48.89 -66.78 -28.99
N VAL B 191 48.91 -67.82 -28.16
CA VAL B 191 47.71 -68.26 -27.44
C VAL B 191 47.48 -67.34 -26.26
N THR B 192 46.30 -67.44 -25.65
CA THR B 192 46.00 -66.64 -24.46
C THR B 192 46.96 -67.00 -23.33
N GLY B 193 47.53 -65.96 -22.70
CA GLY B 193 48.46 -66.14 -21.61
C GLY B 193 49.88 -66.47 -22.01
N GLU B 194 50.14 -66.71 -23.29
CA GLU B 194 51.50 -66.99 -23.75
C GLU B 194 52.35 -65.72 -23.65
N GLU B 195 53.60 -65.90 -23.23
CA GLU B 195 54.54 -64.81 -23.07
C GLU B 195 55.72 -64.98 -24.01
N TRP B 196 56.29 -63.86 -24.43
CA TRP B 196 57.44 -63.85 -25.33
C TRP B 196 58.23 -62.57 -25.08
N LEU B 197 59.25 -62.35 -25.89
CA LEU B 197 60.16 -61.22 -25.72
C LEU B 197 60.31 -60.47 -27.03
N VAL B 198 60.55 -59.17 -26.93
CA VAL B 198 60.82 -58.30 -28.07
C VAL B 198 62.16 -57.62 -27.84
N THR B 199 63.01 -57.64 -28.85
CA THR B 199 64.38 -57.14 -28.75
C THR B 199 64.65 -56.04 -29.77
N THR B 200 63.71 -55.10 -29.89
CA THR B 200 63.87 -53.95 -30.78
C THR B 200 64.19 -52.72 -29.94
N VAL B 201 65.31 -52.07 -30.24
CA VAL B 201 65.78 -50.94 -29.44
C VAL B 201 64.95 -49.72 -29.77
N GLY B 202 64.66 -48.91 -28.75
CA GLY B 202 63.90 -47.68 -28.94
C GLY B 202 62.55 -47.70 -28.24
N ALA B 203 61.65 -46.84 -28.67
CA ALA B 203 60.31 -46.79 -28.09
C ALA B 203 59.44 -47.88 -28.71
N TYR B 204 58.90 -48.75 -27.87
CA TYR B 204 58.05 -49.84 -28.31
C TYR B 204 56.63 -49.61 -27.81
N LEU B 205 55.68 -49.60 -28.73
CA LEU B 205 54.29 -49.34 -28.40
C LEU B 205 53.56 -50.65 -28.13
N PRO B 206 53.02 -50.87 -26.93
CA PRO B 206 52.26 -52.09 -26.68
C PRO B 206 50.98 -52.12 -27.52
N ALA B 207 50.56 -53.33 -27.88
CA ALA B 207 49.32 -53.50 -28.61
C ALA B 207 48.13 -53.52 -27.64
N VAL B 208 46.93 -53.68 -28.20
CA VAL B 208 45.73 -53.70 -27.37
C VAL B 208 45.65 -54.97 -26.54
N PHE B 209 46.03 -56.11 -27.12
CA PHE B 209 45.90 -57.41 -26.47
C PHE B 209 47.22 -57.92 -25.90
N GLU B 210 48.24 -57.08 -25.80
CA GLU B 210 49.55 -57.48 -25.32
C GLU B 210 49.86 -56.73 -24.02
N GLU B 211 49.61 -57.38 -22.89
CA GLU B 211 49.89 -56.80 -21.59
C GLU B 211 51.40 -56.75 -21.37
N VAL B 212 51.94 -55.54 -21.19
CA VAL B 212 53.36 -55.37 -20.94
C VAL B 212 53.61 -55.52 -19.45
N LEU B 213 54.52 -56.42 -19.08
CA LEU B 213 54.78 -56.73 -17.68
C LEU B 213 56.02 -56.02 -17.14
N ASP B 214 57.18 -56.26 -17.75
CA ASP B 214 58.42 -55.69 -17.23
C ASP B 214 59.50 -55.75 -18.30
N LEU B 215 60.55 -54.98 -18.08
CA LEU B 215 61.72 -54.97 -18.97
C LEU B 215 62.71 -56.03 -18.52
N VAL B 216 63.35 -56.68 -19.48
CA VAL B 216 64.34 -57.72 -19.22
C VAL B 216 65.68 -57.24 -19.79
N ASP B 217 66.71 -57.29 -18.96
CA ASP B 217 68.04 -56.83 -19.34
C ASP B 217 68.98 -58.03 -19.47
N ALA B 218 69.87 -57.97 -20.45
CA ALA B 218 70.81 -59.06 -20.69
C ALA B 218 71.83 -59.16 -19.56
N VAL B 219 72.53 -60.29 -19.53
CA VAL B 219 73.56 -60.56 -18.53
C VAL B 219 74.91 -60.56 -19.22
N ILE B 220 75.84 -59.75 -18.72
CA ILE B 220 77.17 -59.64 -19.31
C ILE B 220 78.01 -60.81 -18.82
N LEU B 221 78.61 -61.55 -19.76
CA LEU B 221 79.39 -62.74 -19.47
C LEU B 221 80.88 -62.42 -19.63
N THR B 222 81.55 -62.21 -18.49
CA THR B 222 82.99 -62.05 -18.49
C THR B 222 83.66 -63.43 -18.53
N GLU B 223 84.96 -63.43 -18.84
CA GLU B 223 85.70 -64.69 -18.96
C GLU B 223 85.79 -65.45 -17.64
N LYS B 224 85.50 -64.79 -16.52
CA LYS B 224 85.54 -65.41 -15.21
C LYS B 224 84.14 -65.83 -14.72
N THR B 225 83.14 -65.72 -15.59
CA THR B 225 81.76 -65.98 -15.19
C THR B 225 81.03 -66.73 -16.29
N ALA B 226 79.99 -67.45 -15.91
CA ALA B 226 79.13 -68.18 -16.83
C ALA B 226 77.71 -68.18 -16.29
N LEU B 227 76.76 -68.43 -17.19
CA LEU B 227 75.34 -68.37 -16.85
C LEU B 227 74.77 -69.79 -16.77
N HIS B 228 74.07 -70.07 -15.68
CA HIS B 228 73.46 -71.37 -15.43
C HIS B 228 71.97 -71.27 -15.73
N LEU B 229 71.51 -72.07 -16.70
CA LEU B 229 70.14 -71.98 -17.20
C LEU B 229 69.48 -73.34 -17.17
N ARG B 230 68.26 -73.41 -16.65
CA ARG B 230 67.43 -74.59 -16.70
C ARG B 230 66.24 -74.33 -17.59
N ALA B 231 66.01 -75.21 -18.57
CA ALA B 231 64.90 -75.04 -19.50
C ALA B 231 63.56 -75.19 -18.78
N ARG B 232 62.60 -74.35 -19.17
CA ARG B 232 61.26 -74.42 -18.63
C ARG B 232 60.34 -75.30 -19.46
N ARG B 233 60.65 -75.48 -20.74
CA ARG B 233 59.89 -76.36 -21.62
C ARG B 233 60.77 -76.65 -22.84
N ASN B 234 60.27 -77.50 -23.72
CA ASN B 234 61.01 -77.82 -24.95
C ASN B 234 61.05 -76.60 -25.86
N PHE B 235 62.24 -76.25 -26.32
CA PHE B 235 62.41 -75.09 -27.19
C PHE B 235 63.77 -75.20 -27.89
N ARG B 236 64.14 -74.14 -28.60
CA ARG B 236 65.46 -74.02 -29.22
C ARG B 236 66.05 -72.68 -28.85
N ASP B 237 67.28 -72.70 -28.34
CA ASP B 237 67.93 -71.49 -27.86
C ASP B 237 68.57 -70.73 -29.02
N PHE B 238 69.37 -69.72 -28.69
CA PHE B 238 69.95 -68.88 -29.74
C PHE B 238 70.97 -69.63 -30.57
N ARG B 239 71.76 -70.51 -29.95
CA ARG B 239 72.75 -71.28 -30.72
C ARG B 239 72.07 -72.25 -31.68
N GLY B 240 70.83 -72.65 -31.41
CA GLY B 240 70.12 -73.53 -32.31
C GLY B 240 70.20 -75.00 -31.94
N VAL B 241 70.09 -75.30 -30.65
CA VAL B 241 70.06 -76.68 -30.16
C VAL B 241 68.81 -76.86 -29.32
N SER B 242 68.13 -78.00 -29.53
CA SER B 242 66.89 -78.26 -28.84
C SER B 242 67.13 -78.59 -27.37
N ARG B 243 66.12 -78.31 -26.55
CA ARG B 243 66.18 -78.56 -25.11
C ARG B 243 64.96 -79.35 -24.66
N ARG B 244 65.06 -79.81 -23.43
CA ARG B 244 64.04 -80.58 -22.81
C ARG B 244 63.70 -79.94 -21.49
N THR B 245 62.53 -80.21 -20.97
CA THR B 245 62.13 -79.60 -19.70
C THR B 245 63.03 -80.09 -18.58
N GLY B 246 63.44 -79.17 -17.71
CA GLY B 246 64.31 -79.48 -16.59
C GLY B 246 65.78 -79.59 -16.92
N GLU B 247 66.14 -79.74 -18.18
CA GLU B 247 67.53 -79.85 -18.57
C GLU B 247 68.27 -78.55 -18.29
N GLU B 248 69.49 -78.66 -17.78
CA GLU B 248 70.31 -77.51 -17.45
C GLU B 248 71.59 -77.52 -18.28
N TRP B 249 72.12 -76.32 -18.51
CA TRP B 249 73.34 -76.16 -19.29
C TRP B 249 74.00 -74.84 -18.89
N LEU B 250 75.15 -74.56 -19.50
CA LEU B 250 75.92 -73.35 -19.21
C LEU B 250 76.10 -72.54 -20.48
N VAL B 251 76.13 -71.22 -20.31
CA VAL B 251 76.40 -70.27 -21.40
C VAL B 251 77.64 -69.49 -21.03
N THR B 252 78.61 -69.46 -21.92
CA THR B 252 79.92 -68.85 -21.68
C THR B 252 80.17 -67.73 -22.68
N VAL B 253 81.33 -67.08 -22.52
CA VAL B 253 81.70 -65.97 -23.39
C VAL B 253 81.87 -66.45 -24.84
N GLN B 254 82.24 -67.71 -25.04
CA GLN B 254 82.40 -68.23 -26.39
C GLN B 254 81.09 -68.30 -27.15
N ASP B 255 79.95 -68.16 -26.47
CA ASP B 255 78.66 -68.13 -27.14
C ASP B 255 78.23 -66.68 -27.42
N THR B 256 78.08 -65.88 -26.37
CA THR B 256 77.68 -64.49 -26.49
C THR B 256 78.37 -63.67 -25.41
N GLU B 257 78.74 -62.44 -25.76
CA GLU B 257 79.24 -61.51 -24.75
C GLU B 257 78.17 -61.16 -23.73
N ALA B 258 76.93 -60.97 -24.19
CA ALA B 258 75.80 -60.72 -23.32
C ALA B 258 74.63 -61.59 -23.76
N HIS B 259 73.99 -62.23 -22.80
CA HIS B 259 72.86 -63.11 -23.07
C HIS B 259 71.64 -62.63 -22.28
N VAL B 260 70.51 -62.55 -22.97
CA VAL B 260 69.26 -62.11 -22.34
C VAL B 260 68.50 -63.35 -21.87
N PRO B 261 68.07 -63.40 -20.60
CA PRO B 261 67.34 -64.57 -20.12
C PRO B 261 66.02 -64.77 -20.84
N ASP B 262 65.93 -65.86 -21.60
CA ASP B 262 64.71 -66.16 -22.34
C ASP B 262 63.60 -66.59 -21.39
N VAL B 263 62.36 -66.43 -21.86
CA VAL B 263 61.22 -66.88 -21.07
C VAL B 263 61.21 -68.40 -20.92
N HIS B 264 61.69 -69.12 -21.92
CA HIS B 264 61.78 -70.57 -21.87
C HIS B 264 62.98 -71.06 -21.06
N GLU B 265 63.69 -70.15 -20.40
CA GLU B 265 64.87 -70.47 -19.60
C GLU B 265 64.70 -69.90 -18.20
N GLU B 266 65.43 -70.48 -17.25
CA GLU B 266 65.39 -70.05 -15.86
C GLU B 266 66.80 -69.75 -15.39
N VAL B 267 66.98 -68.59 -14.78
CA VAL B 267 68.29 -68.17 -14.28
C VAL B 267 68.51 -68.81 -12.92
N LEU B 268 69.44 -69.74 -12.84
CA LEU B 268 69.74 -70.42 -11.58
C LEU B 268 70.85 -69.74 -10.81
N GLY B 269 71.75 -69.04 -11.49
CA GLY B 269 72.83 -68.32 -10.85
C GLY B 269 74.01 -68.16 -11.78
N VAL B 270 74.91 -67.28 -11.40
CA VAL B 270 76.14 -67.04 -12.14
C VAL B 270 77.22 -67.97 -11.59
N VAL B 271 77.88 -68.70 -12.48
CA VAL B 271 78.86 -69.71 -12.08
C VAL B 271 80.26 -69.09 -12.23
N PRO B 272 80.96 -68.80 -11.14
CA PRO B 272 82.33 -68.30 -11.27
C PRO B 272 83.28 -69.37 -11.77
N ILE B 273 84.34 -68.94 -12.43
CA ILE B 273 85.31 -69.88 -12.97
C ILE B 273 86.12 -70.50 -11.82
N THR B 274 86.58 -71.73 -12.04
CA THR B 274 87.48 -72.41 -11.12
C THR B 274 88.84 -72.49 -11.80
N THR B 275 89.83 -71.79 -11.24
CA THR B 275 91.16 -71.72 -11.83
C THR B 275 92.17 -72.40 -10.90
N LEU B 276 93.01 -73.25 -11.48
CA LEU B 276 94.02 -74.00 -10.75
C LEU B 276 95.39 -73.57 -11.20
N GLY B 277 96.26 -73.26 -10.25
CA GLY B 277 97.64 -72.98 -10.54
C GLY B 277 98.40 -74.24 -10.87
N PRO B 278 99.66 -74.05 -11.29
CA PRO B 278 100.51 -75.22 -11.59
C PRO B 278 100.77 -76.08 -10.36
N HIS B 279 100.55 -75.56 -9.16
CA HIS B 279 100.78 -76.29 -7.92
C HIS B 279 99.47 -76.70 -7.25
N ASN B 280 98.40 -76.89 -8.04
CA ASN B 280 97.09 -77.17 -7.49
C ASN B 280 96.44 -78.32 -8.25
N TYR B 281 95.54 -79.01 -7.56
CA TYR B 281 94.73 -80.07 -8.15
C TYR B 281 93.39 -80.10 -7.44
N CYS B 282 92.43 -80.78 -8.07
CA CYS B 282 91.10 -80.89 -7.50
C CYS B 282 90.43 -82.15 -7.99
N VAL B 283 89.38 -82.57 -7.28
CA VAL B 283 88.59 -83.75 -7.61
C VAL B 283 87.17 -83.31 -7.90
N ILE B 284 86.65 -83.71 -9.06
CA ILE B 284 85.31 -83.31 -9.50
C ILE B 284 84.36 -84.45 -9.21
N LEU B 285 83.41 -84.21 -8.31
CA LEU B 285 82.36 -85.19 -8.02
C LEU B 285 81.35 -85.22 -9.16
N ASP B 286 81.03 -86.43 -9.62
CA ASP B 286 80.06 -86.65 -10.69
C ASP B 286 80.45 -85.89 -11.95
N PRO B 287 81.56 -86.25 -12.60
CA PRO B 287 81.97 -85.55 -13.81
C PRO B 287 81.03 -85.82 -14.97
N VAL B 288 80.98 -84.88 -15.90
CA VAL B 288 80.17 -85.01 -17.10
C VAL B 288 80.94 -85.84 -18.12
N GLY B 289 80.32 -86.93 -18.57
CA GLY B 289 80.95 -87.83 -19.50
C GLY B 289 80.78 -87.41 -20.95
N PRO B 290 81.19 -88.27 -21.88
CA PRO B 290 81.05 -87.95 -23.30
C PRO B 290 79.60 -87.75 -23.73
N ASP B 291 78.64 -88.38 -23.06
CA ASP B 291 77.23 -88.28 -23.41
C ASP B 291 76.57 -87.04 -22.85
N GLY B 292 77.28 -86.23 -22.07
CA GLY B 292 76.71 -85.05 -21.48
C GLY B 292 75.92 -85.28 -20.21
N LYS B 293 75.90 -86.51 -19.72
CA LYS B 293 75.20 -86.80 -18.48
C LYS B 293 76.23 -87.02 -17.40
N ASN B 294 75.88 -86.67 -16.17
CA ASN B 294 76.79 -86.84 -15.06
C ASN B 294 77.03 -88.31 -14.77
N GLN B 295 78.29 -88.67 -14.56
CA GLN B 295 78.67 -90.01 -14.12
C GLN B 295 78.57 -90.04 -12.61
N LEU B 296 77.38 -90.34 -12.10
CA LEU B 296 77.14 -90.30 -10.67
C LEU B 296 77.96 -91.37 -9.95
N GLY B 297 78.53 -90.98 -8.81
CA GLY B 297 79.35 -91.88 -8.02
C GLY B 297 80.83 -91.80 -8.30
N GLN B 298 81.21 -91.67 -9.58
CA GLN B 298 82.62 -91.63 -9.95
C GLN B 298 83.22 -90.26 -9.61
N LYS B 299 84.52 -90.13 -9.85
CA LYS B 299 85.25 -88.89 -9.60
C LYS B 299 86.30 -88.70 -10.69
N ARG B 300 86.69 -87.44 -10.88
CA ARG B 300 87.72 -87.11 -11.86
C ARG B 300 88.73 -86.19 -11.18
N VAL B 301 90.02 -86.44 -11.43
CA VAL B 301 91.10 -85.67 -10.83
C VAL B 301 91.66 -84.74 -11.90
N VAL B 302 91.68 -83.45 -11.60
CA VAL B 302 92.18 -82.42 -12.51
C VAL B 302 93.41 -81.79 -11.88
N LYS B 303 94.50 -81.73 -12.65
CA LYS B 303 95.77 -81.24 -12.16
C LYS B 303 96.38 -80.26 -13.16
N GLY B 304 97.20 -79.35 -12.66
CA GLY B 304 97.95 -78.44 -13.49
C GLY B 304 97.29 -77.08 -13.59
N GLU B 305 97.83 -76.27 -14.50
CA GLU B 305 97.30 -74.95 -14.79
C GLU B 305 96.09 -75.11 -15.70
N LYS B 306 94.90 -75.05 -15.13
CA LYS B 306 93.68 -75.24 -15.89
C LYS B 306 92.58 -74.36 -15.32
N SER B 307 91.74 -73.83 -16.20
CA SER B 307 90.58 -73.02 -15.82
C SER B 307 89.35 -73.63 -16.46
N PHE B 308 88.30 -73.81 -15.65
CA PHE B 308 87.08 -74.46 -16.13
C PHE B 308 85.92 -74.03 -15.25
N PHE B 309 84.72 -74.33 -15.73
CA PHE B 309 83.49 -74.05 -15.01
C PHE B 309 82.89 -75.36 -14.51
N LEU B 310 82.40 -75.35 -13.27
CA LEU B 310 81.73 -76.52 -12.70
C LEU B 310 80.38 -76.68 -13.39
N GLN B 311 80.30 -77.63 -14.31
CA GLN B 311 79.08 -77.86 -15.05
C GLN B 311 77.98 -78.33 -14.09
N PRO B 312 76.71 -78.13 -14.46
CA PRO B 312 75.60 -78.50 -13.56
C PRO B 312 75.67 -79.96 -13.17
N GLY B 313 75.67 -80.21 -11.86
CA GLY B 313 75.83 -81.54 -11.33
C GLY B 313 77.21 -81.78 -10.74
N GLU B 314 78.23 -81.25 -11.40
CA GLU B 314 79.60 -81.41 -10.93
C GLU B 314 79.83 -80.63 -9.64
N GLN B 315 80.80 -81.10 -8.86
CA GLN B 315 81.10 -80.51 -7.57
C GLN B 315 82.50 -80.91 -7.15
N LEU B 316 83.19 -80.01 -6.46
CA LEU B 316 84.52 -80.31 -5.95
C LEU B 316 84.42 -81.12 -4.66
N GLU B 317 85.28 -82.14 -4.56
CA GLU B 317 85.24 -83.01 -3.40
C GLU B 317 85.58 -82.25 -2.11
N GLN B 318 86.65 -81.45 -2.16
CA GLN B 318 87.05 -80.67 -0.99
C GLN B 318 87.48 -79.26 -1.35
N GLY B 319 87.50 -78.88 -2.62
CA GLY B 319 87.92 -77.58 -3.05
C GLY B 319 89.20 -77.63 -3.87
N ILE B 320 89.93 -76.52 -3.83
CA ILE B 320 91.21 -76.43 -4.52
C ILE B 320 92.29 -76.95 -3.56
N GLN B 321 93.03 -77.96 -3.99
CA GLN B 321 94.05 -78.60 -3.18
C GLN B 321 95.41 -78.47 -3.85
N ASP B 322 96.45 -78.47 -3.04
CA ASP B 322 97.83 -78.34 -3.51
C ASP B 322 98.47 -79.71 -3.60
N VAL B 323 99.24 -79.92 -4.68
CA VAL B 323 99.88 -81.21 -4.91
C VAL B 323 100.96 -81.46 -3.86
N TYR B 324 101.33 -82.73 -3.71
CA TYR B 324 102.40 -83.13 -2.80
C TYR B 324 103.74 -83.02 -3.51
N VAL B 325 104.54 -82.04 -3.11
CA VAL B 325 105.92 -81.89 -3.58
C VAL B 325 106.83 -82.36 -2.46
N LEU B 326 107.68 -83.35 -2.76
CA LEU B 326 108.49 -84.01 -1.76
C LEU B 326 109.96 -83.92 -2.13
N SER B 327 110.80 -83.78 -1.10
CA SER B 327 112.24 -83.85 -1.25
C SER B 327 112.69 -85.30 -1.08
N GLU B 328 114.02 -85.51 -1.09
CA GLU B 328 114.53 -86.85 -0.86
C GLU B 328 114.55 -87.23 0.61
N GLN B 329 114.34 -86.27 1.51
CA GLN B 329 114.18 -86.53 2.93
C GLN B 329 112.72 -86.72 3.33
N GLN B 330 111.81 -86.73 2.36
CA GLN B 330 110.39 -86.86 2.63
C GLN B 330 109.83 -88.03 1.84
N GLY B 331 108.72 -88.58 2.33
CA GLY B 331 108.10 -89.72 1.68
C GLY B 331 106.64 -89.82 2.03
N LEU B 332 105.92 -90.59 1.22
CA LEU B 332 104.48 -90.76 1.36
C LEU B 332 104.16 -92.25 1.42
N LEU B 333 103.52 -92.67 2.50
CA LEU B 333 102.94 -94.00 2.59
C LEU B 333 101.48 -93.93 2.18
N LEU B 334 101.10 -94.74 1.21
CA LEU B 334 99.77 -94.65 0.62
C LEU B 334 99.34 -96.01 0.10
N ARG B 335 98.07 -96.33 0.30
CA ARG B 335 97.51 -97.63 -0.03
C ARG B 335 96.56 -97.52 -1.22
N ALA B 336 96.53 -98.58 -2.02
CA ALA B 336 95.59 -98.65 -3.11
C ALA B 336 94.19 -99.00 -2.61
N LEU B 337 93.19 -98.68 -3.43
CA LEU B 337 91.81 -99.06 -3.16
C LEU B 337 91.19 -99.90 -4.27
N GLN B 338 91.82 -99.96 -5.44
CA GLN B 338 91.41 -100.81 -6.55
C GLN B 338 92.65 -101.25 -7.27
N PRO B 339 92.60 -102.37 -8.00
CA PRO B 339 93.73 -102.76 -8.84
C PRO B 339 94.02 -101.70 -9.88
N LEU B 340 95.22 -101.13 -9.82
CA LEU B 340 95.58 -99.98 -10.64
C LEU B 340 96.90 -100.21 -11.35
N GLU B 341 97.04 -99.58 -12.51
CA GLU B 341 98.27 -99.59 -13.28
C GLU B 341 98.72 -98.15 -13.50
N GLU B 342 100.02 -97.91 -13.33
CA GLU B 342 100.57 -96.56 -13.48
C GLU B 342 101.96 -96.67 -14.09
N GLY B 343 102.08 -96.29 -15.36
CA GLY B 343 103.36 -96.33 -16.04
C GLY B 343 104.11 -95.01 -15.98
N GLU B 344 104.51 -94.61 -14.78
CA GLU B 344 105.29 -93.38 -14.63
C GLU B 344 106.63 -93.50 -15.35
N ASP B 345 107.31 -94.62 -15.18
CA ASP B 345 108.54 -94.93 -15.89
C ASP B 345 108.20 -95.81 -17.10
N GLU B 346 109.26 -96.33 -17.75
CA GLU B 346 109.05 -97.20 -18.90
C GLU B 346 108.31 -98.48 -18.50
N GLU B 347 108.67 -99.05 -17.35
CA GLU B 347 108.00 -100.25 -16.88
C GLU B 347 106.66 -99.91 -16.24
N LYS B 348 105.85 -100.93 -16.01
CA LYS B 348 104.53 -100.78 -15.42
C LYS B 348 104.52 -101.48 -14.06
N VAL B 349 104.06 -100.75 -13.03
CA VAL B 349 103.96 -101.28 -11.68
C VAL B 349 102.48 -101.51 -11.37
N SER B 350 102.17 -102.70 -10.88
CA SER B 350 100.80 -103.10 -10.57
C SER B 350 100.63 -103.27 -9.07
N HIS B 351 99.48 -102.86 -8.57
CA HIS B 351 99.18 -102.94 -7.15
C HIS B 351 97.81 -103.57 -6.96
N GLN B 352 97.67 -104.37 -5.90
CA GLN B 352 96.39 -104.98 -5.57
C GLN B 352 95.57 -104.02 -4.72
N ALA B 353 94.35 -104.44 -4.38
CA ALA B 353 93.38 -103.56 -3.73
C ALA B 353 93.78 -103.18 -2.31
N GLY B 354 94.77 -103.83 -1.72
CA GLY B 354 95.18 -103.50 -0.36
C GLY B 354 96.65 -103.22 -0.22
N ASP B 355 97.36 -103.21 -1.35
CA ASP B 355 98.81 -103.06 -1.31
C ASP B 355 99.22 -101.66 -0.86
N HIS B 356 100.06 -101.61 0.17
CA HIS B 356 100.72 -100.38 0.57
C HIS B 356 102.06 -100.26 -0.15
N TRP B 357 102.46 -99.03 -0.45
CA TRP B 357 103.80 -98.79 -0.94
C TRP B 357 104.18 -97.34 -0.65
N LEU B 358 105.47 -97.07 -0.72
CA LEU B 358 106.04 -95.79 -0.31
C LEU B 358 106.48 -94.99 -1.52
N ILE B 359 106.06 -93.72 -1.57
CA ILE B 359 106.49 -92.78 -2.59
C ILE B 359 107.55 -91.88 -1.96
N ARG B 360 108.72 -91.80 -2.60
CA ARG B 360 109.84 -91.06 -2.06
C ARG B 360 110.61 -90.39 -3.19
N GLY B 361 111.38 -89.37 -2.84
CA GLY B 361 112.30 -88.75 -3.76
C GLY B 361 111.88 -87.34 -4.12
N PRO B 362 112.76 -86.62 -4.82
CA PRO B 362 112.38 -85.29 -5.31
C PRO B 362 111.41 -85.38 -6.47
N LEU B 363 110.13 -85.11 -6.20
CA LEU B 363 109.08 -85.26 -7.19
C LEU B 363 107.82 -84.61 -6.67
N GLU B 364 106.93 -84.27 -7.59
CA GLU B 364 105.61 -83.75 -7.27
C GLU B 364 104.58 -84.84 -7.48
N TYR B 365 103.79 -85.13 -6.45
CA TYR B 365 102.82 -86.21 -6.48
C TYR B 365 101.42 -85.65 -6.31
N VAL B 366 100.51 -86.12 -7.16
CA VAL B 366 99.08 -85.80 -7.05
C VAL B 366 98.34 -87.10 -6.78
N PRO B 367 97.56 -87.19 -5.70
CA PRO B 367 96.88 -88.46 -5.40
C PRO B 367 95.91 -88.84 -6.51
N SER B 368 95.88 -90.13 -6.82
CA SER B 368 94.96 -90.65 -7.82
C SER B 368 93.58 -90.91 -7.18
N ALA B 369 92.61 -91.23 -8.04
CA ALA B 369 91.27 -91.52 -7.54
C ALA B 369 91.24 -92.83 -6.76
N LYS B 370 92.05 -93.80 -7.16
CA LYS B 370 92.07 -95.11 -6.52
C LYS B 370 93.13 -95.24 -5.44
N VAL B 371 93.85 -94.17 -5.13
CA VAL B 371 94.96 -94.19 -4.17
C VAL B 371 94.60 -93.29 -3.01
N GLU B 372 94.76 -93.81 -1.78
CA GLU B 372 94.53 -93.06 -0.56
C GLU B 372 95.85 -92.88 0.17
N VAL B 373 96.12 -91.64 0.59
CA VAL B 373 97.36 -91.33 1.30
C VAL B 373 97.20 -91.68 2.77
N VAL B 374 98.12 -92.50 3.28
CA VAL B 374 98.06 -92.99 4.66
C VAL B 374 98.89 -92.13 5.59
N GLU B 375 100.15 -91.86 5.23
CA GLU B 375 101.06 -91.21 6.16
C GLU B 375 102.20 -90.58 5.38
N GLU B 376 102.68 -89.44 5.89
CA GLU B 376 103.88 -88.79 5.38
C GLU B 376 105.07 -89.23 6.22
N ARG B 377 106.17 -89.57 5.54
CA ARG B 377 107.37 -90.07 6.21
C ARG B 377 108.52 -89.10 6.03
N GLN B 378 109.36 -89.02 7.06
CA GLN B 378 110.60 -88.26 7.03
C GLN B 378 111.76 -89.17 7.35
N ALA B 379 112.85 -89.03 6.59
CA ALA B 379 114.03 -89.84 6.83
C ALA B 379 114.64 -89.50 8.19
N ILE B 380 115.27 -90.49 8.81
CA ILE B 380 115.88 -90.33 10.13
C ILE B 380 117.37 -90.14 9.93
N PRO B 381 117.92 -88.96 10.25
CA PRO B 381 119.36 -88.74 10.05
C PRO B 381 120.19 -89.47 11.09
N LEU B 382 120.99 -90.44 10.65
CA LEU B 382 121.81 -91.26 11.54
C LEU B 382 123.27 -91.09 11.18
N ASP B 383 124.08 -90.76 12.17
CA ASP B 383 125.52 -90.76 12.01
C ASP B 383 126.03 -92.20 11.98
N GLU B 384 127.26 -92.38 11.51
CA GLU B 384 127.89 -93.69 11.57
C GLU B 384 128.02 -94.13 13.03
N ASN B 385 127.87 -95.44 13.25
CA ASN B 385 127.84 -96.04 14.58
C ASN B 385 126.61 -95.61 15.37
N GLU B 386 125.56 -95.20 14.66
CA GLU B 386 124.25 -94.95 15.24
C GLU B 386 123.19 -95.69 14.43
N GLY B 387 122.07 -96.00 15.06
CA GLY B 387 121.06 -96.77 14.37
C GLY B 387 119.75 -96.84 15.12
N ILE B 388 118.79 -97.53 14.51
CA ILE B 388 117.46 -97.71 15.04
C ILE B 388 117.08 -99.18 14.92
N TYR B 389 116.05 -99.57 15.66
CA TYR B 389 115.50 -100.92 15.61
C TYR B 389 114.20 -100.88 14.81
N VAL B 390 114.21 -101.47 13.62
CA VAL B 390 113.04 -101.50 12.74
C VAL B 390 112.52 -102.93 12.67
N GLN B 391 111.21 -103.06 12.81
CA GLN B 391 110.54 -104.36 12.79
C GLN B 391 109.74 -104.49 11.50
N ASP B 392 110.12 -105.45 10.67
CA ASP B 392 109.39 -105.73 9.44
C ASP B 392 108.09 -106.46 9.77
N VAL B 393 107.01 -105.71 10.00
CA VAL B 393 105.78 -106.27 10.52
C VAL B 393 105.19 -107.34 9.60
N LYS B 394 105.55 -107.34 8.31
CA LYS B 394 105.07 -108.39 7.41
C LYS B 394 105.58 -109.75 7.85
N THR B 395 106.85 -109.83 8.24
CA THR B 395 107.43 -111.08 8.73
C THR B 395 107.81 -111.05 10.20
N GLY B 396 107.90 -109.87 10.80
CA GLY B 396 108.20 -109.75 12.21
C GLY B 396 109.67 -109.65 12.56
N LYS B 397 110.57 -109.84 11.58
CA LYS B 397 112.00 -109.87 11.84
C LYS B 397 112.48 -108.48 12.21
N VAL B 398 112.67 -108.23 13.50
CA VAL B 398 113.20 -106.96 13.98
C VAL B 398 114.73 -106.99 13.88
N ARG B 399 115.30 -105.93 13.32
CA ARG B 399 116.74 -105.83 13.12
C ARG B 399 117.17 -104.41 13.42
N ALA B 400 118.48 -104.17 13.37
CA ALA B 400 119.06 -102.86 13.60
C ALA B 400 119.75 -102.39 12.32
N VAL B 401 119.36 -101.22 11.84
CA VAL B 401 120.00 -100.58 10.69
C VAL B 401 120.92 -99.48 11.23
N ILE B 402 122.20 -99.55 10.86
CA ILE B 402 123.22 -98.68 11.41
C ILE B 402 124.04 -98.11 10.27
N GLY B 403 124.28 -96.80 10.29
CA GLY B 403 125.09 -96.17 9.26
C GLY B 403 124.43 -94.97 8.62
N SER B 404 124.14 -95.07 7.32
CA SER B 404 123.56 -93.96 6.58
C SER B 404 122.16 -93.63 7.10
N THR B 405 121.63 -92.52 6.61
CA THR B 405 120.25 -92.15 6.95
C THR B 405 119.28 -93.15 6.37
N TYR B 406 118.16 -93.35 7.05
CA TYR B 406 117.23 -94.41 6.71
C TYR B 406 115.81 -93.88 6.64
N MET B 407 115.07 -94.36 5.66
CA MET B 407 113.62 -94.15 5.56
C MET B 407 112.92 -95.48 5.76
N LEU B 408 112.11 -95.57 6.80
CA LEU B 408 111.34 -96.77 7.06
C LEU B 408 110.43 -97.08 5.87
N THR B 409 110.67 -98.21 5.22
CA THR B 409 109.91 -98.57 4.03
C THR B 409 108.51 -99.07 4.44
N GLN B 410 107.78 -99.56 3.45
CA GLN B 410 106.46 -100.15 3.72
C GLN B 410 106.61 -101.40 4.57
N ASP B 411 105.58 -101.65 5.39
CA ASP B 411 105.56 -102.80 6.30
C ASP B 411 106.74 -102.78 7.27
N GLU B 412 107.10 -101.59 7.78
CA GLU B 412 108.16 -101.45 8.77
C GLU B 412 107.73 -100.44 9.82
N VAL B 413 108.20 -100.63 11.04
CA VAL B 413 107.88 -99.75 12.16
C VAL B 413 109.05 -99.79 13.14
N LEU B 414 109.17 -98.70 13.91
CA LEU B 414 110.23 -98.61 14.90
C LEU B 414 109.94 -99.56 16.06
N TRP B 415 110.94 -100.33 16.46
CA TRP B 415 110.80 -101.32 17.52
C TRP B 415 111.55 -100.86 18.76
N GLU B 416 110.92 -101.02 19.92
CA GLU B 416 111.47 -100.60 21.19
C GLU B 416 112.26 -101.74 21.82
N LYS B 417 113.46 -101.44 22.29
CA LYS B 417 114.29 -102.42 23.00
C LYS B 417 114.29 -102.04 24.48
N GLU B 418 113.57 -102.80 25.29
CA GLU B 418 113.54 -102.57 26.72
C GLU B 418 114.77 -103.22 27.37
N LEU B 419 115.27 -102.58 28.41
CA LEU B 419 116.49 -103.02 29.06
C LEU B 419 116.19 -103.58 30.45
N PRO B 420 117.02 -104.49 30.96
CA PRO B 420 116.80 -105.00 32.31
C PRO B 420 116.92 -103.88 33.33
N PRO B 421 116.21 -103.98 34.44
CA PRO B 421 116.27 -102.92 35.46
C PRO B 421 117.69 -102.73 35.97
N GLY B 422 118.10 -101.46 36.07
CA GLY B 422 119.44 -101.12 36.51
C GLY B 422 120.44 -100.98 35.39
N VAL B 423 120.18 -101.55 34.21
CA VAL B 423 121.10 -101.40 33.10
C VAL B 423 121.03 -99.97 32.55
N GLU B 424 119.83 -99.40 32.49
CA GLU B 424 119.69 -98.02 32.05
C GLU B 424 120.41 -97.06 32.99
N GLU B 425 120.37 -97.34 34.29
CA GLU B 425 121.09 -96.51 35.25
C GLU B 425 122.59 -96.57 35.02
N LEU B 426 123.13 -97.77 34.77
CA LEU B 426 124.55 -97.89 34.48
C LEU B 426 124.92 -97.21 33.17
N LEU B 427 124.01 -97.23 32.19
CA LEU B 427 124.31 -96.62 30.90
C LEU B 427 124.31 -95.09 30.98
N ASN B 428 123.31 -94.52 31.65
CA ASN B 428 123.20 -93.06 31.66
C ASN B 428 124.03 -92.42 32.78
N LYS B 429 123.91 -92.93 34.01
CA LYS B 429 124.69 -92.40 35.11
C LYS B 429 126.18 -92.62 34.89
N GLY B 430 126.55 -93.82 34.47
CA GLY B 430 127.95 -94.15 34.27
C GLY B 430 128.42 -93.95 32.85
N GLN B 431 129.05 -92.81 32.58
CA GLN B 431 129.69 -92.57 31.29
C GLN B 431 131.16 -92.95 31.27
N ASP B 432 131.84 -92.86 32.42
CA ASP B 432 133.24 -93.26 32.54
C ASP B 432 133.43 -94.04 33.83
N PRO B 433 133.57 -95.37 33.75
CA PRO B 433 133.81 -96.16 34.97
C PRO B 433 135.04 -95.72 35.75
N LEU B 434 136.09 -95.25 35.08
CA LEU B 434 137.25 -94.73 35.80
C LEU B 434 136.88 -93.50 36.64
N ALA B 435 135.80 -92.81 36.26
CA ALA B 435 135.26 -91.73 37.07
C ALA B 435 134.00 -92.11 37.82
N ASP B 436 133.38 -93.24 37.47
CA ASP B 436 132.13 -93.64 38.12
C ASP B 436 132.38 -94.21 39.51
N ARG B 437 133.48 -94.96 39.67
CA ARG B 437 133.72 -95.65 40.93
C ARG B 437 133.95 -94.68 42.08
N GLY B 438 134.83 -93.69 41.88
CA GLY B 438 135.14 -92.75 42.93
C GLY B 438 134.51 -91.39 42.72
N GLU B 439 133.72 -90.94 43.70
CA GLU B 439 133.07 -89.64 43.62
C GLU B 439 132.69 -89.16 45.02
N LEU B 449 116.92 -88.84 34.62
CA LEU B 449 117.25 -87.80 33.65
C LEU B 449 116.31 -87.87 32.45
N ALA B 450 116.80 -87.42 31.31
CA ALA B 450 116.00 -87.47 30.09
C ALA B 450 115.79 -88.93 29.67
N PRO B 451 114.56 -89.37 29.44
CA PRO B 451 114.32 -90.76 29.05
C PRO B 451 114.99 -91.07 27.71
N ARG B 452 115.53 -92.28 27.61
CA ARG B 452 116.20 -92.71 26.40
C ARG B 452 115.18 -93.05 25.32
N ASN B 453 115.63 -93.00 24.06
CA ASN B 453 114.81 -93.43 22.93
C ASN B 453 114.92 -94.94 22.82
N LYS B 454 113.83 -95.64 23.15
CA LYS B 454 113.86 -97.10 23.13
C LYS B 454 114.11 -97.65 21.73
N THR B 455 113.75 -96.88 20.70
CA THR B 455 113.94 -97.34 19.32
C THR B 455 115.35 -97.12 18.81
N ARG B 456 116.21 -96.45 19.57
CA ARG B 456 117.59 -96.23 19.14
C ARG B 456 118.47 -97.39 19.57
N VAL B 457 119.48 -97.69 18.73
CA VAL B 457 120.41 -98.75 19.04
C VAL B 457 121.16 -98.42 20.32
N VAL B 458 121.12 -99.32 21.29
CA VAL B 458 121.78 -99.10 22.57
C VAL B 458 123.28 -99.31 22.39
N SER B 459 124.06 -98.34 22.84
CA SER B 459 125.51 -98.35 22.64
C SER B 459 126.22 -98.01 23.94
N TYR B 460 127.46 -98.47 24.05
CA TYR B 460 128.28 -98.22 25.22
C TYR B 460 129.73 -98.09 24.78
N ARG B 461 130.46 -97.20 25.45
CA ARG B 461 131.87 -96.94 25.14
C ARG B 461 132.73 -97.56 26.22
N VAL B 462 133.32 -98.71 25.91
CA VAL B 462 134.22 -99.37 26.87
C VAL B 462 135.46 -98.51 27.08
N PRO B 463 135.88 -98.27 28.31
CA PRO B 463 137.08 -97.45 28.53
C PRO B 463 138.34 -98.19 28.14
N HIS B 464 139.46 -97.52 28.32
CA HIS B 464 140.76 -98.14 28.15
C HIS B 464 141.05 -99.09 29.31
N ASN B 465 141.67 -100.22 28.98
CA ASN B 465 141.92 -101.30 29.95
C ASN B 465 140.60 -101.74 30.60
N ALA B 466 139.67 -102.20 29.75
CA ALA B 466 138.37 -102.65 30.21
C ALA B 466 137.78 -103.59 29.17
N ALA B 467 136.78 -104.36 29.60
CA ALA B 467 136.13 -105.32 28.72
C ALA B 467 134.68 -105.49 29.14
N VAL B 468 133.86 -105.94 28.20
CA VAL B 468 132.45 -106.22 28.43
C VAL B 468 132.12 -107.59 27.85
N GLN B 469 131.08 -108.21 28.40
CA GLN B 469 130.57 -109.48 27.90
C GLN B 469 129.13 -109.30 27.46
N VAL B 470 128.84 -109.66 26.22
CA VAL B 470 127.49 -109.60 25.68
C VAL B 470 127.20 -110.93 24.98
N TYR B 471 125.97 -111.42 25.12
CA TYR B 471 125.53 -112.65 24.48
C TYR B 471 124.35 -112.35 23.58
N ASP B 472 124.45 -112.77 22.32
CA ASP B 472 123.36 -112.60 21.35
C ASP B 472 122.40 -113.77 21.55
N TYR B 473 121.35 -113.55 22.33
CA TYR B 473 120.41 -114.62 22.67
C TYR B 473 119.69 -115.17 21.45
N ARG B 474 119.60 -114.40 20.36
CA ARG B 474 118.93 -114.89 19.17
C ARG B 474 119.86 -115.75 18.32
N GLU B 475 121.01 -115.19 17.94
CA GLU B 475 121.96 -115.91 17.10
C GLU B 475 122.82 -116.89 17.88
N LYS B 476 122.70 -116.91 19.21
CA LYS B 476 123.41 -117.85 20.08
C LYS B 476 124.93 -117.73 19.88
N ARG B 477 125.46 -116.55 20.21
CA ARG B 477 126.88 -116.29 20.07
C ARG B 477 127.30 -115.24 21.09
N ALA B 478 128.30 -115.58 21.91
CA ALA B 478 128.86 -114.68 22.90
C ALA B 478 130.14 -114.04 22.37
N ARG B 479 130.50 -112.91 22.96
CA ARG B 479 131.72 -112.23 22.59
C ARG B 479 132.16 -111.32 23.74
N VAL B 480 133.47 -111.15 23.86
CA VAL B 480 134.06 -110.24 24.83
C VAL B 480 134.79 -109.15 24.03
N VAL B 481 134.40 -107.90 24.26
CA VAL B 481 134.97 -106.76 23.53
C VAL B 481 135.98 -106.06 24.43
N PHE B 482 137.18 -105.85 23.93
CA PHE B 482 138.28 -105.30 24.69
C PHE B 482 138.56 -103.86 24.32
N GLY B 483 139.41 -103.22 25.09
CA GLY B 483 139.96 -101.93 24.75
C GLY B 483 138.96 -100.79 24.79
N PRO B 484 139.31 -99.68 24.13
CA PRO B 484 138.45 -98.50 24.15
C PRO B 484 137.32 -98.54 23.15
N GLU B 485 137.03 -99.73 22.62
CA GLU B 485 136.03 -99.87 21.57
C GLU B 485 134.64 -99.48 22.06
N LEU B 486 133.76 -99.22 21.10
CA LEU B 486 132.38 -98.87 21.35
C LEU B 486 131.50 -100.07 21.04
N VAL B 487 130.67 -100.46 22.01
CA VAL B 487 129.85 -101.67 21.92
C VAL B 487 128.41 -101.26 21.70
N SER B 488 127.78 -101.79 20.65
CA SER B 488 126.38 -101.53 20.34
C SER B 488 125.61 -102.85 20.43
N LEU B 489 124.56 -102.85 21.25
CA LEU B 489 123.74 -104.04 21.42
C LEU B 489 122.93 -104.32 20.16
N GLY B 490 122.78 -105.60 19.85
CA GLY B 490 121.86 -106.03 18.82
C GLY B 490 120.44 -106.00 19.34
N PRO B 491 119.49 -106.41 18.50
CA PRO B 491 118.09 -106.41 18.95
C PRO B 491 117.82 -107.34 20.11
N GLU B 492 118.66 -108.36 20.32
CA GLU B 492 118.42 -109.34 21.38
C GLU B 492 119.59 -109.48 22.36
N GLU B 493 120.70 -108.79 22.13
CA GLU B 493 121.84 -108.93 23.03
C GLU B 493 121.58 -108.26 24.37
N GLN B 494 122.45 -108.57 25.33
CA GLN B 494 122.34 -108.03 26.69
C GLN B 494 123.73 -107.78 27.25
N PHE B 495 123.79 -106.94 28.28
CA PHE B 495 125.04 -106.67 28.97
C PHE B 495 125.18 -107.54 30.21
N THR B 496 126.37 -108.10 30.39
CA THR B 496 126.68 -108.91 31.57
C THR B 496 126.98 -107.95 32.72
N VAL B 497 126.00 -107.71 33.57
CA VAL B 497 126.16 -106.79 34.70
C VAL B 497 126.94 -107.50 35.81
N LEU B 498 127.96 -106.83 36.32
CA LEU B 498 128.81 -107.36 37.37
C LEU B 498 128.51 -106.67 38.70
N SER B 499 128.22 -107.47 39.73
CA SER B 499 128.05 -106.97 41.08
C SER B 499 129.32 -107.30 41.86
N LEU B 500 130.06 -106.28 42.26
CA LEU B 500 131.36 -106.44 42.88
C LEU B 500 131.31 -106.01 44.34
N SER B 501 132.47 -106.05 44.99
CA SER B 501 132.62 -105.68 46.39
C SER B 501 133.32 -104.33 46.50
N ALA B 502 132.97 -103.59 47.53
CA ALA B 502 133.55 -102.27 47.77
C ALA B 502 133.32 -101.90 49.22
N GLY B 503 133.90 -100.79 49.63
CA GLY B 503 133.78 -100.31 50.99
C GLY B 503 135.04 -100.51 51.80
N ARG B 504 135.09 -99.84 52.95
CA ARG B 504 136.26 -99.95 53.83
C ARG B 504 136.46 -101.37 54.33
N PRO B 505 135.45 -102.08 54.85
CA PRO B 505 135.63 -103.50 55.18
C PRO B 505 135.33 -104.46 54.03
N LYS B 506 135.15 -103.95 52.81
CA LYS B 506 134.87 -104.76 51.63
C LYS B 506 133.59 -105.59 51.81
N ARG B 507 132.48 -104.88 51.97
CA ARG B 507 131.18 -105.53 51.99
C ARG B 507 130.82 -106.00 50.59
N PRO B 508 130.05 -107.08 50.47
CA PRO B 508 129.66 -107.58 49.15
C PRO B 508 128.44 -106.85 48.60
N HIS B 509 128.32 -106.89 47.27
CA HIS B 509 127.21 -106.28 46.55
C HIS B 509 127.05 -104.80 46.90
N ALA B 510 128.15 -104.05 46.71
CA ALA B 510 128.16 -102.62 46.98
C ALA B 510 128.51 -101.79 45.75
N ARG B 511 128.76 -102.41 44.60
CA ARG B 511 129.13 -101.67 43.40
C ARG B 511 128.73 -102.51 42.19
N ARG B 512 127.62 -102.17 41.56
CA ARG B 512 127.23 -102.79 40.31
C ARG B 512 127.99 -102.13 39.16
N ALA B 513 128.50 -102.95 38.25
CA ALA B 513 129.30 -102.46 37.14
C ALA B 513 128.86 -103.13 35.85
N LEU B 514 129.09 -102.43 34.74
CA LEU B 514 128.78 -102.94 33.41
C LEU B 514 130.01 -103.44 32.66
N CYS B 515 131.15 -102.77 32.81
CA CYS B 515 132.39 -103.18 32.18
C CYS B 515 133.38 -103.60 33.26
N LEU B 516 134.21 -104.59 32.94
CA LEU B 516 135.21 -105.09 33.85
C LEU B 516 136.55 -104.43 33.54
N LEU B 517 137.12 -103.77 34.56
CA LEU B 517 138.42 -103.12 34.42
C LEU B 517 139.52 -104.15 34.69
N LEU B 518 140.41 -104.33 33.73
CA LEU B 518 141.46 -105.33 33.81
C LEU B 518 142.86 -104.71 33.74
N GLY B 519 142.99 -103.47 34.20
CA GLY B 519 144.25 -102.80 34.19
C GLY B 519 144.89 -102.78 35.57
N PRO B 520 146.18 -102.45 35.64
CA PRO B 520 146.85 -102.38 36.94
C PRO B 520 146.15 -101.45 37.92
N ASP B 521 145.58 -102.00 38.98
CA ASP B 521 144.86 -101.25 39.99
C ASP B 521 145.27 -101.76 41.37
N PHE B 522 144.55 -101.31 42.39
CA PHE B 522 144.71 -101.85 43.73
C PHE B 522 143.45 -101.57 44.54
N PHE B 523 143.09 -102.51 45.40
CA PHE B 523 142.02 -102.33 46.37
C PHE B 523 142.55 -102.54 47.77
N THR B 524 141.95 -101.85 48.74
CA THR B 524 142.41 -101.85 50.11
C THR B 524 141.33 -102.44 51.01
N ASP B 525 141.76 -103.26 51.97
CA ASP B 525 140.86 -103.89 52.92
C ASP B 525 141.42 -103.73 54.33
N VAL B 526 140.53 -103.79 55.32
CA VAL B 526 140.89 -103.71 56.73
C VAL B 526 140.74 -105.10 57.32
N ILE B 527 141.85 -105.70 57.70
CA ILE B 527 141.89 -107.08 58.18
C ILE B 527 142.17 -107.06 59.68
N THR B 528 141.32 -107.75 60.44
CA THR B 528 141.50 -107.90 61.89
C THR B 528 142.01 -109.31 62.16
N ILE B 529 143.17 -109.40 62.80
CA ILE B 529 143.84 -110.68 63.05
C ILE B 529 144.24 -110.74 64.51
N GLU B 530 144.71 -111.92 64.92
CA GLU B 530 145.14 -112.15 66.29
C GLU B 530 146.48 -112.89 66.25
N THR B 531 147.33 -112.57 67.22
CA THR B 531 148.66 -113.14 67.30
C THR B 531 148.68 -114.35 68.24
N ALA B 532 149.82 -115.06 68.27
CA ALA B 532 149.96 -116.20 69.16
C ALA B 532 149.89 -115.81 70.63
N ASP B 533 150.08 -114.54 70.95
CA ASP B 533 149.92 -114.04 72.30
C ASP B 533 148.50 -113.53 72.57
N HIS B 534 147.59 -113.73 71.62
CA HIS B 534 146.18 -113.32 71.75
C HIS B 534 146.06 -111.81 71.88
N ALA B 535 146.83 -111.07 71.09
CA ALA B 535 146.72 -109.63 71.00
C ALA B 535 145.96 -109.28 69.73
N ARG B 536 144.81 -108.62 69.88
CA ARG B 536 143.95 -108.28 68.75
C ARG B 536 144.45 -106.99 68.11
N LEU B 537 144.74 -107.05 66.81
CA LEU B 537 145.24 -105.91 66.07
C LEU B 537 144.75 -105.96 64.64
N GLN B 538 144.27 -104.82 64.14
CA GLN B 538 143.72 -104.72 62.79
C GLN B 538 144.73 -104.14 61.83
N LEU B 539 144.60 -104.53 60.56
CA LEU B 539 145.54 -104.16 59.51
C LEU B 539 144.86 -103.31 58.46
N GLN B 540 145.69 -102.71 57.60
CA GLN B 540 145.21 -101.99 56.42
C GLN B 540 146.18 -102.31 55.29
N LEU B 541 145.73 -103.12 54.34
CA LEU B 541 146.57 -103.62 53.26
C LEU B 541 146.12 -103.03 51.93
N ALA B 542 146.99 -103.15 50.93
CA ALA B 542 146.71 -102.72 49.57
C ALA B 542 147.25 -103.75 48.61
N TYR B 543 146.38 -104.23 47.72
CA TYR B 543 146.70 -105.37 46.84
C TYR B 543 146.81 -104.86 45.41
N ASN B 544 148.03 -104.77 44.90
CA ASN B 544 148.24 -104.41 43.50
C ASN B 544 147.86 -105.60 42.62
N TRP B 545 146.94 -105.39 41.69
CA TRP B 545 146.39 -106.48 40.90
C TRP B 545 146.25 -106.08 39.44
N HIS B 546 146.22 -107.08 38.58
CA HIS B 546 145.92 -106.89 37.17
C HIS B 546 145.56 -108.23 36.56
N PHE B 547 144.81 -108.17 35.46
CA PHE B 547 144.36 -109.37 34.75
C PHE B 547 145.35 -109.72 33.65
N GLU B 548 145.75 -110.99 33.59
CA GLU B 548 146.67 -111.48 32.57
C GLU B 548 145.86 -112.19 31.49
N VAL B 549 145.64 -111.50 30.38
CA VAL B 549 144.93 -112.05 29.23
C VAL B 549 145.99 -112.37 28.18
N ASN B 550 146.35 -113.66 28.09
CA ASN B 550 147.40 -114.07 27.15
C ASN B 550 146.98 -113.83 25.70
N ASP B 551 145.74 -114.17 25.37
CA ASP B 551 145.23 -113.99 24.02
C ASP B 551 143.86 -113.34 24.09
N ARG B 552 143.74 -112.15 23.53
CA ARG B 552 142.47 -111.42 23.52
C ARG B 552 141.52 -111.93 22.43
N LYS B 553 141.99 -112.79 21.54
CA LYS B 553 141.15 -113.37 20.49
C LYS B 553 140.67 -114.77 20.83
N ASP B 554 140.92 -115.25 22.05
CA ASP B 554 140.55 -116.60 22.42
C ASP B 554 139.16 -116.60 23.06
N PRO B 555 138.16 -117.24 22.47
CA PRO B 555 136.83 -117.25 23.08
C PRO B 555 136.77 -117.94 24.44
N GLN B 556 137.72 -118.83 24.73
CA GLN B 556 137.70 -119.54 26.00
C GLN B 556 138.41 -118.77 27.11
N GLU B 557 139.64 -118.33 26.86
CA GLU B 557 140.39 -117.61 27.89
C GLU B 557 139.73 -116.28 28.23
N THR B 558 139.25 -115.56 27.22
CA THR B 558 138.61 -114.27 27.48
C THR B 558 137.31 -114.43 28.26
N ALA B 559 136.60 -115.53 28.05
CA ALA B 559 135.40 -115.80 28.84
C ALA B 559 135.71 -116.08 30.30
N LYS B 560 136.94 -116.47 30.62
CA LYS B 560 137.33 -116.76 31.99
C LYS B 560 137.42 -115.53 32.85
N LEU B 561 137.54 -114.33 32.26
CA LEU B 561 137.63 -113.11 33.06
C LEU B 561 136.34 -112.88 33.85
N PHE B 562 135.19 -113.16 33.24
CA PHE B 562 133.90 -113.01 33.88
C PHE B 562 133.44 -114.27 34.60
N SER B 563 134.29 -115.30 34.67
CA SER B 563 133.90 -116.56 35.31
C SER B 563 133.61 -116.36 36.78
N VAL B 564 134.44 -115.60 37.47
CA VAL B 564 134.25 -115.34 38.90
C VAL B 564 133.26 -114.18 39.03
N PRO B 565 132.11 -114.38 39.67
CA PRO B 565 131.12 -113.30 39.80
C PRO B 565 131.65 -112.07 40.51
N ASP B 566 132.56 -112.27 41.46
CA ASP B 566 133.11 -111.17 42.23
C ASP B 566 134.57 -111.42 42.57
N PHE B 567 135.48 -110.87 41.75
CA PHE B 567 136.90 -111.10 41.97
C PHE B 567 137.44 -110.29 43.14
N VAL B 568 136.86 -109.10 43.37
CA VAL B 568 137.37 -108.22 44.44
C VAL B 568 137.20 -108.88 45.80
N GLY B 569 135.95 -109.24 46.13
CA GLY B 569 135.69 -109.85 47.43
C GLY B 569 136.37 -111.19 47.58
N ASP B 570 136.41 -111.98 46.51
CA ASP B 570 137.07 -113.29 46.57
C ASP B 570 138.54 -113.14 46.89
N ALA B 571 139.24 -112.27 46.15
CA ALA B 571 140.66 -112.07 46.40
C ALA B 571 140.90 -111.50 47.79
N CYS B 572 140.09 -110.53 48.21
CA CYS B 572 140.26 -109.94 49.52
C CYS B 572 140.09 -110.98 50.63
N LYS B 573 139.05 -111.80 50.55
CA LYS B 573 138.81 -112.79 51.59
C LYS B 573 139.87 -113.88 51.58
N ALA B 574 140.33 -114.29 50.39
CA ALA B 574 141.39 -115.30 50.32
C ALA B 574 142.69 -114.80 50.95
N ILE B 575 143.08 -113.57 50.60
CA ILE B 575 144.33 -113.03 51.14
C ILE B 575 144.19 -112.76 52.64
N ALA B 576 143.01 -112.31 53.08
CA ALA B 576 142.78 -112.11 54.50
C ALA B 576 142.87 -113.42 55.26
N SER B 577 142.31 -114.50 54.70
CA SER B 577 142.42 -115.80 55.34
C SER B 577 143.87 -116.25 55.44
N ARG B 578 144.63 -116.07 54.36
CA ARG B 578 146.05 -116.44 54.39
C ARG B 578 146.79 -115.67 55.48
N VAL B 579 146.58 -114.35 55.54
CA VAL B 579 147.28 -113.52 56.51
C VAL B 579 146.89 -113.90 57.93
N ARG B 580 145.58 -114.12 58.17
CA ARG B 580 145.13 -114.50 59.49
C ARG B 580 145.71 -115.85 59.91
N GLY B 581 145.78 -116.80 58.97
CA GLY B 581 146.33 -118.10 59.30
C GLY B 581 147.80 -118.05 59.63
N ALA B 582 148.58 -117.30 58.84
CA ALA B 582 150.02 -117.24 59.09
C ALA B 582 150.36 -116.51 60.38
N VAL B 583 149.66 -115.41 60.68
CA VAL B 583 150.00 -114.59 61.84
C VAL B 583 149.71 -115.32 63.15
N ALA B 584 148.62 -116.09 63.21
CA ALA B 584 148.17 -116.66 64.47
C ALA B 584 149.21 -117.56 65.13
N SER B 585 150.17 -118.07 64.36
CA SER B 585 151.25 -118.90 64.90
C SER B 585 152.50 -118.09 65.18
N VAL B 586 152.39 -116.76 65.26
CA VAL B 586 153.53 -115.88 65.48
C VAL B 586 153.22 -114.96 66.67
N THR B 587 154.21 -114.80 67.54
CA THR B 587 154.03 -113.94 68.71
C THR B 587 153.93 -112.48 68.29
N PHE B 588 153.47 -111.65 69.23
CA PHE B 588 153.22 -110.25 68.91
C PHE B 588 154.51 -109.50 68.58
N ASP B 589 155.58 -109.76 69.32
CA ASP B 589 156.82 -109.02 69.12
C ASP B 589 157.44 -109.32 67.77
N ASP B 590 157.52 -110.60 67.39
CA ASP B 590 158.11 -110.97 66.12
C ASP B 590 157.30 -110.40 64.95
N PHE B 591 155.96 -110.43 65.07
CA PHE B 591 155.13 -109.81 64.05
C PHE B 591 155.35 -108.31 63.98
N HIS B 592 155.46 -107.66 65.14
CA HIS B 592 155.64 -106.21 65.15
C HIS B 592 156.94 -105.80 64.48
N LYS B 593 158.03 -106.55 64.75
CA LYS B 593 159.31 -106.19 64.15
C LYS B 593 159.48 -106.73 62.74
N ASN B 594 158.60 -107.63 62.28
CA ASN B 594 158.79 -108.26 60.97
C ASN B 594 157.48 -108.41 60.21
N SER B 595 156.53 -107.50 60.42
CA SER B 595 155.22 -107.65 59.80
C SER B 595 155.31 -107.68 58.27
N ALA B 596 156.22 -106.90 57.69
CA ALA B 596 156.34 -106.84 56.25
C ALA B 596 156.71 -108.20 55.66
N ARG B 597 157.76 -108.82 56.20
CA ARG B 597 158.20 -110.11 55.69
C ARG B 597 157.15 -111.19 55.95
N ILE B 598 156.53 -111.17 57.13
CA ILE B 598 155.51 -112.17 57.45
C ILE B 598 154.35 -112.08 56.47
N ILE B 599 153.87 -110.85 56.21
CA ILE B 599 152.74 -110.68 55.31
C ILE B 599 153.11 -111.05 53.88
N ARG B 600 154.32 -110.65 53.45
CA ARG B 600 154.74 -110.96 52.08
C ARG B 600 154.87 -112.47 51.88
N THR B 601 155.40 -113.18 52.89
CA THR B 601 155.50 -114.62 52.81
C THR B 601 154.13 -115.30 52.89
N ALA B 602 153.21 -114.73 53.67
CA ALA B 602 151.88 -115.32 53.81
C ALA B 602 151.08 -115.20 52.52
N VAL B 603 151.03 -114.00 51.94
CA VAL B 603 150.21 -113.78 50.76
C VAL B 603 150.72 -114.60 49.58
N PHE B 604 152.03 -114.58 49.36
CA PHE B 604 152.65 -115.34 48.28
C PHE B 604 153.11 -116.69 48.84
N GLY B 605 153.93 -117.42 48.06
CA GLY B 605 154.43 -118.69 48.52
C GLY B 605 155.90 -118.88 48.27
N PHE B 606 156.27 -120.03 47.70
CA PHE B 606 157.66 -120.33 47.39
C PHE B 606 157.78 -121.00 46.03
N ARG B 623 157.68 -116.98 45.60
CA ARG B 623 156.83 -116.51 44.52
C ARG B 623 156.58 -115.01 44.61
N ASP B 624 156.69 -114.33 43.47
CA ASP B 624 156.50 -112.88 43.45
C ASP B 624 155.05 -112.46 43.27
N GLN B 625 154.20 -113.32 42.72
CA GLN B 625 152.83 -112.97 42.43
C GLN B 625 151.90 -114.07 42.93
N ALA B 626 150.72 -113.66 43.39
CA ALA B 626 149.68 -114.57 43.86
C ALA B 626 148.64 -114.70 42.74
N VAL B 627 148.93 -115.58 41.79
CA VAL B 627 148.07 -115.77 40.63
C VAL B 627 146.83 -116.56 41.02
N PHE B 628 145.68 -116.12 40.53
CA PHE B 628 144.43 -116.84 40.73
C PHE B 628 143.98 -117.42 39.39
N PRO B 629 144.10 -118.74 39.18
CA PRO B 629 143.84 -119.30 37.85
C PRO B 629 142.36 -119.42 37.50
N GLN B 630 141.45 -119.11 38.43
CA GLN B 630 140.02 -119.19 38.13
C GLN B 630 139.65 -118.20 37.03
N ASN B 631 140.20 -116.98 37.08
CA ASN B 631 139.88 -115.95 36.10
C ASN B 631 141.10 -115.31 35.46
N GLY B 632 142.30 -115.57 35.98
CA GLY B 632 143.50 -114.90 35.49
C GLY B 632 143.97 -113.74 36.34
N LEU B 633 143.19 -113.32 37.32
CA LEU B 633 143.57 -112.23 38.21
C LEU B 633 144.83 -112.61 38.97
N VAL B 634 145.80 -111.71 39.01
CA VAL B 634 147.04 -111.91 39.75
C VAL B 634 147.24 -110.73 40.69
N VAL B 635 147.75 -111.02 41.88
CA VAL B 635 148.12 -110.00 42.86
C VAL B 635 149.64 -109.93 42.87
N SER B 636 150.18 -108.87 42.27
CA SER B 636 151.62 -108.75 42.09
C SER B 636 152.35 -108.19 43.30
N SER B 637 151.63 -107.61 44.26
CA SER B 637 152.28 -107.06 45.44
C SER B 637 151.23 -106.80 46.51
N VAL B 638 151.71 -106.67 47.75
CA VAL B 638 150.89 -106.29 48.89
C VAL B 638 151.62 -105.20 49.65
N ASP B 639 150.88 -104.19 50.08
CA ASP B 639 151.44 -103.02 50.75
C ASP B 639 150.71 -102.80 52.06
N VAL B 640 151.35 -103.19 53.17
CA VAL B 640 150.78 -102.98 54.50
C VAL B 640 150.95 -101.51 54.87
N GLN B 641 149.88 -100.90 55.36
CA GLN B 641 149.87 -99.47 55.67
C GLN B 641 149.85 -99.21 57.16
N SER B 642 148.88 -99.76 57.89
CA SER B 642 148.74 -99.51 59.31
C SER B 642 148.53 -100.82 60.05
N VAL B 643 149.22 -100.99 61.17
CA VAL B 643 149.05 -102.14 62.06
C VAL B 643 148.86 -101.56 63.46
N GLU B 644 147.61 -101.54 63.93
CA GLU B 644 147.28 -100.91 65.20
C GLU B 644 146.55 -101.91 66.09
N PRO B 645 146.98 -102.08 67.34
CA PRO B 645 146.24 -102.95 68.26
C PRO B 645 144.82 -102.43 68.48
N VAL B 646 143.88 -103.38 68.58
CA VAL B 646 142.48 -103.00 68.74
C VAL B 646 142.23 -102.41 70.13
N ASP B 647 142.83 -103.02 71.16
CA ASP B 647 142.56 -102.60 72.53
C ASP B 647 143.44 -101.43 72.93
N GLN B 648 142.90 -100.57 73.80
CA GLN B 648 143.64 -99.39 74.24
C GLN B 648 144.71 -99.75 75.27
N ARG B 649 144.48 -100.80 76.05
CA ARG B 649 145.43 -101.19 77.09
C ARG B 649 146.77 -101.62 76.51
N THR B 650 146.74 -102.32 75.37
CA THR B 650 147.99 -102.66 74.69
C THR B 650 148.74 -101.40 74.26
N ARG B 651 148.01 -100.40 73.76
CA ARG B 651 148.64 -99.13 73.40
C ARG B 651 149.27 -98.46 74.61
N ASP B 652 148.58 -98.50 75.75
CA ASP B 652 149.14 -97.93 76.97
C ASP B 652 150.42 -98.64 77.38
N ALA B 653 150.41 -99.98 77.31
CA ALA B 653 151.61 -100.74 77.65
C ALA B 653 152.77 -100.39 76.72
N LEU B 654 152.50 -100.26 75.42
CA LEU B 654 153.56 -99.90 74.48
C LEU B 654 154.07 -98.48 74.72
N GLN B 655 153.18 -97.56 75.12
CA GLN B 655 153.61 -96.22 75.48
C GLN B 655 154.54 -96.24 76.68
N ARG B 656 154.20 -97.05 77.69
CA ARG B 656 155.09 -97.19 78.84
C ARG B 656 156.43 -97.77 78.43
N SER B 657 156.42 -98.74 77.51
CA SER B 657 157.66 -99.32 77.02
C SER B 657 158.54 -98.27 76.32
N VAL B 658 157.93 -97.43 75.48
CA VAL B 658 158.72 -96.44 74.76
C VAL B 658 159.26 -95.38 75.73
N GLN B 659 158.47 -95.04 76.76
CA GLN B 659 158.98 -94.10 77.75
C GLN B 659 160.15 -94.70 78.53
N LEU B 660 160.10 -96.00 78.82
CA LEU B 660 161.23 -96.65 79.48
C LEU B 660 162.46 -96.67 78.58
N ALA B 661 162.27 -96.85 77.28
CA ALA B 661 163.39 -96.80 76.36
C ALA B 661 164.03 -95.41 76.33
N ILE B 662 163.19 -94.37 76.34
CA ILE B 662 163.71 -93.01 76.40
C ILE B 662 164.53 -92.80 77.68
N GLU B 663 163.99 -93.26 78.82
CA GLU B 663 164.73 -93.15 80.08
C GLU B 663 166.05 -93.89 80.00
N ILE B 664 166.07 -95.05 79.36
CA ILE B 664 167.30 -95.82 79.21
C ILE B 664 168.34 -95.01 78.44
N THR B 665 167.92 -94.38 77.34
CA THR B 665 168.86 -93.58 76.55
C THR B 665 169.43 -92.42 77.35
N THR B 666 168.56 -91.71 78.08
CA THR B 666 169.04 -90.58 78.90
C THR B 666 170.01 -91.05 79.96
N ASN B 667 169.70 -92.17 80.63
CA ASN B 667 170.60 -92.69 81.66
C ASN B 667 171.94 -93.08 81.07
N SER B 668 171.94 -93.68 79.87
CA SER B 668 173.20 -94.03 79.23
C SER B 668 174.05 -92.80 78.95
N GLN B 669 173.42 -91.74 78.42
CA GLN B 669 174.19 -90.53 78.15
C GLN B 669 174.74 -89.92 79.43
N GLU B 670 173.96 -89.93 80.51
CA GLU B 670 174.42 -89.41 81.79
C GLU B 670 175.61 -90.21 82.32
N ALA B 671 175.54 -91.54 82.21
CA ALA B 671 176.65 -92.38 82.66
C ALA B 671 177.91 -92.11 81.87
N ALA B 672 177.78 -91.94 80.55
CA ALA B 672 178.95 -91.65 79.72
C ALA B 672 179.58 -90.31 80.13
N ALA B 673 178.75 -89.29 80.36
CA ALA B 673 179.28 -88.00 80.79
C ALA B 673 180.00 -88.12 82.13
N LYS B 674 179.41 -88.86 83.07
CA LYS B 674 180.04 -89.04 84.37
C LYS B 674 181.39 -89.74 84.26
N HIS B 675 181.47 -90.77 83.42
CA HIS B 675 182.72 -91.48 83.25
C HIS B 675 183.80 -90.59 82.65
N GLU B 676 183.45 -89.79 81.64
CA GLU B 676 184.42 -88.88 81.05
C GLU B 676 184.90 -87.85 82.06
N ALA B 677 183.98 -87.32 82.87
CA ALA B 677 184.37 -86.35 83.89
C ALA B 677 185.33 -86.97 84.91
N GLN B 678 185.05 -88.22 85.33
CA GLN B 678 185.94 -88.88 86.27
C GLN B 678 187.33 -89.09 85.68
N ARG B 679 187.39 -89.49 84.40
CA ARG B 679 188.69 -89.69 83.76
C ARG B 679 189.49 -88.38 83.74
N LEU B 680 188.84 -87.29 83.33
CA LEU B 680 189.55 -86.02 83.26
C LEU B 680 190.01 -85.56 84.65
N GLU B 681 189.16 -85.77 85.66
CA GLU B 681 189.55 -85.40 87.02
C GLU B 681 190.76 -86.18 87.48
N GLN B 682 190.79 -87.49 87.20
CA GLN B 682 191.95 -88.30 87.59
C GLN B 682 193.21 -87.83 86.90
N GLU B 683 193.12 -87.52 85.60
CA GLU B 683 194.30 -87.04 84.88
C GLU B 683 194.82 -85.73 85.48
N ALA B 684 193.90 -84.79 85.77
CA ALA B 684 194.31 -83.53 86.36
C ALA B 684 194.96 -83.74 87.73
N ARG B 685 194.39 -84.63 88.54
CA ARG B 685 194.95 -84.90 89.86
C ARG B 685 196.36 -85.46 89.75
N GLY B 686 196.58 -86.39 88.81
CA GLY B 686 197.91 -86.95 88.64
C GLY B 686 198.93 -85.90 88.22
N ARG B 687 198.56 -85.05 87.26
CA ARG B 687 199.48 -83.99 86.84
C ARG B 687 199.78 -83.05 88.00
N LEU B 688 198.77 -82.70 88.79
CA LEU B 688 198.99 -81.81 89.93
C LEU B 688 199.93 -82.42 90.95
N GLU B 689 199.78 -83.71 91.24
CA GLU B 689 200.68 -84.35 92.19
C GLU B 689 202.11 -84.36 91.69
N ARG B 690 202.30 -84.66 90.39
CA ARG B 690 203.66 -84.65 89.86
C ARG B 690 204.27 -83.25 89.93
N GLN B 691 203.48 -82.23 89.62
CA GLN B 691 203.99 -80.86 89.68
C GLN B 691 204.35 -80.48 91.13
N LYS B 692 203.54 -80.91 92.09
CA LYS B 692 203.87 -80.67 93.49
C LYS B 692 205.18 -81.33 93.87
N ILE B 693 205.41 -82.55 93.39
CA ILE B 693 206.68 -83.24 93.68
C ILE B 693 207.85 -82.45 93.11
N LEU B 694 207.71 -81.96 91.87
CA LEU B 694 208.80 -81.20 91.26
C LEU B 694 209.06 -79.90 92.01
N ASP B 695 208.00 -79.22 92.45
CA ASP B 695 208.17 -78.00 93.22
C ASP B 695 208.88 -78.27 94.54
N GLN B 696 208.52 -79.36 95.21
CA GLN B 696 209.23 -79.72 96.44
C GLN B 696 210.70 -80.04 96.15
N SER B 697 210.99 -80.63 95.00
CA SER B 697 212.38 -80.88 94.63
C SER B 697 213.15 -79.57 94.49
N GLU B 698 212.56 -78.57 93.85
CA GLU B 698 213.22 -77.27 93.74
C GLU B 698 213.41 -76.63 95.11
N ALA B 699 212.40 -76.74 95.97
CA ALA B 699 212.51 -76.21 97.33
C ALA B 699 213.65 -76.86 98.09
N GLU B 700 213.81 -78.17 97.95
CA GLU B 700 214.93 -78.85 98.60
C GLU B 700 216.26 -78.42 98.00
N LYS B 701 216.29 -78.16 96.69
CA LYS B 701 217.50 -77.65 96.06
C LYS B 701 217.95 -76.35 96.71
N ALA B 702 217.00 -75.44 96.96
CA ALA B 702 217.36 -74.20 97.67
C ALA B 702 217.71 -74.46 99.13
N ARG B 703 216.98 -75.38 99.76
CA ARG B 703 217.18 -75.65 101.18
C ARG B 703 218.56 -76.22 101.46
N LYS B 704 219.18 -76.88 100.48
CA LYS B 704 220.54 -77.38 100.67
C LYS B 704 221.52 -76.24 100.92
N GLU B 705 221.48 -75.21 100.07
CA GLU B 705 222.33 -74.04 100.28
C GLU B 705 221.99 -73.32 101.57
N LEU B 706 220.68 -73.22 101.87
CA LEU B 706 220.29 -72.58 103.12
C LEU B 706 220.89 -73.31 104.33
N LEU B 707 220.87 -74.65 104.30
CA LEU B 707 221.41 -75.42 105.41
C LEU B 707 222.93 -75.29 105.49
N GLU B 708 223.60 -75.19 104.34
CA GLU B 708 225.05 -74.95 104.37
C GLU B 708 225.37 -73.63 105.06
N LEU B 709 224.62 -72.57 104.72
CA LEU B 709 224.84 -71.28 105.37
C LEU B 709 224.55 -71.36 106.87
N GLU B 710 223.48 -72.06 107.24
CA GLU B 710 223.15 -72.22 108.65
C GLU B 710 224.25 -72.96 109.40
N ALA B 711 224.83 -73.98 108.78
CA ALA B 711 225.92 -74.72 109.41
C ALA B 711 227.13 -73.82 109.62
N LEU B 712 227.46 -73.00 108.62
CA LEU B 712 228.57 -72.06 108.80
C LEU B 712 228.31 -71.11 109.96
N SER B 713 227.09 -70.56 110.03
CA SER B 713 226.76 -69.63 111.11
C SER B 713 226.84 -70.30 112.47
N MET B 714 226.32 -71.53 112.57
CA MET B 714 226.36 -72.26 113.84
C MET B 714 227.80 -72.53 114.28
N ALA B 715 228.65 -72.93 113.33
CA ALA B 715 230.06 -73.16 113.67
C ALA B 715 230.71 -71.88 114.17
N VAL B 716 230.45 -70.76 113.49
CA VAL B 716 231.03 -69.48 113.91
C VAL B 716 230.60 -69.14 115.34
N GLU B 717 229.30 -69.26 115.61
CA GLU B 717 228.79 -68.91 116.94
C GLU B 717 229.40 -69.80 118.02
N SER B 718 229.43 -71.11 117.78
CA SER B 718 229.94 -72.03 118.79
C SER B 718 231.41 -71.79 119.07
N THR B 719 232.22 -71.66 118.01
CA THR B 719 233.65 -71.46 118.22
C THR B 719 233.92 -70.11 118.88
N GLY B 720 233.13 -69.08 118.55
CA GLY B 720 233.32 -67.79 119.20
C GLY B 720 233.05 -67.86 120.69
N THR B 721 231.93 -68.47 121.08
CA THR B 721 231.62 -68.59 122.50
C THR B 721 232.68 -69.38 123.24
N ALA B 722 233.08 -70.53 122.68
CA ALA B 722 234.06 -71.39 123.34
C ALA B 722 235.39 -70.67 123.51
N LYS B 723 235.86 -70.01 122.44
CA LYS B 723 237.16 -69.34 122.52
C LYS B 723 237.12 -68.16 123.46
N ALA B 724 235.99 -67.44 123.51
CA ALA B 724 235.88 -66.32 124.44
C ALA B 724 235.98 -66.80 125.88
N GLU B 725 235.21 -67.83 126.24
CA GLU B 725 235.27 -68.32 127.61
C GLU B 725 236.65 -68.85 127.96
N ALA B 726 237.25 -69.62 127.03
CA ALA B 726 238.56 -70.20 127.30
C ALA B 726 239.62 -69.13 127.47
N GLU B 727 239.60 -68.09 126.63
CA GLU B 727 240.60 -67.04 126.74
C GLU B 727 240.42 -66.22 128.01
N SER B 728 239.18 -65.97 128.41
CA SER B 728 238.95 -65.27 129.67
C SER B 728 239.52 -66.05 130.84
N ARG B 729 239.24 -67.36 130.88
CA ARG B 729 239.75 -68.17 131.98
C ARG B 729 241.27 -68.24 131.96
N ALA B 730 241.87 -68.34 130.76
CA ALA B 730 243.32 -68.40 130.67
C ALA B 730 243.97 -67.10 131.15
N GLU B 731 243.40 -65.96 130.77
CA GLU B 731 243.95 -64.68 131.24
C GLU B 731 243.84 -64.55 132.75
N ALA B 732 242.70 -64.96 133.32
CA ALA B 732 242.55 -64.93 134.77
C ALA B 732 243.60 -65.82 135.44
N ALA B 733 243.83 -67.02 134.89
CA ALA B 733 244.81 -67.93 135.47
C ALA B 733 246.22 -67.34 135.39
N ARG B 734 246.56 -66.71 134.27
CA ARG B 734 247.89 -66.10 134.14
C ARG B 734 248.09 -64.99 135.17
N ILE B 735 247.09 -64.13 135.33
CA ILE B 735 247.20 -63.05 136.31
C ILE B 735 247.34 -63.61 137.72
N GLU B 736 246.55 -64.65 138.03
CA GLU B 736 246.65 -65.28 139.35
C GLU B 736 248.03 -65.89 139.56
N GLY B 737 248.61 -66.49 138.52
CA GLY B 737 249.94 -67.07 138.66
C GLY B 737 251.01 -66.04 138.92
N GLU B 738 250.97 -64.91 138.19
CA GLU B 738 251.94 -63.85 138.44
C GLU B 738 251.79 -63.29 139.85
N GLY B 739 250.54 -63.08 140.28
CA GLY B 739 250.32 -62.64 141.65
C GLY B 739 250.85 -63.64 142.67
N SER B 740 250.68 -64.93 142.39
CA SER B 740 251.18 -65.96 143.30
C SER B 740 252.70 -65.91 143.38
N VAL B 741 253.38 -65.68 142.26
CA VAL B 741 254.83 -65.57 142.27
C VAL B 741 255.27 -64.40 143.15
N LEU B 742 254.62 -63.24 142.97
CA LEU B 742 254.99 -62.08 143.78
C LEU B 742 254.72 -62.31 145.26
N GLN B 743 253.57 -62.94 145.58
CA GLN B 743 253.25 -63.24 146.97
C GLN B 743 254.27 -64.21 147.57
N ALA B 744 254.72 -65.19 146.78
CA ALA B 744 255.74 -66.11 147.27
C ALA B 744 257.03 -65.38 147.59
N LYS B 745 257.43 -64.44 146.72
CA LYS B 745 258.63 -63.66 146.98
C LYS B 745 258.51 -62.88 148.30
N LEU B 746 257.39 -62.17 148.47
CA LEU B 746 257.21 -61.37 149.68
C LEU B 746 257.15 -62.25 150.93
N LYS B 747 256.47 -63.39 150.82
CA LYS B 747 256.40 -64.33 151.94
C LYS B 747 257.76 -64.86 152.30
N ALA B 748 258.61 -65.13 151.29
CA ALA B 748 259.97 -65.57 151.57
C ALA B 748 260.75 -64.49 152.31
N GLN B 749 260.59 -63.23 151.91
CA GLN B 749 261.27 -62.14 152.61
C GLN B 749 260.84 -62.07 154.09
N ALA B 750 259.53 -62.10 154.33
CA ALA B 750 259.04 -62.03 155.70
C ALA B 750 259.50 -63.23 156.52
N LEU B 751 259.47 -64.43 155.91
CA LEU B 751 259.93 -65.63 156.59
C LEU B 751 261.39 -65.53 156.97
N ALA B 752 262.23 -64.99 156.07
CA ALA B 752 263.64 -64.83 156.38
C ALA B 752 263.83 -63.89 157.56
N ILE B 753 263.12 -62.76 157.57
CA ILE B 753 263.27 -61.80 158.65
C ILE B 753 262.88 -62.44 160.00
N GLU B 754 261.70 -63.05 160.04
CA GLU B 754 261.23 -63.61 161.30
C GLU B 754 262.09 -64.80 161.74
N THR B 755 262.59 -65.59 160.78
CA THR B 755 263.46 -66.70 161.11
C THR B 755 264.76 -66.22 161.72
N GLU B 756 265.36 -65.17 161.16
CA GLU B 756 266.60 -64.66 161.73
C GLU B 756 266.37 -64.11 163.14
N ALA B 757 265.26 -63.42 163.35
CA ALA B 757 264.97 -62.89 164.69
C ALA B 757 264.80 -64.03 165.70
N GLU B 758 264.00 -65.04 165.33
CA GLU B 758 263.77 -66.17 166.23
C GLU B 758 265.06 -66.92 166.51
N LEU B 759 265.91 -67.10 165.49
CA LEU B 759 267.17 -67.80 165.69
C LEU B 759 268.07 -67.03 166.66
N GLN B 760 268.13 -65.71 166.52
CA GLN B 760 268.93 -64.91 167.47
C GLN B 760 268.43 -65.10 168.89
N ARG B 761 267.11 -64.98 169.09
CA ARG B 761 266.56 -65.12 170.44
C ARG B 761 266.83 -66.50 171.01
N VAL B 762 266.64 -67.55 170.19
CA VAL B 762 266.84 -68.91 170.66
C VAL B 762 268.31 -69.14 171.01
N GLN B 763 269.23 -68.60 170.20
CA GLN B 763 270.64 -68.77 170.49
C GLN B 763 271.01 -68.14 171.83
N LYS B 764 270.54 -66.91 172.08
CA LYS B 764 270.86 -66.28 173.36
C LYS B 764 270.27 -67.06 174.53
N VAL B 765 269.01 -67.47 174.40
CA VAL B 765 268.36 -68.19 175.50
C VAL B 765 269.08 -69.50 175.78
N ARG B 766 269.46 -70.22 174.72
CA ARG B 766 270.09 -71.53 174.91
C ARG B 766 271.50 -71.40 175.47
N GLU B 767 272.24 -70.37 175.07
CA GLU B 767 273.56 -70.19 175.67
C GLU B 767 273.46 -69.85 177.16
N LEU B 768 272.49 -69.00 177.53
CA LEU B 768 272.30 -68.71 178.95
C LEU B 768 271.90 -69.98 179.71
N GLU B 769 271.00 -70.78 179.13
CA GLU B 769 270.58 -72.02 179.77
C GLU B 769 271.75 -72.98 179.94
N LEU B 770 272.63 -73.06 178.92
CA LEU B 770 273.80 -73.92 179.02
C LEU B 770 274.72 -73.49 180.15
N VAL B 771 274.95 -72.18 180.29
CA VAL B 771 275.79 -71.69 181.38
C VAL B 771 275.18 -72.04 182.73
N TYR B 772 273.87 -71.83 182.86
CA TYR B 772 273.20 -72.15 184.13
C TYR B 772 273.27 -73.63 184.44
N ALA B 773 273.09 -74.47 183.42
CA ALA B 773 273.17 -75.92 183.62
C ALA B 773 274.55 -76.35 184.04
N ARG B 774 275.59 -75.74 183.45
CA ARG B 774 276.96 -76.05 183.86
C ARG B 774 277.19 -75.69 185.33
N ALA B 775 276.71 -74.51 185.74
CA ALA B 775 276.85 -74.12 187.15
C ALA B 775 276.11 -75.09 188.07
N GLN B 776 274.90 -75.48 187.70
CA GLN B 776 274.13 -76.42 188.51
C GLN B 776 274.83 -77.77 188.60
N LEU B 777 275.41 -78.24 187.50
CA LEU B 777 276.15 -79.50 187.52
C LEU B 777 277.35 -79.41 188.46
N GLU B 778 278.07 -78.29 188.42
CA GLU B 778 279.20 -78.11 189.33
C GLU B 778 278.75 -78.17 190.78
N LEU B 779 277.66 -77.47 191.10
CA LEU B 779 277.15 -77.49 192.47
C LEU B 779 276.74 -78.91 192.88
N GLU B 780 276.06 -79.62 191.98
CA GLU B 780 275.60 -80.98 192.29
C GLU B 780 276.76 -81.92 192.57
N VAL B 781 277.79 -81.87 191.71
CA VAL B 781 278.92 -82.77 191.90
C VAL B 781 279.68 -82.41 193.16
N SER B 782 279.78 -81.12 193.48
CA SER B 782 280.44 -80.71 194.72
C SER B 782 279.70 -81.27 195.93
N LYS B 783 278.37 -81.13 195.96
CA LYS B 783 277.60 -81.66 197.08
C LYS B 783 277.74 -83.17 197.19
N ALA B 784 277.67 -83.86 196.04
CA ALA B 784 277.77 -85.31 196.04
C ALA B 784 279.11 -85.78 196.57
N GLN B 785 280.19 -85.15 196.13
CA GLN B 785 281.51 -85.60 196.58
C GLN B 785 281.73 -85.28 198.06
N GLN B 786 281.21 -84.14 198.53
CA GLN B 786 281.36 -83.82 199.95
C GLN B 786 280.59 -84.83 200.81
N LEU B 787 279.35 -85.16 200.44
CA LEU B 787 278.59 -86.13 201.20
C LEU B 787 279.24 -87.51 201.14
N ALA B 788 279.77 -87.90 199.98
CA ALA B 788 280.47 -89.16 199.88
C ALA B 788 281.68 -89.19 200.81
N GLU B 789 282.44 -88.09 200.85
CA GLU B 789 283.59 -88.03 201.74
C GLU B 789 283.19 -88.19 203.20
N VAL B 790 282.13 -87.49 203.61
CA VAL B 790 281.76 -87.55 205.03
C VAL B 790 281.24 -88.94 205.39
N GLU B 791 280.45 -89.57 204.51
CA GLU B 791 279.95 -90.90 204.83
C GLU B 791 281.07 -91.93 204.83
N VAL B 792 282.04 -91.80 203.92
CA VAL B 792 283.18 -92.71 203.90
C VAL B 792 284.00 -92.56 205.17
N LYS B 793 284.22 -91.31 205.61
CA LYS B 793 284.97 -91.08 206.84
C LYS B 793 284.25 -91.68 208.04
N LYS B 794 282.92 -91.50 208.12
CA LYS B 794 282.17 -92.08 209.22
C LYS B 794 282.24 -93.60 209.21
N PHE B 795 282.11 -94.21 208.02
CA PHE B 795 282.17 -95.66 207.93
C PHE B 795 283.54 -96.18 208.35
N LYS B 796 284.59 -95.52 207.92
CA LYS B 796 285.92 -95.98 208.31
C LYS B 796 286.09 -95.86 209.81
N GLN B 797 285.72 -94.71 210.37
CA GLN B 797 285.89 -94.53 211.81
C GLN B 797 285.12 -95.60 212.59
N MET B 798 283.90 -95.89 212.18
CA MET B 798 283.15 -96.89 212.90
C MET B 798 283.74 -98.27 212.75
N THR B 799 284.16 -98.64 211.54
CA THR B 799 284.74 -99.96 211.36
C THR B 799 286.09 -100.09 212.03
N GLU B 800 286.80 -98.98 212.25
CA GLU B 800 288.02 -99.04 213.04
C GLU B 800 287.70 -99.18 214.53
N ALA B 801 286.68 -98.47 215.00
CA ALA B 801 286.30 -98.56 216.41
C ALA B 801 285.79 -99.96 216.75
N ILE B 802 284.98 -100.56 215.88
CA ILE B 802 284.42 -101.87 216.18
C ILE B 802 285.41 -103.00 215.90
N GLY B 803 286.38 -102.80 215.02
CA GLY B 803 287.36 -103.81 214.71
C GLY B 803 286.89 -104.78 213.65
N PRO B 804 287.71 -104.99 212.62
CA PRO B 804 287.34 -105.94 211.57
C PRO B 804 287.17 -107.36 212.07
N SER B 805 287.94 -107.78 213.07
CA SER B 805 287.82 -109.14 213.60
C SER B 805 286.44 -109.36 214.20
N THR B 806 285.92 -108.39 214.96
CA THR B 806 284.59 -108.51 215.52
C THR B 806 283.52 -108.54 214.44
N ILE B 807 283.65 -107.66 213.43
CA ILE B 807 282.66 -107.60 212.36
C ILE B 807 282.74 -108.82 211.45
N ARG B 808 283.83 -109.58 211.54
CA ARG B 808 283.95 -110.80 210.72
C ARG B 808 282.87 -111.81 211.08
N ASP B 809 282.59 -111.97 212.37
CA ASP B 809 281.60 -112.95 212.82
C ASP B 809 280.39 -112.33 213.51
N LEU B 810 280.35 -111.00 213.66
CA LEU B 810 279.19 -110.37 214.29
C LEU B 810 277.95 -110.52 213.41
N ALA B 811 278.11 -110.38 212.10
CA ALA B 811 276.97 -110.50 211.19
C ALA B 811 276.42 -111.92 211.14
N VAL B 812 277.21 -112.91 211.55
CA VAL B 812 276.75 -114.30 211.54
C VAL B 812 276.66 -114.83 212.97
PA NAD C . -139.82 103.15 -26.31
O1A NAD C . -140.29 104.48 -25.77
O2A NAD C . -138.47 102.59 -25.90
O5B NAD C . -139.87 103.19 -27.92
C5B NAD C . -139.16 104.17 -28.66
C4B NAD C . -139.85 104.36 -30.00
O4B NAD C . -138.88 104.55 -31.03
C3B NAD C . -140.70 103.15 -30.39
O3B NAD C . -142.07 103.55 -30.54
C2B NAD C . -140.16 102.67 -31.72
O2B NAD C . -141.22 102.53 -32.66
C1B NAD C . -139.19 103.76 -32.17
N9A NAD C . -137.95 103.14 -32.72
C8A NAD C . -137.19 102.22 -32.09
N7A NAD C . -136.14 101.86 -32.86
C5A NAD C . -136.22 102.56 -34.02
C6A NAD C . -135.43 102.65 -35.26
N6A NAD C . -134.31 101.91 -35.44
N1A NAD C . -135.87 103.49 -36.23
C2A NAD C . -136.98 104.23 -36.06
N3A NAD C . -137.75 104.19 -34.96
C4A NAD C . -137.42 103.39 -33.92
O3 NAD C . -140.94 102.04 -26.01
PN NAD C . -142.49 102.44 -26.12
O1N NAD C . -142.63 103.52 -27.15
O2N NAD C . -143.03 102.65 -24.72
O5D NAD C . -143.11 101.09 -26.71
C5D NAD C . -144.03 101.09 -27.81
C4D NAD C . -143.86 99.76 -28.54
O4D NAD C . -144.85 99.53 -29.53
C3D NAD C . -142.52 99.68 -29.26
O3D NAD C . -141.55 99.05 -28.43
C2D NAD C . -142.81 98.85 -30.49
O2D NAD C . -142.08 97.63 -30.45
C1D NAD C . -144.30 98.57 -30.45
N1N NAD C . -144.90 98.61 -31.78
C2N NAD C . -146.23 98.75 -31.92
C3N NAD C . -146.83 98.78 -33.17
C7N NAD C . -148.31 98.95 -33.31
O7N NAD C . -149.00 98.99 -32.30
N7N NAD C . -148.84 99.02 -34.52
C4N NAD C . -146.03 98.67 -34.30
C5N NAD C . -144.66 98.53 -34.14
C6N NAD C . -144.12 98.51 -32.86
PA NAD D . 137.27 -99.27 46.77
O1A NAD D . 137.54 -100.29 47.85
O2A NAD D . 135.89 -98.65 46.62
O5B NAD D . 137.70 -99.87 45.35
C5B NAD D . 137.14 -101.08 44.86
C4B NAD D . 138.13 -101.73 43.89
O4B NAD D . 137.42 -102.31 42.79
C3B NAD D . 139.09 -100.70 43.30
O3B NAD D . 140.44 -101.06 43.64
C2B NAD D . 138.90 -100.76 41.80
O2B NAD D . 140.17 -100.92 41.15
C1B NAD D . 138.02 -101.97 41.56
N9A NAD D . 136.98 -101.65 40.55
C8A NAD D . 136.14 -100.61 40.61
N7A NAD D . 135.31 -100.60 39.52
C5A NAD D . 135.63 -101.65 38.76
C6A NAD D . 135.16 -102.22 37.48
N6A NAD D . 134.14 -101.65 36.78
N1A NAD D . 135.77 -103.34 37.01
C2A NAD D . 136.78 -103.91 37.70
N3A NAD D . 137.26 -103.45 38.86
C4A NAD D . 136.74 -102.34 39.43
O3 NAD D . 138.34 -98.07 46.91
PN NAD D . 139.85 -98.41 47.33
O1N NAD D . 140.18 -99.79 46.82
O2N NAD D . 140.03 -98.08 48.79
O5D NAD D . 140.66 -97.33 46.44
C5D NAD D . 141.81 -97.69 45.68
C4D NAD D . 141.88 -96.73 44.50
O4D NAD D . 143.08 -96.83 43.75
C3D NAD D . 140.75 -96.98 43.50
O3D NAD D . 139.63 -96.12 43.78
C2D NAD D . 141.35 -96.63 42.16
O2D NAD D . 140.69 -95.50 41.58
C1D NAD D . 142.81 -96.28 42.46
N1N NAD D . 143.71 -96.78 41.40
C2N NAD D . 145.01 -96.89 41.65
C3N NAD D . 145.89 -97.36 40.67
C7N NAD D . 147.36 -97.48 40.97
O7N NAD D . 147.78 -97.14 42.05
N7N NAD D . 148.16 -97.97 40.01
C4N NAD D . 145.40 -97.70 39.42
C5N NAD D . 144.03 -97.56 39.19
C6N NAD D . 143.21 -97.10 40.20
#